data_6OQ8
#
_entry.id   6OQ8
#
_cell.length_a   114.711
_cell.length_b   114.711
_cell.length_c   301.010
_cell.angle_alpha   90.00
_cell.angle_beta   90.00
_cell.angle_gamma   90.00
#
_symmetry.space_group_name_H-M   'P 43 21 2'
#
loop_
_entity.id
_entity.type
_entity.pdbx_description
1 polymer 'Toxin B'
2 polymer 7F
3 water water
#
loop_
_entity_poly.entity_id
_entity_poly.type
_entity_poly.pdbx_seq_one_letter_code
_entity_poly.pdbx_strand_id
1 'polypeptide(L)'
;GMSLVNRKQLEKMANVRFRTQEDEYVAILDALEEYHNMSENTVVEKYLKLKDINSLTDIYIDTYKKSGRNKALKKFKEYL
VTEVLELKNNNLTPVEKNLHFVWIGGQINDTAINYINQWKDVNSDYNVNVFYDSNAFLINTLKKTVVESAINDTLESFRE
NLNDPRFDYNKFFRKRMEIIYDKQKNFINYYKAQREENPELIIDDIVKTYLSNEYSKEIDELNTYIEESLNKITQNSGND
VRNFEEFKNGESFNLYEQELVERWNLAAASDILRISALKEIGGMYLDVDMLPGIQPDLFESIEKPSSVTVDFWEMTKLEA
IMKYKEYIPEYTSEHFDMLDEEVQSSFESVLASKSDKSEIFSSLGDMEASPLEVKIAFNSKGIINQGLISVKDSYCSNLI
VKQIENRYKILNNSLNPAISEDNDFNTTTNTFIDSIMAEANADNGRFMMELGKYLRVGFFPDVKTTINLSGPEAYAAAYQ
DLLMFKEGSMNIHLIEADLRNFEISKTNISQSTEQEMASLWSFDDARAKAQFEEYKRNYFEGS
;
A,B
2 'polypeptide(L)'
;SNSQVQLVESGGGLVEAGGSLRLSCVVTGSSFSTSTMAWYRQPPGKQREWVASFTSGGAIKYTDSVKGRFTMSRDNAKKM
TYLQMENLKPEDTAVYYCALHNAVSGSSWGRGTQVTVSSEPKTPKPQTSGAPVPYPDPLEPR
;
D,C
#
# COMPACT_ATOMS: atom_id res chain seq x y z
N GLY A 1 48.17 -14.30 -14.47
CA GLY A 1 48.39 -15.25 -13.35
C GLY A 1 47.58 -14.84 -12.11
N MET A 2 46.89 -15.83 -11.51
CA MET A 2 45.88 -15.55 -10.50
C MET A 2 46.52 -15.18 -9.17
N SER A 3 47.75 -15.65 -8.93
CA SER A 3 48.47 -15.43 -7.69
C SER A 3 48.72 -13.93 -7.46
N LEU A 4 48.74 -13.51 -6.17
CA LEU A 4 48.92 -12.12 -5.81
C LEU A 4 50.33 -11.64 -6.17
N VAL A 5 50.42 -10.42 -6.72
CA VAL A 5 51.68 -9.83 -7.12
C VAL A 5 52.68 -9.92 -5.96
N ASN A 6 53.94 -10.19 -6.31
CA ASN A 6 55.02 -10.24 -5.34
C ASN A 6 55.61 -8.83 -5.16
N ARG A 7 56.63 -8.74 -4.29
CA ARG A 7 57.23 -7.47 -3.92
C ARG A 7 57.80 -6.75 -5.14
N LYS A 8 58.57 -7.48 -5.97
CA LYS A 8 59.21 -6.91 -7.13
C LYS A 8 58.15 -6.35 -8.09
N GLN A 9 57.03 -7.07 -8.20
CA GLN A 9 55.96 -6.68 -9.10
C GLN A 9 55.29 -5.40 -8.60
N LEU A 10 55.12 -5.28 -7.28
CA LEU A 10 54.49 -4.10 -6.72
C LEU A 10 55.42 -2.90 -6.86
N GLU A 11 56.71 -3.12 -6.63
CA GLU A 11 57.72 -2.07 -6.76
C GLU A 11 57.68 -1.46 -8.16
N LYS A 12 57.49 -2.32 -9.18
CA LYS A 12 57.44 -1.85 -10.56
C LYS A 12 56.18 -1.01 -10.80
N MET A 13 55.02 -1.55 -10.42
CA MET A 13 53.77 -0.89 -10.76
C MET A 13 53.57 0.39 -9.94
N ALA A 14 54.12 0.44 -8.73
CA ALA A 14 53.97 1.58 -7.85
C ALA A 14 55.20 2.48 -7.91
N ASN A 15 56.01 2.30 -8.97
CA ASN A 15 57.21 3.09 -9.17
C ASN A 15 56.83 4.50 -9.60
N VAL A 16 57.49 5.48 -8.99
CA VAL A 16 57.45 6.87 -9.41
C VAL A 16 58.89 7.36 -9.49
N ARG A 17 59.31 7.77 -10.69
CA ARG A 17 60.67 8.25 -10.90
C ARG A 17 60.89 9.51 -10.08
N PHE A 18 62.08 9.60 -9.45
CA PHE A 18 62.54 10.80 -8.76
C PHE A 18 61.87 10.95 -7.41
N ARG A 19 61.21 9.89 -6.93
CA ARG A 19 60.61 9.90 -5.60
C ARG A 19 61.28 8.81 -4.75
N THR A 20 61.85 9.20 -3.62
CA THR A 20 62.48 8.27 -2.70
C THR A 20 61.41 7.40 -2.04
N GLN A 21 61.80 6.18 -1.65
CA GLN A 21 60.91 5.24 -1.00
C GLN A 21 60.68 5.68 0.45
N GLU A 22 59.44 6.09 0.75
CA GLU A 22 59.07 6.53 2.08
C GLU A 22 58.96 5.32 3.01
N ASP A 23 59.06 5.57 4.32
CA ASP A 23 58.97 4.54 5.34
C ASP A 23 57.64 3.79 5.22
N GLU A 24 56.56 4.55 4.95
CA GLU A 24 55.21 4.00 4.88
C GLU A 24 55.06 3.10 3.65
N TYR A 25 55.87 3.36 2.61
CA TYR A 25 55.83 2.59 1.38
C TYR A 25 56.60 1.28 1.56
N VAL A 26 57.78 1.38 2.19
CA VAL A 26 58.63 0.23 2.43
C VAL A 26 57.88 -0.78 3.32
N ALA A 27 57.08 -0.26 4.26
CA ALA A 27 56.30 -1.06 5.18
C ALA A 27 55.34 -1.98 4.41
N ILE A 28 54.74 -1.44 3.35
CA ILE A 28 53.84 -2.22 2.49
C ILE A 28 54.65 -3.34 1.83
N LEU A 29 55.78 -2.98 1.22
CA LEU A 29 56.61 -3.92 0.49
C LEU A 29 57.10 -5.03 1.42
N ASP A 30 57.49 -4.64 2.64
CA ASP A 30 57.96 -5.58 3.66
C ASP A 30 56.86 -6.60 3.97
N ALA A 31 55.64 -6.10 4.20
CA ALA A 31 54.52 -6.94 4.59
C ALA A 31 54.11 -7.86 3.45
N LEU A 32 54.16 -7.35 2.21
CA LEU A 32 53.85 -8.13 1.01
C LEU A 32 54.83 -9.29 0.91
N GLU A 33 56.12 -9.00 1.13
CA GLU A 33 57.17 -10.00 1.06
C GLU A 33 56.93 -11.07 2.12
N GLU A 34 56.55 -10.63 3.33
CA GLU A 34 56.24 -11.53 4.43
C GLU A 34 55.09 -12.46 4.04
N TYR A 35 54.06 -11.91 3.37
CA TYR A 35 52.90 -12.69 2.99
C TYR A 35 53.29 -13.86 2.10
N HIS A 36 54.22 -13.63 1.18
CA HIS A 36 54.60 -14.65 0.22
C HIS A 36 55.48 -15.74 0.85
N ASN A 37 55.89 -15.52 2.11
CA ASN A 37 56.68 -16.50 2.85
C ASN A 37 55.83 -17.22 3.89
N MET A 38 54.50 -17.21 3.70
CA MET A 38 53.57 -17.66 4.74
C MET A 38 52.80 -18.89 4.28
N SER A 39 53.38 -19.67 3.37
CA SER A 39 52.67 -20.78 2.74
C SER A 39 52.28 -21.85 3.77
N GLU A 40 53.00 -21.90 4.90
CA GLU A 40 52.79 -22.95 5.89
C GLU A 40 51.90 -22.44 7.03
N ASN A 41 51.44 -21.19 6.94
CA ASN A 41 50.59 -20.62 7.98
C ASN A 41 49.14 -21.02 7.77
N THR A 42 48.28 -20.68 8.73
CA THR A 42 46.85 -20.94 8.64
C THR A 42 46.19 -19.90 7.73
N VAL A 43 44.98 -20.22 7.27
CA VAL A 43 44.19 -19.36 6.41
C VAL A 43 43.91 -18.03 7.12
N VAL A 44 43.54 -18.09 8.41
CA VAL A 44 43.22 -16.90 9.18
C VAL A 44 44.46 -16.03 9.31
N GLU A 45 45.63 -16.65 9.52
CA GLU A 45 46.89 -15.93 9.61
C GLU A 45 47.21 -15.24 8.28
N LYS A 46 46.95 -15.93 7.17
CA LYS A 46 47.15 -15.36 5.85
C LYS A 46 46.23 -14.16 5.66
N TYR A 47 44.97 -14.30 6.10
CA TYR A 47 44.00 -13.23 5.96
C TYR A 47 44.45 -12.00 6.77
N LEU A 48 44.92 -12.24 8.00
CA LEU A 48 45.32 -11.16 8.89
C LEU A 48 46.52 -10.42 8.30
N LYS A 49 47.39 -11.14 7.58
CA LYS A 49 48.53 -10.53 6.92
C LYS A 49 48.04 -9.62 5.79
N LEU A 50 47.11 -10.13 4.97
CA LEU A 50 46.49 -9.35 3.91
C LEU A 50 45.82 -8.11 4.51
N LYS A 51 45.20 -8.26 5.68
CA LYS A 51 44.54 -7.15 6.35
C LYS A 51 45.56 -6.07 6.73
N ASP A 52 46.70 -6.52 7.26
CA ASP A 52 47.79 -5.64 7.64
C ASP A 52 48.33 -4.89 6.42
N ILE A 53 48.44 -5.60 5.28
CA ILE A 53 48.94 -5.01 4.05
C ILE A 53 47.99 -3.89 3.60
N ASN A 54 46.68 -4.17 3.65
CA ASN A 54 45.67 -3.21 3.25
C ASN A 54 45.71 -1.98 4.14
N SER A 55 45.92 -2.21 5.45
CA SER A 55 45.96 -1.13 6.43
C SER A 55 47.16 -0.22 6.15
N LEU A 56 48.33 -0.82 5.91
CA LEU A 56 49.55 -0.08 5.65
C LEU A 56 49.42 0.74 4.37
N THR A 57 48.70 0.18 3.37
CA THR A 57 48.46 0.85 2.11
C THR A 57 47.58 2.08 2.32
N ASP A 58 46.55 1.92 3.17
CA ASP A 58 45.62 3.00 3.47
C ASP A 58 46.34 4.12 4.20
N ILE A 59 47.29 3.76 5.06
CA ILE A 59 48.07 4.73 5.82
C ILE A 59 48.93 5.55 4.85
N TYR A 60 49.47 4.90 3.82
CA TYR A 60 50.29 5.61 2.84
C TYR A 60 49.44 6.63 2.09
N ILE A 61 48.30 6.18 1.56
CA ILE A 61 47.44 7.02 0.73
C ILE A 61 46.95 8.23 1.54
N ASP A 62 46.75 8.02 2.85
CA ASP A 62 46.25 9.07 3.72
C ASP A 62 47.37 10.05 4.08
N THR A 63 48.60 9.53 4.18
CA THR A 63 49.76 10.35 4.55
C THR A 63 50.19 11.23 3.37
N TYR A 64 50.20 10.65 2.16
CA TYR A 64 50.64 11.33 0.95
C TYR A 64 49.52 11.37 -0.07
N LYS A 65 48.57 12.30 0.14
CA LYS A 65 47.30 12.32 -0.58
C LYS A 65 47.50 12.70 -2.05
N LYS A 66 48.73 13.10 -2.39
CA LYS A 66 49.04 13.67 -3.69
C LYS A 66 50.00 12.75 -4.46
N SER A 67 50.42 11.65 -3.82
CA SER A 67 51.48 10.80 -4.33
C SER A 67 51.11 10.19 -5.67
N GLY A 68 52.12 10.10 -6.56
CA GLY A 68 51.95 9.52 -7.88
C GLY A 68 51.73 8.02 -7.83
N ARG A 69 52.03 7.39 -6.67
CA ARG A 69 51.90 5.95 -6.58
C ARG A 69 50.53 5.53 -6.11
N ASN A 70 49.68 6.50 -5.73
CA ASN A 70 48.37 6.23 -5.16
C ASN A 70 47.50 5.45 -6.15
N LYS A 71 47.59 5.79 -7.44
CA LYS A 71 46.82 5.14 -8.49
C LYS A 71 47.13 3.64 -8.49
N ALA A 72 48.41 3.30 -8.42
CA ALA A 72 48.87 1.92 -8.48
C ALA A 72 48.53 1.19 -7.19
N LEU A 73 48.58 1.91 -6.06
CA LEU A 73 48.30 1.31 -4.77
C LEU A 73 46.80 1.02 -4.64
N LYS A 74 45.97 1.84 -5.31
CA LYS A 74 44.54 1.61 -5.34
C LYS A 74 44.23 0.38 -6.17
N LYS A 75 45.00 0.17 -7.24
CA LYS A 75 44.88 -1.03 -8.06
C LYS A 75 45.32 -2.24 -7.24
N PHE A 76 46.39 -2.07 -6.46
CA PHE A 76 46.93 -3.10 -5.59
C PHE A 76 45.88 -3.54 -4.55
N LYS A 77 45.12 -2.57 -4.03
CA LYS A 77 44.08 -2.84 -3.05
C LYS A 77 43.01 -3.75 -3.66
N GLU A 78 42.70 -3.55 -4.94
CA GLU A 78 41.78 -4.41 -5.67
C GLU A 78 42.33 -5.83 -5.75
N TYR A 79 43.66 -5.95 -5.91
CA TYR A 79 44.33 -7.25 -6.02
C TYR A 79 44.24 -7.99 -4.69
N LEU A 80 44.27 -7.24 -3.58
CA LEU A 80 44.19 -7.82 -2.24
C LEU A 80 42.83 -8.49 -2.05
N VAL A 81 41.76 -7.82 -2.51
CA VAL A 81 40.41 -8.34 -2.40
C VAL A 81 40.30 -9.65 -3.16
N THR A 82 40.81 -9.67 -4.40
CA THR A 82 40.82 -10.86 -5.24
C THR A 82 41.56 -12.01 -4.54
N GLU A 83 42.65 -11.68 -3.84
CA GLU A 83 43.46 -12.68 -3.15
C GLU A 83 42.67 -13.32 -2.00
N VAL A 84 41.84 -12.51 -1.31
CA VAL A 84 40.99 -13.01 -0.24
C VAL A 84 40.07 -14.11 -0.78
N LEU A 85 39.44 -13.83 -1.92
CA LEU A 85 38.50 -14.76 -2.54
C LEU A 85 39.24 -16.01 -2.99
N GLU A 86 40.47 -15.84 -3.49
CA GLU A 86 41.32 -16.95 -3.90
C GLU A 86 41.65 -17.82 -2.70
N LEU A 87 42.05 -17.18 -1.60
CA LEU A 87 42.35 -17.84 -0.34
C LEU A 87 41.12 -18.61 0.15
N LYS A 88 39.93 -18.02 -0.04
CA LYS A 88 38.67 -18.58 0.41
C LYS A 88 38.35 -19.85 -0.38
N ASN A 89 38.62 -19.84 -1.68
CA ASN A 89 38.18 -20.90 -2.56
C ASN A 89 39.17 -22.07 -2.58
N ASN A 90 40.42 -21.83 -2.16
CA ASN A 90 41.49 -22.77 -2.39
C ASN A 90 41.87 -23.54 -1.13
N ASN A 91 41.35 -23.12 0.03
CA ASN A 91 41.73 -23.74 1.29
C ASN A 91 40.47 -24.08 2.08
N LEU A 92 40.03 -25.35 1.96
CA LEU A 92 38.76 -25.77 2.52
C LEU A 92 39.02 -26.77 3.65
N THR A 93 38.20 -26.68 4.71
CA THR A 93 38.22 -27.63 5.81
C THR A 93 36.81 -28.21 5.97
N PRO A 94 36.68 -29.44 6.54
CA PRO A 94 35.37 -30.08 6.71
C PRO A 94 34.42 -29.31 7.61
N VAL A 95 33.15 -29.24 7.19
CA VAL A 95 32.09 -28.63 7.99
C VAL A 95 31.57 -29.69 8.96
N GLU A 96 31.61 -29.38 10.25
CA GLU A 96 31.08 -30.26 11.30
C GLU A 96 29.65 -30.65 10.94
N LYS A 97 29.31 -31.93 11.17
CA LYS A 97 28.03 -32.46 10.70
C LYS A 97 26.95 -32.21 11.75
N ASN A 98 26.50 -30.95 11.83
CA ASN A 98 25.42 -30.54 12.71
C ASN A 98 24.38 -29.75 11.90
N LEU A 99 23.11 -30.10 12.09
CA LEU A 99 22.00 -29.28 11.63
C LEU A 99 21.43 -28.52 12.84
N HIS A 100 21.32 -27.20 12.69
CA HIS A 100 20.79 -26.35 13.74
C HIS A 100 19.45 -25.75 13.31
N PHE A 101 18.41 -26.04 14.09
CA PHE A 101 17.12 -25.36 13.99
C PHE A 101 16.88 -24.61 15.30
N VAL A 102 15.96 -23.64 15.26
CA VAL A 102 15.62 -22.85 16.44
C VAL A 102 14.09 -22.77 16.54
N TRP A 103 13.56 -23.10 17.72
CA TRP A 103 12.17 -22.84 18.03
C TRP A 103 12.05 -22.43 19.50
N ILE A 104 11.93 -21.12 19.73
CA ILE A 104 11.90 -20.56 21.07
C ILE A 104 10.56 -19.85 21.30
N GLY A 105 10.14 -19.80 22.57
CA GLY A 105 9.11 -18.86 23.01
C GLY A 105 7.72 -19.48 23.01
N GLY A 106 7.63 -20.77 22.65
CA GLY A 106 6.34 -21.45 22.55
C GLY A 106 6.50 -22.88 22.05
N GLN A 107 5.37 -23.60 21.97
CA GLN A 107 5.38 -25.01 21.58
C GLN A 107 5.64 -25.14 20.08
N ILE A 108 6.54 -26.06 19.73
CA ILE A 108 6.82 -26.39 18.34
C ILE A 108 5.60 -27.09 17.75
N ASN A 109 5.25 -26.73 16.51
CA ASN A 109 4.07 -27.31 15.87
C ASN A 109 4.49 -28.52 15.03
N ASP A 110 3.48 -29.31 14.63
CA ASP A 110 3.68 -30.57 13.91
C ASP A 110 4.32 -30.33 12.56
N THR A 111 3.99 -29.20 11.91
CA THR A 111 4.50 -28.91 10.58
C THR A 111 6.03 -28.75 10.62
N ALA A 112 6.53 -28.04 11.64
CA ALA A 112 7.95 -27.85 11.84
C ALA A 112 8.64 -29.20 12.03
N ILE A 113 8.04 -30.06 12.87
CA ILE A 113 8.55 -31.38 13.17
C ILE A 113 8.66 -32.20 11.89
N ASN A 114 7.63 -32.12 11.04
CA ASN A 114 7.53 -32.91 9.83
C ASN A 114 8.62 -32.50 8.84
N TYR A 115 8.91 -31.20 8.79
CA TYR A 115 9.95 -30.67 7.92
C TYR A 115 11.33 -31.09 8.42
N ILE A 116 11.55 -30.96 9.73
CA ILE A 116 12.81 -31.33 10.36
C ILE A 116 13.11 -32.80 10.09
N ASN A 117 12.06 -33.63 10.14
CA ASN A 117 12.19 -35.07 9.98
C ASN A 117 12.66 -35.43 8.57
N GLN A 118 12.34 -34.58 7.58
CA GLN A 118 12.79 -34.82 6.23
C GLN A 118 14.32 -34.75 6.17
N TRP A 119 14.88 -33.73 6.85
CA TRP A 119 16.32 -33.55 6.93
C TRP A 119 16.97 -34.75 7.63
N LYS A 120 16.35 -35.19 8.73
CA LYS A 120 16.83 -36.31 9.52
C LYS A 120 16.89 -37.57 8.66
N ASP A 121 15.83 -37.79 7.87
CA ASP A 121 15.64 -39.01 7.10
C ASP A 121 16.76 -39.22 6.07
N VAL A 122 17.36 -38.12 5.57
CA VAL A 122 18.35 -38.26 4.51
C VAL A 122 19.72 -37.79 4.98
N ASN A 123 19.86 -37.49 6.28
CA ASN A 123 21.13 -37.04 6.83
C ASN A 123 21.41 -37.73 8.16
N SER A 124 21.39 -39.07 8.15
CA SER A 124 21.56 -39.86 9.36
C SER A 124 22.95 -39.64 9.97
N ASP A 125 23.88 -39.10 9.18
CA ASP A 125 25.24 -38.85 9.64
C ASP A 125 25.35 -37.48 10.32
N TYR A 126 24.24 -36.73 10.36
CA TYR A 126 24.24 -35.42 10.97
C TYR A 126 23.56 -35.48 12.34
N ASN A 127 24.19 -34.85 13.34
CA ASN A 127 23.54 -34.56 14.61
C ASN A 127 22.59 -33.38 14.40
N VAL A 128 21.42 -33.42 15.05
CA VAL A 128 20.40 -32.39 14.86
C VAL A 128 20.12 -31.73 16.21
N ASN A 129 20.20 -30.39 16.21
CA ASN A 129 19.83 -29.58 17.35
C ASN A 129 18.59 -28.75 16.97
N VAL A 130 17.56 -28.82 17.82
CA VAL A 130 16.45 -27.88 17.75
C VAL A 130 16.49 -27.05 19.02
N PHE A 131 17.09 -25.85 18.92
CA PHE A 131 17.31 -25.01 20.08
C PHE A 131 15.97 -24.47 20.59
N TYR A 132 15.80 -24.53 21.91
CA TYR A 132 14.62 -24.01 22.58
C TYR A 132 15.07 -23.37 23.89
N ASP A 133 14.14 -22.68 24.55
CA ASP A 133 14.41 -22.06 25.84
C ASP A 133 13.45 -22.64 26.87
N SER A 134 13.99 -23.44 27.79
CA SER A 134 13.18 -24.18 28.75
C SER A 134 12.57 -23.24 29.79
N ASN A 135 13.02 -21.97 29.79
CA ASN A 135 12.58 -21.00 30.77
C ASN A 135 11.46 -20.13 30.19
N ALA A 136 11.16 -20.26 28.89
CA ALA A 136 10.40 -19.22 28.23
C ALA A 136 9.40 -19.77 27.20
N PHE A 137 8.64 -20.79 27.58
CA PHE A 137 7.64 -21.36 26.69
C PHE A 137 6.39 -20.47 26.57
N LEU A 138 6.24 -19.48 27.46
CA LEU A 138 4.99 -18.73 27.52
C LEU A 138 5.08 -17.34 26.87
N ILE A 139 6.23 -17.00 26.28
CA ILE A 139 6.41 -15.65 25.75
C ILE A 139 5.38 -15.38 24.64
N ASN A 140 5.19 -16.35 23.74
CA ASN A 140 4.26 -16.17 22.64
C ASN A 140 2.83 -16.03 23.17
N THR A 141 2.51 -16.82 24.20
CA THR A 141 1.20 -16.75 24.85
C THR A 141 0.99 -15.34 25.40
N LEU A 142 2.03 -14.78 26.03
CA LEU A 142 1.96 -13.45 26.63
C LEU A 142 1.68 -12.41 25.55
N LYS A 143 2.45 -12.46 24.46
CA LYS A 143 2.33 -11.49 23.39
C LYS A 143 0.93 -11.54 22.79
N LYS A 144 0.46 -12.75 22.45
CA LYS A 144 -0.83 -12.95 21.83
C LYS A 144 -1.94 -12.42 22.74
N THR A 145 -1.82 -12.65 24.04
CA THR A 145 -2.82 -12.25 25.01
C THR A 145 -2.88 -10.71 25.07
N VAL A 146 -1.71 -10.08 25.19
CA VAL A 146 -1.63 -8.62 25.29
C VAL A 146 -2.16 -7.98 24.02
N VAL A 147 -1.74 -8.49 22.86
CA VAL A 147 -2.07 -7.90 21.57
C VAL A 147 -3.57 -8.06 21.27
N GLU A 148 -4.11 -9.28 21.49
CA GLU A 148 -5.51 -9.55 21.22
C GLU A 148 -6.40 -8.62 22.04
N SER A 149 -6.09 -8.50 23.33
CA SER A 149 -6.83 -7.64 24.25
C SER A 149 -6.76 -6.18 23.79
N ALA A 150 -5.58 -5.76 23.30
CA ALA A 150 -5.35 -4.41 22.84
C ALA A 150 -6.15 -4.12 21.56
N ILE A 151 -6.22 -5.11 20.66
CA ILE A 151 -7.00 -4.98 19.43
C ILE A 151 -8.46 -4.72 19.79
N ASN A 152 -8.96 -5.50 20.75
CA ASN A 152 -10.38 -5.48 21.11
C ASN A 152 -10.73 -4.17 21.82
N ASP A 153 -9.83 -3.69 22.68
CA ASP A 153 -9.99 -2.40 23.34
C ASP A 153 -10.05 -1.28 22.29
N THR A 154 -9.16 -1.35 21.30
CA THR A 154 -9.01 -0.31 20.30
C THR A 154 -10.26 -0.24 19.42
N LEU A 155 -10.75 -1.39 18.97
CA LEU A 155 -11.87 -1.41 18.06
C LEU A 155 -13.14 -0.91 18.74
N GLU A 156 -13.26 -1.13 20.06
CA GLU A 156 -14.41 -0.63 20.80
C GLU A 156 -14.50 0.89 20.68
N SER A 157 -13.35 1.57 20.63
CA SER A 157 -13.34 3.03 20.55
C SER A 157 -13.73 3.51 19.16
N PHE A 158 -13.79 2.59 18.19
CA PHE A 158 -14.12 2.91 16.81
C PHE A 158 -15.63 2.76 16.55
N ARG A 159 -16.35 2.26 17.56
CA ARG A 159 -17.72 1.77 17.41
C ARG A 159 -18.62 2.78 16.70
N GLU A 160 -18.53 4.06 17.10
CA GLU A 160 -19.46 5.06 16.59
C GLU A 160 -18.87 5.80 15.39
N ASN A 161 -17.75 5.30 14.86
CA ASN A 161 -16.97 6.04 13.87
C ASN A 161 -16.58 5.14 12.70
N LEU A 162 -17.39 4.11 12.42
CA LEU A 162 -17.03 3.09 11.45
C LEU A 162 -17.11 3.60 10.02
N ASN A 163 -17.91 4.66 9.80
CA ASN A 163 -18.05 5.25 8.48
C ASN A 163 -17.22 6.53 8.38
N ASP A 164 -16.39 6.80 9.40
CA ASP A 164 -15.59 8.01 9.44
C ASP A 164 -14.24 7.72 8.79
N PRO A 165 -13.89 8.43 7.68
CA PRO A 165 -12.65 8.15 6.94
C PRO A 165 -11.38 8.44 7.71
N ARG A 166 -11.50 9.13 8.86
CA ARG A 166 -10.35 9.41 9.69
C ARG A 166 -9.96 8.16 10.48
N PHE A 167 -10.91 7.25 10.67
CA PHE A 167 -10.68 6.05 11.46
C PHE A 167 -10.18 4.95 10.53
N ASP A 168 -8.95 5.14 10.03
CA ASP A 168 -8.36 4.26 9.04
C ASP A 168 -7.40 3.30 9.74
N TYR A 169 -6.70 2.48 8.95
CA TYR A 169 -5.78 1.49 9.48
C TYR A 169 -4.64 2.18 10.25
N ASN A 170 -4.21 3.36 9.77
CA ASN A 170 -3.15 4.11 10.42
C ASN A 170 -3.55 4.47 11.85
N LYS A 171 -4.78 4.98 12.03
CA LYS A 171 -5.26 5.31 13.36
C LYS A 171 -5.32 4.05 14.22
N PHE A 172 -5.81 2.95 13.64
CA PHE A 172 -5.95 1.68 14.34
C PHE A 172 -4.61 1.27 14.94
N PHE A 173 -3.56 1.19 14.11
CA PHE A 173 -2.28 0.67 14.55
C PHE A 173 -1.64 1.59 15.59
N ARG A 174 -1.85 2.90 15.43
CA ARG A 174 -1.33 3.92 16.33
C ARG A 174 -1.99 3.78 17.70
N LYS A 175 -3.33 3.70 17.72
CA LYS A 175 -4.08 3.60 18.96
C LYS A 175 -3.76 2.28 19.67
N ARG A 176 -3.69 1.20 18.89
CA ARG A 176 -3.40 -0.13 19.43
C ARG A 176 -2.06 -0.13 20.16
N MET A 177 -1.06 0.54 19.58
CA MET A 177 0.29 0.49 20.12
C MET A 177 0.39 1.23 21.45
N GLU A 178 -0.43 2.28 21.63
CA GLU A 178 -0.46 3.00 22.89
C GLU A 178 -0.73 2.02 24.03
N ILE A 179 -1.65 1.08 23.78
CA ILE A 179 -2.05 0.09 24.77
C ILE A 179 -0.96 -0.96 24.91
N ILE A 180 -0.47 -1.49 23.78
CA ILE A 180 0.56 -2.53 23.80
C ILE A 180 1.77 -2.03 24.59
N TYR A 181 2.23 -0.81 24.26
CA TYR A 181 3.42 -0.26 24.87
C TYR A 181 3.26 -0.14 26.39
N ASP A 182 2.08 0.32 26.82
CA ASP A 182 1.79 0.48 28.24
C ASP A 182 1.86 -0.86 28.97
N LYS A 183 1.36 -1.92 28.32
CA LYS A 183 1.37 -3.26 28.89
C LYS A 183 2.79 -3.82 28.93
N GLN A 184 3.57 -3.57 27.86
CA GLN A 184 4.95 -4.01 27.80
C GLN A 184 5.73 -3.38 28.96
N LYS A 185 5.48 -2.10 29.24
CA LYS A 185 6.12 -1.40 30.35
C LYS A 185 5.68 -2.03 31.67
N ASN A 186 4.35 -2.24 31.81
CA ASN A 186 3.79 -2.83 33.01
C ASN A 186 4.46 -4.18 33.29
N PHE A 187 4.59 -5.01 32.23
CA PHE A 187 5.16 -6.35 32.38
C PHE A 187 6.63 -6.28 32.78
N ILE A 188 7.41 -5.44 32.10
CA ILE A 188 8.85 -5.44 32.34
C ILE A 188 9.17 -4.88 33.73
N ASN A 189 8.35 -3.93 34.20
CA ASN A 189 8.53 -3.38 35.53
C ASN A 189 8.23 -4.47 36.56
N TYR A 190 7.23 -5.31 36.26
CA TYR A 190 6.86 -6.43 37.12
C TYR A 190 7.97 -7.48 37.11
N TYR A 191 8.48 -7.79 35.91
CA TYR A 191 9.55 -8.76 35.75
C TYR A 191 10.76 -8.37 36.59
N LYS A 192 11.16 -7.10 36.51
CA LYS A 192 12.35 -6.61 37.18
C LYS A 192 12.16 -6.62 38.69
N ALA A 193 10.96 -6.25 39.16
CA ALA A 193 10.66 -6.23 40.58
C ALA A 193 10.69 -7.66 41.14
N GLN A 194 10.15 -8.61 40.36
CA GLN A 194 10.09 -10.00 40.77
C GLN A 194 11.48 -10.61 40.86
N ARG A 195 12.35 -10.25 39.90
CA ARG A 195 13.71 -10.76 39.83
C ARG A 195 14.53 -10.27 41.03
N GLU A 196 14.29 -8.99 41.40
CA GLU A 196 14.96 -8.37 42.54
C GLU A 196 14.56 -9.08 43.83
N GLU A 197 13.27 -9.43 43.95
CA GLU A 197 12.72 -10.03 45.15
C GLU A 197 13.16 -11.49 45.27
N ASN A 198 13.11 -12.23 44.16
CA ASN A 198 13.42 -13.64 44.16
C ASN A 198 14.20 -13.99 42.89
N PRO A 199 15.56 -13.95 42.94
CA PRO A 199 16.39 -14.23 41.76
C PRO A 199 16.33 -15.67 41.22
N GLU A 200 15.61 -16.55 41.92
CA GLU A 200 15.46 -17.94 41.49
C GLU A 200 14.34 -18.07 40.47
N LEU A 201 13.50 -17.03 40.32
CA LEU A 201 12.36 -17.10 39.42
C LEU A 201 12.84 -17.08 37.98
N ILE A 202 12.28 -17.98 37.17
CA ILE A 202 12.57 -18.01 35.74
C ILE A 202 11.47 -17.24 35.00
N ILE A 203 11.70 -16.96 33.71
CA ILE A 203 10.79 -16.18 32.89
C ILE A 203 9.37 -16.72 33.00
N ASP A 204 9.20 -18.04 32.84
CA ASP A 204 7.86 -18.63 32.77
C ASP A 204 7.12 -18.50 34.10
N ASP A 205 7.86 -18.49 35.22
CA ASP A 205 7.27 -18.30 36.54
C ASP A 205 6.59 -16.94 36.60
N ILE A 206 7.28 -15.91 36.10
CA ILE A 206 6.84 -14.53 36.17
C ILE A 206 5.72 -14.31 35.16
N VAL A 207 5.83 -14.92 33.98
CA VAL A 207 4.84 -14.75 32.93
C VAL A 207 3.50 -15.36 33.38
N LYS A 208 3.55 -16.57 33.93
CA LYS A 208 2.31 -17.27 34.27
C LYS A 208 1.56 -16.55 35.39
N THR A 209 2.29 -16.00 36.37
CA THR A 209 1.65 -15.24 37.43
C THR A 209 1.09 -13.94 36.87
N TYR A 210 1.85 -13.31 35.95
CA TYR A 210 1.40 -12.09 35.31
C TYR A 210 0.10 -12.35 34.55
N LEU A 211 0.04 -13.47 33.83
CA LEU A 211 -1.11 -13.80 33.00
C LEU A 211 -2.33 -14.10 33.87
N SER A 212 -2.08 -14.71 35.04
CA SER A 212 -3.12 -15.06 35.99
C SER A 212 -3.71 -13.78 36.62
N ASN A 213 -2.81 -12.87 37.03
CA ASN A 213 -3.20 -11.64 37.72
C ASN A 213 -3.87 -10.66 36.76
N GLU A 214 -3.40 -10.59 35.52
CA GLU A 214 -3.77 -9.52 34.61
C GLU A 214 -4.89 -9.94 33.67
N TYR A 215 -4.93 -11.22 33.27
CA TYR A 215 -5.87 -11.67 32.26
C TYR A 215 -6.62 -12.91 32.71
N SER A 216 -6.62 -13.19 34.02
CA SER A 216 -7.41 -14.24 34.64
C SER A 216 -7.14 -15.63 34.03
N LYS A 217 -5.92 -15.85 33.54
CA LYS A 217 -5.54 -17.17 33.02
C LYS A 217 -5.33 -18.13 34.19
N GLU A 218 -5.54 -19.43 33.93
CA GLU A 218 -5.40 -20.46 34.94
C GLU A 218 -3.96 -20.98 34.94
N ILE A 219 -3.29 -20.87 36.09
CA ILE A 219 -1.91 -21.33 36.25
C ILE A 219 -1.82 -22.81 35.88
N ASP A 220 -2.84 -23.59 36.27
CA ASP A 220 -2.88 -25.02 36.04
C ASP A 220 -2.81 -25.33 34.54
N GLU A 221 -3.53 -24.55 33.74
CA GLU A 221 -3.57 -24.76 32.30
C GLU A 221 -2.24 -24.37 31.66
N LEU A 222 -1.61 -23.32 32.20
CA LEU A 222 -0.34 -22.84 31.67
C LEU A 222 0.76 -23.84 32.02
N ASN A 223 0.66 -24.44 33.22
CA ASN A 223 1.62 -25.43 33.66
C ASN A 223 1.58 -26.64 32.73
N THR A 224 0.36 -27.06 32.37
CA THR A 224 0.13 -28.18 31.47
C THR A 224 0.76 -27.88 30.10
N TYR A 225 0.58 -26.64 29.62
CA TYR A 225 1.14 -26.21 28.34
C TYR A 225 2.67 -26.28 28.37
N ILE A 226 3.27 -25.80 29.46
CA ILE A 226 4.72 -25.83 29.63
C ILE A 226 5.21 -27.27 29.53
N GLU A 227 4.58 -28.17 30.31
CA GLU A 227 4.94 -29.58 30.35
C GLU A 227 4.86 -30.18 28.95
N GLU A 228 3.74 -29.91 28.27
CA GLU A 228 3.50 -30.47 26.94
C GLU A 228 4.54 -29.94 25.96
N SER A 229 4.87 -28.65 26.09
CA SER A 229 5.83 -28.00 25.21
C SER A 229 7.22 -28.61 25.40
N LEU A 230 7.61 -28.80 26.67
CA LEU A 230 8.92 -29.33 27.01
C LEU A 230 9.06 -30.76 26.50
N ASN A 231 8.02 -31.58 26.72
CA ASN A 231 8.04 -32.98 26.33
C ASN A 231 8.17 -33.11 24.81
N LYS A 232 7.42 -32.26 24.09
CA LYS A 232 7.38 -32.32 22.64
C LYS A 232 8.74 -31.98 22.03
N ILE A 233 9.43 -30.99 22.60
CA ILE A 233 10.70 -30.54 22.02
C ILE A 233 11.84 -31.50 22.39
N THR A 234 11.84 -32.00 23.64
CA THR A 234 12.90 -32.89 24.08
C THR A 234 12.82 -34.23 23.35
N GLN A 235 11.64 -34.57 22.83
CA GLN A 235 11.46 -35.80 22.08
C GLN A 235 11.84 -35.61 20.61
N ASN A 236 12.18 -34.36 20.24
CA ASN A 236 12.50 -34.03 18.86
C ASN A 236 13.79 -33.22 18.80
N SER A 237 14.85 -33.77 19.42
CA SER A 237 16.23 -33.29 19.32
C SER A 237 16.40 -31.91 19.98
N GLY A 238 15.57 -31.64 20.99
CA GLY A 238 15.64 -30.39 21.72
C GLY A 238 17.04 -30.14 22.29
N ASN A 239 17.49 -28.88 22.22
CA ASN A 239 18.74 -28.44 22.80
C ASN A 239 18.45 -27.13 23.54
N ASP A 240 18.63 -27.15 24.87
CA ASP A 240 18.22 -26.05 25.71
C ASP A 240 19.27 -24.94 25.70
N VAL A 241 18.83 -23.73 25.33
CA VAL A 241 19.64 -22.53 25.36
C VAL A 241 20.20 -22.29 26.77
N ARG A 242 19.44 -22.73 27.79
CA ARG A 242 19.81 -22.47 29.18
C ARG A 242 21.02 -23.30 29.60
N ASN A 243 21.44 -24.24 28.72
CA ASN A 243 22.63 -25.04 28.95
C ASN A 243 23.75 -24.66 27.99
N PHE A 244 23.53 -23.62 27.19
CA PHE A 244 24.49 -23.16 26.19
C PHE A 244 25.41 -22.12 26.82
N GLU A 245 26.46 -22.61 27.51
CA GLU A 245 27.24 -21.81 28.44
C GLU A 245 27.97 -20.68 27.73
N GLU A 246 28.54 -20.98 26.55
CA GLU A 246 29.31 -20.00 25.80
C GLU A 246 28.40 -18.84 25.38
N PHE A 247 27.16 -19.18 24.98
CA PHE A 247 26.17 -18.17 24.60
C PHE A 247 25.79 -17.33 25.82
N LYS A 248 25.48 -17.99 26.94
CA LYS A 248 25.00 -17.34 28.15
C LYS A 248 26.04 -16.36 28.69
N ASN A 249 27.33 -16.67 28.50
CA ASN A 249 28.39 -15.91 29.14
C ASN A 249 28.91 -14.81 28.22
N GLY A 250 28.47 -14.81 26.95
CA GLY A 250 28.93 -13.85 25.97
C GLY A 250 28.10 -12.57 25.96
N GLU A 251 28.44 -11.67 25.03
CA GLU A 251 27.91 -10.31 24.96
C GLU A 251 26.60 -10.28 24.17
N SER A 252 26.16 -11.44 23.67
CA SER A 252 24.93 -11.50 22.89
C SER A 252 23.75 -11.93 23.76
N PHE A 253 24.02 -12.49 24.94
CA PHE A 253 22.96 -13.08 25.74
C PHE A 253 21.95 -12.03 26.20
N ASN A 254 22.45 -10.84 26.58
CA ASN A 254 21.55 -9.79 27.05
C ASN A 254 20.70 -9.28 25.89
N LEU A 255 21.23 -9.35 24.67
CA LEU A 255 20.49 -8.94 23.49
C LEU A 255 19.39 -9.96 23.19
N TYR A 256 19.74 -11.24 23.33
CA TYR A 256 18.79 -12.34 23.21
C TYR A 256 17.62 -12.11 24.17
N GLU A 257 17.94 -11.81 25.44
CA GLU A 257 16.92 -11.66 26.47
C GLU A 257 16.14 -10.37 26.30
N GLN A 258 16.80 -9.32 25.77
CA GLN A 258 16.12 -8.08 25.44
C GLN A 258 14.97 -8.37 24.47
N GLU A 259 15.26 -9.16 23.42
CA GLU A 259 14.28 -9.47 22.40
C GLU A 259 13.20 -10.41 22.94
N LEU A 260 13.63 -11.37 23.77
CA LEU A 260 12.75 -12.42 24.28
C LEU A 260 11.77 -11.84 25.30
N VAL A 261 12.31 -11.09 26.28
CA VAL A 261 11.58 -10.75 27.50
C VAL A 261 10.96 -9.36 27.39
N GLU A 262 11.67 -8.43 26.75
CA GLU A 262 11.25 -7.04 26.75
C GLU A 262 10.38 -6.74 25.54
N ARG A 263 10.78 -7.25 24.37
CA ARG A 263 10.14 -6.90 23.11
C ARG A 263 9.22 -8.02 22.63
N TRP A 264 9.36 -9.22 23.19
CA TRP A 264 8.62 -10.41 22.78
C TRP A 264 8.79 -10.68 21.29
N ASN A 265 10.00 -10.43 20.79
CA ASN A 265 10.30 -10.66 19.39
C ASN A 265 11.10 -11.96 19.25
N LEU A 266 10.38 -13.05 18.94
CA LEU A 266 10.98 -14.38 18.88
C LEU A 266 11.82 -14.52 17.62
N ALA A 267 11.44 -13.84 16.53
CA ALA A 267 12.20 -13.88 15.30
C ALA A 267 13.58 -13.26 15.51
N ALA A 268 13.63 -12.11 16.21
CA ALA A 268 14.89 -11.41 16.44
C ALA A 268 15.77 -12.19 17.41
N ALA A 269 15.16 -12.80 18.43
CA ALA A 269 15.89 -13.61 19.40
C ALA A 269 16.50 -14.82 18.71
N SER A 270 15.75 -15.39 17.75
CA SER A 270 16.22 -16.49 16.92
C SER A 270 17.40 -16.05 16.03
N ASP A 271 17.34 -14.81 15.50
CA ASP A 271 18.40 -14.27 14.68
C ASP A 271 19.70 -14.22 15.47
N ILE A 272 19.61 -13.81 16.74
CA ILE A 272 20.79 -13.63 17.58
C ILE A 272 21.37 -14.99 17.94
N LEU A 273 20.50 -15.95 18.28
CA LEU A 273 20.93 -17.27 18.73
C LEU A 273 21.59 -18.06 17.60
N ARG A 274 20.98 -18.04 16.40
CA ARG A 274 21.38 -18.96 15.34
C ARG A 274 22.85 -18.80 14.97
N ILE A 275 23.33 -17.54 14.88
CA ILE A 275 24.68 -17.30 14.41
C ILE A 275 25.69 -17.59 15.52
N SER A 276 25.28 -17.37 16.78
CA SER A 276 26.10 -17.74 17.92
C SER A 276 26.25 -19.27 17.97
N ALA A 277 25.16 -19.99 17.72
CA ALA A 277 25.18 -21.45 17.70
C ALA A 277 26.13 -21.94 16.61
N LEU A 278 26.04 -21.32 15.43
CA LEU A 278 26.85 -21.71 14.29
C LEU A 278 28.33 -21.46 14.59
N LYS A 279 28.62 -20.30 15.17
CA LYS A 279 29.99 -19.92 15.49
C LYS A 279 30.60 -20.92 16.48
N GLU A 280 29.82 -21.33 17.48
CA GLU A 280 30.35 -22.10 18.60
C GLU A 280 30.50 -23.57 18.24
N ILE A 281 29.69 -24.06 17.29
CA ILE A 281 29.55 -25.49 17.09
C ILE A 281 29.95 -25.86 15.66
N GLY A 282 29.61 -25.01 14.70
CA GLY A 282 29.79 -25.30 13.28
C GLY A 282 28.65 -26.13 12.73
N GLY A 283 28.49 -26.11 11.41
CA GLY A 283 27.46 -26.92 10.76
C GLY A 283 26.59 -26.09 9.82
N MET A 284 25.30 -26.43 9.79
CA MET A 284 24.35 -25.78 8.91
C MET A 284 23.11 -25.37 9.71
N TYR A 285 22.81 -24.06 9.70
CA TYR A 285 21.56 -23.59 10.26
C TYR A 285 20.47 -23.60 9.20
N LEU A 286 19.26 -24.00 9.59
CA LEU A 286 18.10 -24.01 8.72
C LEU A 286 16.88 -23.48 9.47
N ASP A 287 16.08 -22.66 8.77
CA ASP A 287 14.72 -22.35 9.19
C ASP A 287 13.88 -23.62 9.06
N VAL A 288 12.84 -23.74 9.90
CA VAL A 288 12.06 -24.97 10.00
C VAL A 288 11.15 -25.12 8.78
N ASP A 289 11.14 -24.12 7.90
CA ASP A 289 10.28 -24.17 6.72
C ASP A 289 11.09 -24.49 5.47
N MET A 290 12.37 -24.85 5.66
CA MET A 290 13.22 -25.31 4.57
C MET A 290 13.13 -26.84 4.46
N LEU A 291 13.32 -27.36 3.24
CA LEU A 291 13.33 -28.79 2.99
C LEU A 291 14.63 -29.17 2.28
N PRO A 292 15.07 -30.45 2.36
CA PRO A 292 16.28 -30.90 1.66
C PRO A 292 16.19 -30.64 0.15
N GLY A 293 17.36 -30.43 -0.47
CA GLY A 293 17.43 -30.29 -1.92
C GLY A 293 16.91 -31.52 -2.65
N ILE A 294 16.23 -31.28 -3.78
CA ILE A 294 15.76 -32.34 -4.66
C ILE A 294 16.95 -32.84 -5.48
N GLN A 295 16.98 -34.16 -5.74
CA GLN A 295 17.99 -34.76 -6.60
C GLN A 295 17.99 -34.02 -7.94
N PRO A 296 19.14 -33.51 -8.41
CA PRO A 296 19.19 -32.62 -9.58
C PRO A 296 18.50 -33.15 -10.84
N ASP A 297 18.64 -34.45 -11.11
CA ASP A 297 18.23 -35.03 -12.37
C ASP A 297 16.88 -35.74 -12.24
N LEU A 298 16.16 -35.44 -11.16
CA LEU A 298 14.93 -36.17 -10.82
C LEU A 298 13.86 -35.96 -11.87
N PHE A 299 13.66 -34.71 -12.30
CA PHE A 299 12.56 -34.35 -13.16
C PHE A 299 13.06 -33.84 -14.51
N GLU A 300 14.19 -34.40 -14.98
CA GLU A 300 14.82 -33.94 -16.21
C GLU A 300 13.99 -34.35 -17.42
N SER A 301 13.17 -35.39 -17.28
CA SER A 301 12.37 -35.90 -18.38
C SER A 301 11.08 -35.09 -18.52
N ILE A 302 10.79 -34.24 -17.54
CA ILE A 302 9.64 -33.36 -17.58
C ILE A 302 10.13 -31.92 -17.78
N GLU A 303 9.74 -31.32 -18.91
CA GLU A 303 10.10 -29.95 -19.22
C GLU A 303 8.95 -29.04 -18.81
N LYS A 304 9.27 -27.78 -18.48
CA LYS A 304 8.29 -26.88 -17.88
C LYS A 304 7.41 -26.25 -18.96
N PRO A 305 6.07 -26.36 -18.82
CA PRO A 305 5.12 -25.63 -19.68
C PRO A 305 5.33 -24.13 -19.56
N SER A 306 5.09 -23.43 -20.68
CA SER A 306 5.45 -22.04 -20.88
C SER A 306 4.54 -21.08 -20.10
N SER A 307 3.46 -21.62 -19.51
CA SER A 307 2.44 -20.78 -18.89
C SER A 307 2.69 -20.62 -17.39
N VAL A 308 3.91 -20.91 -16.93
CA VAL A 308 4.22 -20.91 -15.50
C VAL A 308 5.66 -20.49 -15.25
N THR A 309 5.89 -19.82 -14.11
CA THR A 309 7.17 -19.26 -13.71
C THR A 309 8.07 -20.35 -13.14
N VAL A 310 9.35 -19.99 -12.88
CA VAL A 310 10.31 -20.87 -12.23
C VAL A 310 9.82 -21.19 -10.81
N ASP A 311 9.26 -20.18 -10.13
CA ASP A 311 8.78 -20.32 -8.76
C ASP A 311 7.57 -21.26 -8.71
N PHE A 312 6.72 -21.18 -9.72
CA PHE A 312 5.56 -22.06 -9.83
C PHE A 312 6.03 -23.50 -10.02
N TRP A 313 7.05 -23.67 -10.88
CA TRP A 313 7.58 -24.96 -11.26
C TRP A 313 8.25 -25.64 -10.07
N GLU A 314 9.04 -24.85 -9.32
CA GLU A 314 9.78 -25.34 -8.17
C GLU A 314 8.80 -25.83 -7.09
N MET A 315 7.71 -25.07 -6.88
CA MET A 315 6.68 -25.44 -5.92
C MET A 315 5.98 -26.72 -6.38
N THR A 316 5.77 -26.85 -7.70
CA THR A 316 5.06 -27.97 -8.26
C THR A 316 5.84 -29.28 -8.02
N LYS A 317 7.17 -29.20 -8.15
CA LYS A 317 8.04 -30.35 -7.96
C LYS A 317 7.84 -30.95 -6.57
N LEU A 318 7.83 -30.09 -5.54
CA LEU A 318 7.66 -30.53 -4.16
C LEU A 318 6.26 -31.08 -3.94
N GLU A 319 5.25 -30.44 -4.56
CA GLU A 319 3.87 -30.82 -4.37
C GLU A 319 3.60 -32.19 -4.99
N ALA A 320 4.28 -32.48 -6.11
CA ALA A 320 4.18 -33.77 -6.78
C ALA A 320 4.73 -34.86 -5.87
N ILE A 321 5.90 -34.58 -5.27
CA ILE A 321 6.57 -35.51 -4.38
C ILE A 321 5.64 -35.85 -3.22
N MET A 322 5.00 -34.83 -2.64
CA MET A 322 4.21 -35.01 -1.43
C MET A 322 2.85 -35.65 -1.76
N LYS A 323 2.39 -35.49 -2.99
CA LYS A 323 1.12 -36.08 -3.39
C LYS A 323 1.25 -37.60 -3.48
N TYR A 324 2.35 -38.07 -4.06
CA TYR A 324 2.49 -39.47 -4.43
C TYR A 324 3.30 -40.25 -3.40
N LYS A 325 4.15 -39.55 -2.63
CA LYS A 325 4.98 -40.21 -1.63
C LYS A 325 4.45 -39.96 -0.23
N GLU A 326 3.70 -38.86 -0.07
CA GLU A 326 3.01 -38.51 1.17
C GLU A 326 3.98 -38.41 2.34
N TYR A 327 5.19 -37.90 2.08
CA TYR A 327 6.22 -37.72 3.09
C TYR A 327 5.74 -36.77 4.18
N ILE A 328 5.05 -35.69 3.77
CA ILE A 328 4.44 -34.77 4.71
C ILE A 328 2.93 -34.81 4.53
N PRO A 329 2.16 -35.23 5.55
CA PRO A 329 0.71 -35.29 5.45
C PRO A 329 0.19 -33.85 5.33
N GLU A 330 -0.83 -33.67 4.48
CA GLU A 330 -1.59 -32.44 4.38
C GLU A 330 -0.85 -31.38 3.56
N TYR A 331 0.25 -31.75 2.90
CA TYR A 331 0.96 -30.84 2.03
C TYR A 331 0.02 -30.40 0.90
N THR A 332 0.07 -29.11 0.55
CA THR A 332 -0.77 -28.53 -0.48
C THR A 332 -0.51 -29.19 -1.84
N SER A 333 -1.49 -29.07 -2.74
CA SER A 333 -1.33 -29.51 -4.11
C SER A 333 -1.94 -28.48 -5.06
N GLU A 334 -2.15 -27.25 -4.58
CA GLU A 334 -2.89 -26.24 -5.30
C GLU A 334 -2.19 -25.88 -6.61
N HIS A 335 -0.86 -25.96 -6.63
CA HIS A 335 -0.09 -25.63 -7.82
C HIS A 335 -0.01 -26.83 -8.76
N PHE A 336 0.00 -28.04 -8.17
CA PHE A 336 0.09 -29.27 -8.95
C PHE A 336 -1.22 -29.51 -9.70
N ASP A 337 -2.35 -29.16 -9.05
CA ASP A 337 -3.68 -29.46 -9.55
C ASP A 337 -4.05 -28.51 -10.69
N MET A 338 -3.18 -27.53 -10.98
CA MET A 338 -3.43 -26.55 -12.02
C MET A 338 -2.79 -26.99 -13.33
N LEU A 339 -2.12 -28.15 -13.32
CA LEU A 339 -1.36 -28.63 -14.46
C LEU A 339 -2.25 -29.48 -15.36
N ASP A 340 -1.82 -29.65 -16.61
CA ASP A 340 -2.47 -30.54 -17.57
C ASP A 340 -2.26 -31.99 -17.12
N GLU A 341 -3.19 -32.88 -17.49
CA GLU A 341 -3.15 -34.26 -17.04
C GLU A 341 -1.95 -34.98 -17.64
N GLU A 342 -1.46 -34.49 -18.80
CA GLU A 342 -0.35 -35.12 -19.49
C GLU A 342 0.92 -35.01 -18.64
N VAL A 343 1.10 -33.89 -17.94
CA VAL A 343 2.29 -33.67 -17.12
C VAL A 343 2.09 -34.19 -15.70
N GLN A 344 0.85 -34.17 -15.22
CA GLN A 344 0.52 -34.76 -13.93
C GLN A 344 0.85 -36.25 -13.95
N SER A 345 0.54 -36.90 -15.10
CA SER A 345 0.88 -38.28 -15.35
C SER A 345 2.40 -38.45 -15.45
N SER A 346 3.06 -37.42 -15.98
CA SER A 346 4.51 -37.43 -16.14
C SER A 346 5.19 -37.42 -14.77
N PHE A 347 4.60 -36.68 -13.81
CA PHE A 347 5.10 -36.64 -12.45
C PHE A 347 4.87 -37.98 -11.76
N GLU A 348 3.68 -38.55 -11.95
CA GLU A 348 3.27 -39.78 -11.29
C GLU A 348 4.13 -40.95 -11.77
N SER A 349 4.49 -40.92 -13.06
CA SER A 349 5.28 -41.98 -13.68
C SER A 349 6.71 -41.97 -13.14
N VAL A 350 7.30 -40.77 -13.06
CA VAL A 350 8.68 -40.59 -12.59
C VAL A 350 8.78 -41.07 -11.15
N LEU A 351 7.83 -40.65 -10.31
CA LEU A 351 7.89 -40.90 -8.88
C LEU A 351 7.58 -42.36 -8.57
N ALA A 352 6.78 -43.01 -9.44
CA ALA A 352 6.47 -44.42 -9.30
C ALA A 352 7.70 -45.28 -9.55
N SER A 353 8.62 -44.78 -10.37
CA SER A 353 9.83 -45.49 -10.74
C SER A 353 10.90 -45.35 -9.66
N LYS A 354 10.57 -44.65 -8.57
CA LYS A 354 11.50 -44.40 -7.48
C LYS A 354 10.98 -45.07 -6.21
N SER A 355 11.92 -45.64 -5.43
CA SER A 355 11.59 -46.52 -4.33
C SER A 355 11.94 -45.89 -2.99
N ASP A 356 13.16 -45.34 -2.88
CA ASP A 356 13.65 -44.80 -1.63
C ASP A 356 13.58 -43.28 -1.64
N LYS A 357 13.48 -42.68 -0.44
CA LYS A 357 13.46 -41.24 -0.25
C LYS A 357 14.79 -40.66 -0.74
N SER A 358 15.85 -41.47 -0.69
CA SER A 358 17.20 -41.06 -1.06
C SER A 358 17.30 -40.84 -2.58
N GLU A 359 16.29 -41.31 -3.32
CA GLU A 359 16.26 -41.13 -4.77
C GLU A 359 15.55 -39.82 -5.11
N ILE A 360 14.89 -39.22 -4.11
CA ILE A 360 14.07 -38.04 -4.32
C ILE A 360 14.79 -36.82 -3.76
N PHE A 361 15.19 -36.90 -2.48
CA PHE A 361 15.93 -35.83 -1.82
C PHE A 361 17.41 -36.20 -1.75
N SER A 362 18.28 -35.21 -2.00
CA SER A 362 19.72 -35.39 -1.86
C SER A 362 20.12 -35.31 -0.40
N SER A 363 21.34 -35.79 -0.11
CA SER A 363 21.96 -35.72 1.20
C SER A 363 23.04 -34.64 1.17
N LEU A 364 23.31 -34.05 2.34
CA LEU A 364 24.33 -33.01 2.45
C LEU A 364 25.72 -33.62 2.31
N GLY A 365 25.92 -34.79 2.93
CA GLY A 365 27.16 -35.55 2.81
C GLY A 365 28.34 -34.82 3.45
N ASP A 366 29.54 -35.07 2.91
CA ASP A 366 30.75 -34.41 3.37
C ASP A 366 30.82 -33.02 2.75
N MET A 367 30.62 -31.99 3.57
CA MET A 367 30.71 -30.62 3.10
C MET A 367 31.99 -30.00 3.62
N GLU A 368 32.52 -29.04 2.84
CA GLU A 368 33.72 -28.33 3.24
C GLU A 368 33.54 -26.85 2.90
N ALA A 369 34.24 -26.00 3.67
CA ALA A 369 34.17 -24.57 3.47
C ALA A 369 35.46 -23.93 3.96
N SER A 370 35.62 -22.64 3.65
CA SER A 370 36.77 -21.88 4.08
C SER A 370 36.63 -21.54 5.55
N PRO A 371 37.75 -21.59 6.33
CA PRO A 371 37.76 -21.07 7.70
C PRO A 371 37.43 -19.58 7.80
N LEU A 372 37.35 -18.91 6.64
CA LEU A 372 37.10 -17.47 6.59
C LEU A 372 35.61 -17.17 6.55
N GLU A 373 34.81 -18.10 6.01
CA GLU A 373 33.51 -17.73 5.46
C GLU A 373 32.33 -18.29 6.25
N VAL A 374 31.17 -17.66 6.03
CA VAL A 374 29.86 -18.23 6.29
C VAL A 374 29.11 -18.19 4.95
N LYS A 375 28.56 -19.34 4.53
CA LYS A 375 27.75 -19.39 3.33
C LYS A 375 26.30 -19.13 3.70
N ILE A 376 25.57 -18.45 2.80
CA ILE A 376 24.21 -18.00 3.07
C ILE A 376 23.33 -18.31 1.86
N ALA A 377 22.05 -18.57 2.12
CA ALA A 377 21.06 -18.81 1.08
C ALA A 377 20.70 -17.49 0.39
N PHE A 378 20.22 -17.61 -0.85
CA PHE A 378 19.71 -16.49 -1.64
C PHE A 378 18.29 -16.79 -2.09
N ASN A 379 17.46 -15.74 -2.16
CA ASN A 379 16.23 -15.79 -2.92
C ASN A 379 16.23 -14.60 -3.88
N SER A 380 15.07 -14.29 -4.47
CA SER A 380 14.98 -13.28 -5.52
C SER A 380 15.29 -11.88 -4.98
N LYS A 381 15.22 -11.71 -3.65
CA LYS A 381 15.42 -10.42 -3.02
C LYS A 381 16.83 -10.29 -2.46
N GLY A 382 17.65 -11.34 -2.60
CA GLY A 382 19.02 -11.31 -2.13
C GLY A 382 19.29 -12.36 -1.06
N ILE A 383 20.29 -12.08 -0.20
CA ILE A 383 20.69 -13.02 0.84
C ILE A 383 19.58 -13.12 1.88
N ILE A 384 19.44 -14.30 2.49
CA ILE A 384 18.47 -14.54 3.54
C ILE A 384 19.01 -15.60 4.50
N ASN A 385 18.96 -15.31 5.80
CA ASN A 385 19.63 -16.15 6.80
C ASN A 385 18.74 -17.32 7.22
N GLN A 386 17.96 -17.85 6.26
CA GLN A 386 17.14 -19.01 6.48
C GLN A 386 17.97 -20.27 6.23
N GLY A 387 19.18 -20.08 5.70
CA GLY A 387 20.16 -21.13 5.52
C GLY A 387 21.57 -20.58 5.69
N LEU A 388 22.37 -21.23 6.55
CA LEU A 388 23.75 -20.82 6.79
C LEU A 388 24.63 -22.06 6.92
N ILE A 389 25.84 -21.99 6.35
CA ILE A 389 26.84 -23.04 6.47
C ILE A 389 28.15 -22.40 6.96
N SER A 390 28.76 -23.01 7.98
CA SER A 390 30.01 -22.49 8.51
C SER A 390 30.76 -23.59 9.27
N VAL A 391 32.09 -23.58 9.15
CA VAL A 391 32.92 -24.35 10.06
C VAL A 391 32.90 -23.62 11.40
N LYS A 392 33.16 -24.39 12.47
CA LYS A 392 33.25 -23.85 13.81
C LYS A 392 34.22 -22.67 13.82
N ASP A 393 33.78 -21.56 14.43
CA ASP A 393 34.62 -20.41 14.73
C ASP A 393 35.19 -19.78 13.46
N SER A 394 34.45 -19.86 12.35
CA SER A 394 34.86 -19.20 11.11
C SER A 394 35.01 -17.70 11.34
N TYR A 395 35.92 -17.08 10.58
CA TYR A 395 36.24 -15.67 10.76
C TYR A 395 34.98 -14.83 10.58
N CYS A 396 34.15 -15.20 9.60
CA CYS A 396 32.95 -14.46 9.25
C CYS A 396 31.87 -14.61 10.33
N SER A 397 31.77 -15.80 10.93
CA SER A 397 30.80 -16.02 11.99
C SER A 397 31.08 -15.04 13.13
N ASN A 398 32.36 -14.81 13.41
CA ASN A 398 32.81 -13.86 14.41
C ASN A 398 32.46 -12.44 13.97
N LEU A 399 32.61 -12.15 12.66
CA LEU A 399 32.34 -10.82 12.13
C LEU A 399 30.84 -10.51 12.21
N ILE A 400 30.01 -11.53 11.96
CA ILE A 400 28.57 -11.36 11.98
C ILE A 400 28.10 -11.09 13.42
N VAL A 401 28.58 -11.90 14.37
CA VAL A 401 28.22 -11.74 15.77
C VAL A 401 28.57 -10.33 16.23
N LYS A 402 29.75 -9.83 15.83
CA LYS A 402 30.21 -8.51 16.23
C LYS A 402 29.41 -7.39 15.58
N GLN A 403 28.97 -7.62 14.33
CA GLN A 403 28.11 -6.66 13.63
C GLN A 403 26.81 -6.48 14.42
N ILE A 404 26.20 -7.59 14.84
CA ILE A 404 24.93 -7.56 15.53
C ILE A 404 25.09 -6.88 16.90
N GLU A 405 26.18 -7.21 17.60
CA GLU A 405 26.42 -6.62 18.91
C GLU A 405 26.62 -5.10 18.78
N ASN A 406 27.32 -4.67 17.73
CA ASN A 406 27.62 -3.27 17.53
C ASN A 406 26.34 -2.50 17.16
N ARG A 407 25.49 -3.13 16.34
CA ARG A 407 24.23 -2.53 15.93
C ARG A 407 23.32 -2.31 17.14
N TYR A 408 23.27 -3.31 18.04
CA TYR A 408 22.50 -3.22 19.27
C TYR A 408 23.08 -2.17 20.22
N LYS A 409 24.41 -2.00 20.20
CA LYS A 409 25.07 -1.01 21.03
C LYS A 409 24.61 0.39 20.63
N ILE A 410 24.55 0.65 19.31
CA ILE A 410 24.08 1.91 18.77
C ILE A 410 22.62 2.12 19.17
N LEU A 411 21.80 1.07 19.02
CA LEU A 411 20.38 1.12 19.34
C LEU A 411 20.19 1.49 20.81
N ASN A 412 20.83 0.72 21.70
CA ASN A 412 20.55 0.77 23.13
C ASN A 412 21.07 2.06 23.75
N ASN A 413 22.13 2.63 23.15
CA ASN A 413 22.72 3.87 23.63
C ASN A 413 21.69 4.99 23.62
N SER A 414 20.80 4.98 22.63
CA SER A 414 19.77 5.99 22.46
C SER A 414 18.44 5.50 23.03
N LEU A 415 18.15 4.20 22.88
CA LEU A 415 16.84 3.67 23.22
C LEU A 415 16.63 3.66 24.74
N ASN A 416 17.62 3.17 25.49
CA ASN A 416 17.47 2.96 26.93
C ASN A 416 17.12 4.28 27.64
N PRO A 417 17.91 5.37 27.44
CA PRO A 417 17.54 6.67 28.03
C PRO A 417 16.13 7.12 27.65
N ALA A 418 15.75 6.94 26.38
CA ALA A 418 14.43 7.32 25.89
C ALA A 418 13.34 6.60 26.67
N ILE A 419 13.45 5.27 26.80
CA ILE A 419 12.47 4.44 27.48
C ILE A 419 12.39 4.84 28.95
N SER A 420 13.56 5.14 29.54
CA SER A 420 13.67 5.39 30.98
C SER A 420 12.89 6.65 31.38
N GLU A 421 12.61 7.54 30.41
CA GLU A 421 11.86 8.75 30.70
C GLU A 421 10.42 8.41 31.09
N ASP A 422 9.97 7.20 30.72
CA ASP A 422 8.72 6.62 31.19
C ASP A 422 7.51 7.37 30.62
N ASN A 423 7.66 7.90 29.40
CA ASN A 423 6.55 8.52 28.69
C ASN A 423 5.82 7.47 27.85
N ASP A 424 4.74 7.89 27.18
CA ASP A 424 3.93 7.00 26.37
C ASP A 424 4.68 6.65 25.08
N PHE A 425 4.02 5.86 24.23
CA PHE A 425 4.68 5.31 23.06
C PHE A 425 5.15 6.41 22.10
N ASN A 426 4.27 7.36 21.79
CA ASN A 426 4.56 8.39 20.81
C ASN A 426 5.70 9.28 21.30
N THR A 427 5.65 9.69 22.58
CA THR A 427 6.65 10.57 23.16
C THR A 427 8.01 9.87 23.20
N THR A 428 8.01 8.59 23.62
CA THR A 428 9.22 7.77 23.68
C THR A 428 9.84 7.67 22.28
N THR A 429 9.00 7.40 21.28
CA THR A 429 9.42 7.31 19.89
C THR A 429 10.14 8.59 19.47
N ASN A 430 9.52 9.74 19.76
CA ASN A 430 10.06 11.03 19.33
C ASN A 430 11.41 11.30 20.00
N THR A 431 11.48 11.04 21.31
CA THR A 431 12.72 11.21 22.06
C THR A 431 13.80 10.33 21.45
N PHE A 432 13.44 9.06 21.20
CA PHE A 432 14.38 8.07 20.69
C PHE A 432 14.90 8.45 19.31
N ILE A 433 13.99 8.84 18.41
CA ILE A 433 14.37 9.19 17.05
C ILE A 433 15.27 10.42 17.07
N ASP A 434 14.90 11.43 17.86
CA ASP A 434 15.71 12.65 17.95
C ASP A 434 17.15 12.30 18.34
N SER A 435 17.30 11.37 19.29
CA SER A 435 18.60 10.94 19.77
C SER A 435 19.38 10.21 18.67
N ILE A 436 18.71 9.31 17.95
CA ILE A 436 19.29 8.54 16.87
C ILE A 436 19.75 9.47 15.74
N MET A 437 18.94 10.47 15.42
CA MET A 437 19.18 11.37 14.30
C MET A 437 20.42 12.23 14.55
N ALA A 438 20.68 12.53 15.84
CA ALA A 438 21.84 13.33 16.23
C ALA A 438 23.14 12.58 15.95
N GLU A 439 23.06 11.25 15.78
CA GLU A 439 24.25 10.44 15.54
C GLU A 439 24.30 9.94 14.09
N ALA A 440 23.33 10.36 13.27
CA ALA A 440 23.30 9.95 11.88
C ALA A 440 24.36 10.72 11.08
N ASN A 441 24.96 10.03 10.10
CA ASN A 441 25.91 10.62 9.17
C ASN A 441 25.70 10.00 7.79
N ALA A 442 26.62 10.30 6.86
CA ALA A 442 26.53 9.84 5.49
C ALA A 442 26.74 8.32 5.43
N ASP A 443 27.47 7.79 6.42
CA ASP A 443 27.89 6.40 6.44
C ASP A 443 26.77 5.48 6.96
N ASN A 444 25.90 6.00 7.85
CA ASN A 444 25.00 5.14 8.60
C ASN A 444 23.54 5.54 8.42
N GLY A 445 23.28 6.44 7.47
CA GLY A 445 22.01 7.14 7.31
C GLY A 445 20.81 6.22 7.17
N ARG A 446 20.88 5.28 6.22
CA ARG A 446 19.77 4.37 5.93
C ARG A 446 19.55 3.42 7.11
N PHE A 447 20.66 3.01 7.74
CA PHE A 447 20.59 2.12 8.89
C PHE A 447 19.87 2.82 10.05
N MET A 448 20.25 4.08 10.31
CA MET A 448 19.71 4.83 11.43
C MET A 448 18.22 5.10 11.21
N MET A 449 17.83 5.28 9.94
CA MET A 449 16.45 5.51 9.57
C MET A 449 15.59 4.34 10.05
N GLU A 450 16.07 3.12 9.78
CA GLU A 450 15.35 1.90 10.14
C GLU A 450 15.40 1.67 11.65
N LEU A 451 16.54 2.01 12.28
CA LEU A 451 16.69 1.85 13.72
C LEU A 451 15.61 2.64 14.45
N GLY A 452 15.25 3.81 13.90
CA GLY A 452 14.30 4.71 14.51
C GLY A 452 12.90 4.10 14.61
N LYS A 453 12.68 2.99 13.90
CA LYS A 453 11.38 2.33 13.90
C LYS A 453 11.37 1.12 14.85
N TYR A 454 12.44 0.95 15.63
CA TYR A 454 12.62 -0.25 16.45
C TYR A 454 11.38 -0.62 17.25
N LEU A 455 10.77 0.35 17.94
CA LEU A 455 9.68 0.02 18.86
C LEU A 455 8.43 -0.42 18.10
N ARG A 456 8.39 -0.15 16.79
CA ARG A 456 7.24 -0.45 15.95
C ARG A 456 7.31 -1.89 15.41
N VAL A 457 8.47 -2.54 15.58
CA VAL A 457 8.72 -3.84 14.97
C VAL A 457 7.58 -4.79 15.33
N GLY A 458 6.94 -5.35 14.29
CA GLY A 458 5.93 -6.39 14.44
C GLY A 458 4.51 -5.84 14.63
N PHE A 459 4.36 -4.51 14.79
CA PHE A 459 3.08 -3.95 15.18
C PHE A 459 2.55 -2.94 14.15
N PHE A 460 3.38 -2.59 13.16
CA PHE A 460 3.05 -1.59 12.16
C PHE A 460 3.58 -2.04 10.80
N PRO A 461 2.95 -1.60 9.67
CA PRO A 461 3.52 -1.86 8.34
C PRO A 461 4.81 -1.08 8.10
N ASP A 462 5.62 -1.57 7.15
CA ASP A 462 6.77 -0.87 6.62
C ASP A 462 7.87 -0.68 7.68
N VAL A 463 8.12 -1.74 8.45
CA VAL A 463 9.21 -1.71 9.42
C VAL A 463 10.22 -2.80 9.05
N LYS A 464 11.48 -2.39 8.83
CA LYS A 464 12.52 -3.31 8.39
C LYS A 464 13.69 -3.31 9.38
N THR A 465 13.44 -2.88 10.62
CA THR A 465 14.48 -2.75 11.63
C THR A 465 15.22 -4.07 11.85
N THR A 466 14.46 -5.18 11.94
CA THR A 466 15.03 -6.47 12.32
C THR A 466 16.12 -6.87 11.33
N ILE A 467 15.83 -6.77 10.03
CA ILE A 467 16.80 -7.16 9.01
C ILE A 467 18.04 -6.29 9.12
N ASN A 468 17.89 -5.06 9.63
CA ASN A 468 18.98 -4.10 9.73
C ASN A 468 19.81 -4.33 11.00
N LEU A 469 19.23 -5.08 11.95
CA LEU A 469 19.79 -5.18 13.29
C LEU A 469 20.43 -6.56 13.45
N SER A 470 19.67 -7.62 13.16
CA SER A 470 20.09 -8.97 13.47
C SER A 470 19.96 -9.87 12.23
N GLY A 471 19.46 -9.30 11.14
CA GLY A 471 19.15 -10.07 9.94
C GLY A 471 20.13 -9.82 8.80
N PRO A 472 19.72 -10.07 7.53
CA PRO A 472 20.61 -10.00 6.37
C PRO A 472 21.59 -8.83 6.25
N GLU A 473 21.19 -7.63 6.67
CA GLU A 473 22.05 -6.46 6.54
C GLU A 473 23.33 -6.62 7.36
N ALA A 474 23.19 -7.26 8.54
CA ALA A 474 24.33 -7.52 9.41
C ALA A 474 25.29 -8.50 8.74
N TYR A 475 24.73 -9.42 7.94
CA TYR A 475 25.51 -10.41 7.22
C TYR A 475 26.27 -9.74 6.07
N ALA A 476 25.55 -8.94 5.27
CA ALA A 476 26.15 -8.17 4.19
C ALA A 476 27.29 -7.31 4.75
N ALA A 477 27.06 -6.71 5.92
CA ALA A 477 28.03 -5.83 6.55
C ALA A 477 29.27 -6.61 6.96
N ALA A 478 29.08 -7.83 7.47
CA ALA A 478 30.19 -8.69 7.85
C ALA A 478 31.02 -9.10 6.62
N TYR A 479 30.34 -9.43 5.52
CA TYR A 479 31.02 -9.78 4.28
C TYR A 479 31.82 -8.58 3.77
N GLN A 480 31.26 -7.38 3.91
CA GLN A 480 31.96 -6.15 3.53
C GLN A 480 33.18 -5.96 4.43
N ASP A 481 33.00 -6.25 5.73
CA ASP A 481 34.07 -6.18 6.70
C ASP A 481 35.23 -7.08 6.26
N LEU A 482 34.90 -8.30 5.81
CA LEU A 482 35.91 -9.27 5.40
C LEU A 482 36.64 -8.75 4.17
N LEU A 483 35.88 -8.31 3.15
CA LEU A 483 36.46 -7.95 1.86
C LEU A 483 37.12 -6.57 1.92
N MET A 484 36.79 -5.76 2.92
CA MET A 484 37.38 -4.43 3.03
C MET A 484 38.41 -4.36 4.15
N PHE A 485 38.72 -5.53 4.75
CA PHE A 485 39.76 -5.67 5.75
C PHE A 485 39.52 -4.72 6.93
N LYS A 486 38.26 -4.65 7.39
CA LYS A 486 37.90 -3.77 8.49
C LYS A 486 36.83 -4.43 9.34
N GLU A 487 36.34 -3.68 10.34
CA GLU A 487 35.22 -4.09 11.16
C GLU A 487 34.30 -2.89 11.38
N GLY A 488 32.98 -3.13 11.36
CA GLY A 488 32.01 -2.11 11.70
C GLY A 488 31.45 -1.37 10.48
N SER A 489 31.45 -2.03 9.32
CA SER A 489 30.80 -1.52 8.12
C SER A 489 29.33 -1.20 8.43
N MET A 490 28.88 -0.04 7.95
CA MET A 490 27.52 0.44 8.16
C MET A 490 26.87 0.75 6.81
N ASN A 491 27.71 1.13 5.84
CA ASN A 491 27.28 1.57 4.53
C ASN A 491 27.59 0.48 3.51
N ILE A 492 26.57 -0.34 3.19
CA ILE A 492 26.78 -1.50 2.32
C ILE A 492 26.85 -1.05 0.87
N HIS A 493 28.02 -1.25 0.25
CA HIS A 493 28.20 -0.93 -1.16
C HIS A 493 28.35 -2.21 -1.99
N LEU A 494 28.41 -3.37 -1.31
CA LEU A 494 28.47 -4.65 -2.00
C LEU A 494 27.16 -4.86 -2.77
N ILE A 495 27.26 -5.49 -3.94
CA ILE A 495 26.11 -5.85 -4.75
C ILE A 495 26.03 -7.36 -4.85
N GLU A 496 25.02 -7.86 -5.58
CA GLU A 496 24.70 -9.28 -5.64
C GLU A 496 25.93 -10.10 -6.01
N ALA A 497 26.64 -9.68 -7.08
CA ALA A 497 27.77 -10.42 -7.60
C ALA A 497 28.83 -10.59 -6.51
N ASP A 498 28.99 -9.57 -5.65
CA ASP A 498 29.93 -9.65 -4.55
C ASP A 498 29.49 -10.72 -3.55
N LEU A 499 28.19 -10.73 -3.24
CA LEU A 499 27.65 -11.58 -2.18
C LEU A 499 27.54 -13.03 -2.66
N ARG A 500 27.40 -13.22 -3.98
CA ARG A 500 27.26 -14.54 -4.58
C ARG A 500 28.51 -15.39 -4.32
N ASN A 501 29.60 -14.74 -3.89
CA ASN A 501 30.83 -15.42 -3.52
C ASN A 501 30.60 -16.29 -2.28
N PHE A 502 29.50 -16.06 -1.56
CA PHE A 502 29.25 -16.72 -0.30
C PHE A 502 27.95 -17.54 -0.33
N GLU A 503 27.45 -17.82 -1.54
CA GLU A 503 26.15 -18.44 -1.69
C GLU A 503 26.22 -19.92 -1.33
N ILE A 504 25.11 -20.43 -0.77
CA ILE A 504 24.89 -21.85 -0.62
C ILE A 504 24.37 -22.38 -1.95
N SER A 505 24.95 -23.49 -2.41
CA SER A 505 24.53 -24.12 -3.64
C SER A 505 23.03 -24.43 -3.59
N LYS A 506 22.35 -24.24 -4.74
CA LYS A 506 20.91 -24.44 -4.84
C LYS A 506 20.55 -25.90 -4.63
N THR A 507 21.54 -26.80 -4.78
CA THR A 507 21.32 -28.23 -4.67
C THR A 507 21.11 -28.65 -3.22
N ASN A 508 21.41 -27.76 -2.26
CA ASN A 508 21.50 -28.12 -0.86
C ASN A 508 20.25 -27.75 -0.08
N ILE A 509 19.35 -26.93 -0.67
CA ILE A 509 18.13 -26.54 0.00
C ILE A 509 16.99 -26.44 -1.02
N SER A 510 15.82 -26.94 -0.63
CA SER A 510 14.56 -26.61 -1.30
C SER A 510 13.90 -25.48 -0.52
N GLN A 511 13.89 -24.27 -1.13
CA GLN A 511 13.39 -23.07 -0.47
C GLN A 511 11.93 -22.83 -0.79
N SER A 512 11.46 -23.36 -1.93
CA SER A 512 10.12 -23.05 -2.42
C SER A 512 9.08 -24.00 -1.82
N THR A 513 9.03 -24.05 -0.48
CA THR A 513 8.14 -24.94 0.24
C THR A 513 6.82 -24.24 0.54
N GLU A 514 5.80 -25.03 0.88
CA GLU A 514 4.49 -24.49 1.24
C GLU A 514 4.61 -23.50 2.39
N GLN A 515 5.40 -23.85 3.41
CA GLN A 515 5.50 -23.03 4.61
C GLN A 515 6.27 -21.74 4.34
N GLU A 516 7.28 -21.83 3.47
CA GLU A 516 8.10 -20.67 3.13
C GLU A 516 7.31 -19.71 2.26
N MET A 517 6.70 -20.23 1.19
CA MET A 517 6.01 -19.41 0.19
C MET A 517 4.82 -18.70 0.82
N ALA A 518 4.36 -19.22 1.96
CA ALA A 518 3.27 -18.61 2.70
C ALA A 518 3.80 -17.52 3.64
N SER A 519 5.10 -17.58 3.94
CA SER A 519 5.71 -16.67 4.89
C SER A 519 6.53 -15.58 4.19
N LEU A 520 6.40 -15.52 2.86
CA LEU A 520 7.01 -14.46 2.06
C LEU A 520 6.08 -13.24 2.02
N TRP A 521 4.92 -13.37 2.68
CA TRP A 521 4.05 -12.23 2.96
C TRP A 521 4.89 -11.12 3.60
N SER A 522 4.79 -9.92 3.03
CA SER A 522 5.48 -8.75 3.56
C SER A 522 4.45 -7.85 4.23
N PHE A 523 4.74 -7.39 5.45
CA PHE A 523 3.79 -6.57 6.18
C PHE A 523 3.86 -5.12 5.71
N ASP A 524 3.26 -4.86 4.55
CA ASP A 524 3.24 -3.53 3.95
C ASP A 524 1.88 -2.89 4.23
N ASP A 525 1.69 -1.68 3.69
CA ASP A 525 0.51 -0.87 3.97
C ASP A 525 -0.77 -1.59 3.52
N ALA A 526 -0.70 -2.27 2.36
CA ALA A 526 -1.84 -2.98 1.81
C ALA A 526 -2.27 -4.12 2.73
N ARG A 527 -1.27 -4.85 3.25
CA ARG A 527 -1.50 -5.98 4.14
C ARG A 527 -2.08 -5.48 5.46
N ALA A 528 -1.56 -4.35 5.95
CA ALA A 528 -2.00 -3.77 7.21
C ALA A 528 -3.46 -3.34 7.09
N LYS A 529 -3.82 -2.75 5.96
CA LYS A 529 -5.17 -2.28 5.70
C LYS A 529 -6.12 -3.47 5.71
N ALA A 530 -5.72 -4.56 5.02
CA ALA A 530 -6.53 -5.76 4.93
C ALA A 530 -6.71 -6.38 6.32
N GLN A 531 -5.65 -6.38 7.12
CA GLN A 531 -5.70 -6.93 8.47
C GLN A 531 -6.69 -6.14 9.34
N PHE A 532 -6.59 -4.81 9.28
CA PHE A 532 -7.50 -3.93 10.00
C PHE A 532 -8.94 -4.23 9.62
N GLU A 533 -9.18 -4.39 8.31
CA GLU A 533 -10.51 -4.63 7.77
C GLU A 533 -11.05 -5.98 8.25
N GLU A 534 -10.16 -6.99 8.32
CA GLU A 534 -10.57 -8.32 8.78
C GLU A 534 -10.93 -8.27 10.27
N TYR A 535 -10.09 -7.56 11.05
CA TYR A 535 -10.32 -7.39 12.48
C TYR A 535 -11.68 -6.74 12.73
N LYS A 536 -11.99 -5.68 11.98
CA LYS A 536 -13.24 -4.95 12.13
C LYS A 536 -14.44 -5.86 11.85
N ARG A 537 -14.35 -6.64 10.77
CA ARG A 537 -15.44 -7.51 10.35
C ARG A 537 -15.73 -8.53 11.45
N ASN A 538 -14.69 -9.18 11.98
CA ASN A 538 -14.82 -10.17 13.03
C ASN A 538 -15.43 -9.53 14.28
N TYR A 539 -14.93 -8.34 14.64
CA TYR A 539 -15.23 -7.69 15.90
C TYR A 539 -16.69 -7.22 15.93
N PHE A 540 -17.18 -6.69 14.81
CA PHE A 540 -18.47 -6.04 14.81
C PHE A 540 -19.58 -6.96 14.30
N GLU A 541 -19.25 -8.23 14.06
CA GLU A 541 -20.25 -9.18 13.60
C GLU A 541 -21.40 -9.29 14.60
N GLY A 542 -22.59 -9.46 14.04
CA GLY A 542 -23.85 -9.06 14.66
C GLY A 542 -24.09 -7.59 14.34
N SER A 543 -24.03 -6.75 15.38
CA SER A 543 -23.92 -5.31 15.19
C SER A 543 -22.92 -4.74 16.18
N SER B 1 -18.24 -15.95 13.13
CA SER B 1 -18.60 -15.99 14.58
C SER B 1 -17.93 -17.18 15.25
N ASN B 2 -17.78 -17.10 16.57
CA ASN B 2 -17.16 -18.15 17.36
C ASN B 2 -18.23 -19.10 17.90
N SER B 3 -18.24 -20.32 17.37
CA SER B 3 -19.26 -21.32 17.70
C SER B 3 -18.98 -21.96 19.06
N GLN B 4 -17.75 -21.81 19.56
CA GLN B 4 -17.32 -22.42 20.82
C GLN B 4 -17.60 -21.49 22.00
N VAL B 5 -18.27 -20.36 21.74
CA VAL B 5 -18.66 -19.44 22.79
C VAL B 5 -20.19 -19.30 22.76
N GLN B 6 -20.82 -19.53 23.93
CA GLN B 6 -22.26 -19.41 24.10
C GLN B 6 -22.55 -18.37 25.17
N LEU B 7 -23.63 -17.60 24.97
CA LEU B 7 -24.07 -16.59 25.91
C LEU B 7 -25.53 -16.85 26.27
N VAL B 8 -25.84 -16.79 27.57
CA VAL B 8 -27.22 -16.96 28.04
C VAL B 8 -27.59 -15.78 28.93
N GLU B 9 -28.48 -14.92 28.42
CA GLU B 9 -28.99 -13.77 29.16
C GLU B 9 -30.21 -14.20 29.98
N SER B 10 -30.41 -13.52 31.12
CA SER B 10 -31.57 -13.76 31.95
C SER B 10 -31.93 -12.48 32.72
N GLY B 11 -33.12 -12.50 33.34
CA GLY B 11 -33.53 -11.45 34.27
C GLY B 11 -34.61 -10.53 33.71
N GLY B 12 -34.97 -10.72 32.44
CA GLY B 12 -36.00 -9.91 31.81
C GLY B 12 -37.38 -10.13 32.42
N GLY B 13 -38.35 -9.32 31.99
CA GLY B 13 -39.72 -9.45 32.44
C GLY B 13 -40.49 -8.13 32.35
N LEU B 14 -41.62 -8.07 33.05
CA LEU B 14 -42.44 -6.87 33.10
C LEU B 14 -42.09 -6.10 34.38
N VAL B 15 -41.88 -4.79 34.23
CA VAL B 15 -41.47 -3.93 35.33
C VAL B 15 -42.21 -2.59 35.22
N GLU B 16 -42.49 -1.96 36.36
CA GLU B 16 -43.23 -0.71 36.38
C GLU B 16 -42.27 0.45 36.08
N ALA B 17 -42.82 1.53 35.51
CA ALA B 17 -42.06 2.74 35.23
C ALA B 17 -41.43 3.25 36.53
N GLY B 18 -40.14 3.61 36.44
CA GLY B 18 -39.39 4.10 37.59
C GLY B 18 -38.74 2.98 38.40
N GLY B 19 -39.03 1.73 38.02
CA GLY B 19 -38.50 0.57 38.73
C GLY B 19 -37.07 0.24 38.30
N SER B 20 -36.49 -0.76 38.98
CA SER B 20 -35.15 -1.25 38.66
C SER B 20 -35.22 -2.70 38.21
N LEU B 21 -34.26 -3.10 37.37
CA LEU B 21 -34.14 -4.46 36.89
C LEU B 21 -32.68 -4.75 36.57
N ARG B 22 -32.24 -5.96 36.91
CA ARG B 22 -30.87 -6.37 36.64
C ARG B 22 -30.87 -7.55 35.68
N LEU B 23 -30.19 -7.38 34.54
CA LEU B 23 -29.98 -8.47 33.60
C LEU B 23 -28.61 -9.10 33.86
N SER B 24 -28.53 -10.42 33.65
CA SER B 24 -27.30 -11.18 33.78
C SER B 24 -27.02 -11.89 32.46
N CYS B 25 -25.74 -12.20 32.22
CA CYS B 25 -25.35 -13.04 31.10
C CYS B 25 -24.16 -13.90 31.52
N VAL B 26 -24.27 -15.21 31.27
CA VAL B 26 -23.18 -16.14 31.52
C VAL B 26 -22.59 -16.56 30.18
N VAL B 27 -21.25 -16.59 30.13
CA VAL B 27 -20.51 -16.86 28.90
C VAL B 27 -19.68 -18.13 29.10
N THR B 28 -19.63 -18.96 28.05
CA THR B 28 -18.75 -20.13 28.03
C THR B 28 -17.53 -19.82 27.17
N GLY B 29 -16.55 -20.73 27.19
CA GLY B 29 -15.37 -20.61 26.35
C GLY B 29 -14.22 -19.89 27.07
N SER B 30 -13.16 -19.58 26.31
CA SER B 30 -11.88 -19.23 26.90
C SER B 30 -11.40 -17.84 26.46
N SER B 31 -12.28 -17.05 25.83
CA SER B 31 -11.87 -15.78 25.25
C SER B 31 -12.36 -14.58 26.05
N PHE B 32 -13.12 -14.82 27.14
CA PHE B 32 -13.83 -13.76 27.85
C PHE B 32 -12.90 -12.63 28.25
N SER B 33 -11.74 -12.98 28.83
CA SER B 33 -10.85 -12.06 29.51
C SER B 33 -10.07 -11.17 28.53
N THR B 34 -10.11 -11.50 27.23
CA THR B 34 -9.40 -10.71 26.23
C THR B 34 -10.38 -10.12 25.21
N SER B 35 -11.68 -10.19 25.53
CA SER B 35 -12.74 -9.74 24.64
C SER B 35 -13.45 -8.53 25.23
N THR B 36 -14.16 -7.77 24.38
CA THR B 36 -15.08 -6.77 24.86
C THR B 36 -16.48 -7.37 24.98
N MET B 37 -17.14 -7.08 26.11
CA MET B 37 -18.54 -7.45 26.30
C MET B 37 -19.41 -6.23 26.01
N ALA B 38 -20.58 -6.47 25.38
CA ALA B 38 -21.51 -5.40 25.05
C ALA B 38 -22.95 -5.84 25.27
N TRP B 39 -23.80 -4.87 25.65
CA TRP B 39 -25.25 -5.06 25.67
C TRP B 39 -25.88 -4.22 24.56
N TYR B 40 -26.93 -4.80 23.96
CA TYR B 40 -27.73 -4.16 22.92
C TYR B 40 -29.19 -4.34 23.30
N ARG B 41 -30.08 -3.67 22.55
CA ARG B 41 -31.52 -3.86 22.70
C ARG B 41 -32.22 -3.62 21.37
N GLN B 42 -33.27 -4.39 21.11
CA GLN B 42 -34.11 -4.22 19.93
C GLN B 42 -35.51 -3.85 20.38
N PRO B 43 -35.87 -2.55 20.34
CA PRO B 43 -37.21 -2.11 20.72
C PRO B 43 -38.21 -2.52 19.65
N PRO B 44 -39.51 -2.70 19.99
CA PRO B 44 -40.51 -3.12 19.00
C PRO B 44 -40.62 -2.13 17.84
N GLY B 45 -40.54 -2.66 16.61
CA GLY B 45 -40.71 -1.87 15.41
C GLY B 45 -39.42 -1.21 14.92
N LYS B 46 -38.41 -1.14 15.81
CA LYS B 46 -37.15 -0.48 15.49
C LYS B 46 -36.04 -1.52 15.37
N GLN B 47 -34.92 -1.10 14.75
CA GLN B 47 -33.74 -1.93 14.59
C GLN B 47 -33.00 -2.01 15.93
N ARG B 48 -32.11 -3.01 16.04
N ARG B 48 -32.11 -3.01 16.04
CA ARG B 48 -31.31 -3.24 17.23
CA ARG B 48 -31.31 -3.24 17.23
C ARG B 48 -30.34 -2.08 17.42
C ARG B 48 -30.34 -2.08 17.42
N GLU B 49 -30.17 -1.65 18.68
CA GLU B 49 -29.30 -0.53 19.02
C GLU B 49 -28.37 -0.90 20.16
N TRP B 50 -27.19 -0.26 20.18
CA TRP B 50 -26.16 -0.51 21.17
C TRP B 50 -26.50 0.21 22.49
N VAL B 51 -26.18 -0.43 23.62
CA VAL B 51 -26.56 0.09 24.92
C VAL B 51 -25.33 0.44 25.76
N ALA B 52 -24.41 -0.52 25.90
CA ALA B 52 -23.27 -0.37 26.79
C ALA B 52 -22.17 -1.35 26.38
N SER B 53 -20.92 -1.03 26.75
CA SER B 53 -19.80 -1.93 26.53
C SER B 53 -18.79 -1.82 27.65
N PHE B 54 -18.06 -2.91 27.89
CA PHE B 54 -17.04 -2.99 28.92
C PHE B 54 -15.87 -3.80 28.35
N THR B 55 -14.76 -3.12 28.05
CA THR B 55 -13.63 -3.76 27.36
C THR B 55 -12.84 -4.62 28.33
N SER B 56 -12.00 -5.51 27.79
CA SER B 56 -11.13 -6.33 28.61
C SER B 56 -10.07 -5.46 29.29
N GLY B 57 -9.79 -4.28 28.70
CA GLY B 57 -8.89 -3.30 29.28
C GLY B 57 -9.54 -2.46 30.39
N GLY B 58 -10.87 -2.55 30.53
CA GLY B 58 -11.56 -1.98 31.67
C GLY B 58 -12.36 -0.70 31.38
N ALA B 59 -12.53 -0.36 30.09
CA ALA B 59 -13.23 0.85 29.70
C ALA B 59 -14.73 0.59 29.57
N ILE B 60 -15.54 1.48 30.14
CA ILE B 60 -16.99 1.37 30.14
C ILE B 60 -17.57 2.52 29.32
N LYS B 61 -18.53 2.19 28.46
CA LYS B 61 -19.24 3.19 27.67
C LYS B 61 -20.73 2.91 27.70
N TYR B 62 -21.54 3.98 27.53
CA TYR B 62 -22.99 3.88 27.50
C TYR B 62 -23.54 4.74 26.36
N THR B 63 -24.66 4.30 25.79
CA THR B 63 -25.44 5.15 24.89
C THR B 63 -26.03 6.30 25.70
N ASP B 64 -26.22 7.45 25.05
CA ASP B 64 -26.62 8.69 25.70
C ASP B 64 -27.92 8.51 26.49
N SER B 65 -28.91 7.85 25.87
CA SER B 65 -30.27 7.78 26.42
C SER B 65 -30.31 6.97 27.72
N VAL B 66 -29.15 6.42 28.12
CA VAL B 66 -29.09 5.45 29.20
C VAL B 66 -28.11 5.91 30.28
N LYS B 67 -27.26 6.89 29.93
CA LYS B 67 -26.26 7.41 30.84
C LYS B 67 -26.90 7.91 32.12
N GLY B 68 -26.33 7.49 33.26
CA GLY B 68 -26.79 7.91 34.57
C GLY B 68 -27.85 6.99 35.16
N ARG B 69 -28.35 6.06 34.33
CA ARG B 69 -29.44 5.18 34.74
C ARG B 69 -28.96 3.72 34.75
N PHE B 70 -28.19 3.33 33.74
CA PHE B 70 -27.72 1.94 33.64
C PHE B 70 -26.27 1.84 34.12
N THR B 71 -25.94 0.67 34.70
CA THR B 71 -24.60 0.34 35.14
C THR B 71 -24.23 -1.06 34.64
N MET B 72 -23.20 -1.12 33.79
CA MET B 72 -22.69 -2.39 33.29
C MET B 72 -21.47 -2.80 34.11
N SER B 73 -21.36 -4.10 34.39
CA SER B 73 -20.20 -4.66 35.06
C SER B 73 -19.82 -6.00 34.41
N ARG B 74 -18.59 -6.44 34.69
CA ARG B 74 -18.11 -7.73 34.18
C ARG B 74 -17.21 -8.39 35.20
N ASP B 75 -17.21 -9.73 35.19
CA ASP B 75 -16.47 -10.55 36.13
C ASP B 75 -15.74 -11.65 35.35
N ASN B 76 -14.42 -11.50 35.22
CA ASN B 76 -13.60 -12.38 34.41
C ASN B 76 -13.59 -13.81 34.97
N ALA B 77 -13.59 -13.92 36.30
CA ALA B 77 -13.51 -15.22 36.97
C ALA B 77 -14.79 -16.02 36.72
N LYS B 78 -15.95 -15.35 36.82
CA LYS B 78 -17.25 -15.99 36.65
C LYS B 78 -17.65 -16.03 35.18
N LYS B 79 -16.95 -15.24 34.35
CA LYS B 79 -17.28 -15.08 32.94
C LYS B 79 -18.72 -14.61 32.81
N MET B 80 -19.05 -13.53 33.54
CA MET B 80 -20.40 -13.00 33.54
C MET B 80 -20.36 -11.48 33.40
N THR B 81 -21.42 -10.95 32.80
CA THR B 81 -21.65 -9.52 32.70
C THR B 81 -23.07 -9.21 33.18
N TYR B 82 -23.24 -8.00 33.73
CA TYR B 82 -24.52 -7.57 34.28
C TYR B 82 -24.85 -6.19 33.75
N LEU B 83 -26.14 -5.96 33.51
CA LEU B 83 -26.66 -4.63 33.23
C LEU B 83 -27.70 -4.27 34.28
N GLN B 84 -27.31 -3.38 35.19
CA GLN B 84 -28.21 -2.85 36.20
C GLN B 84 -28.95 -1.66 35.61
N MET B 85 -30.28 -1.77 35.56
CA MET B 85 -31.13 -0.72 35.00
C MET B 85 -31.92 -0.08 36.13
N GLU B 86 -31.91 1.26 36.20
CA GLU B 86 -32.60 2.01 37.22
C GLU B 86 -33.45 3.08 36.54
N ASN B 87 -34.48 3.55 37.26
CA ASN B 87 -35.39 4.58 36.78
C ASN B 87 -35.84 4.24 35.36
N LEU B 88 -36.41 3.04 35.20
CA LEU B 88 -36.79 2.52 33.91
C LEU B 88 -37.95 3.33 33.33
N LYS B 89 -37.90 3.52 32.01
CA LYS B 89 -38.89 4.31 31.29
C LYS B 89 -39.53 3.42 30.23
N PRO B 90 -40.78 3.72 29.77
CA PRO B 90 -41.45 2.91 28.75
C PRO B 90 -40.65 2.73 27.47
N GLU B 91 -39.77 3.70 27.15
CA GLU B 91 -39.00 3.62 25.92
C GLU B 91 -37.82 2.64 26.07
N ASP B 92 -37.66 2.08 27.28
CA ASP B 92 -36.64 1.08 27.54
C ASP B 92 -37.15 -0.31 27.17
N THR B 93 -38.44 -0.43 26.81
CA THR B 93 -38.97 -1.75 26.49
C THR B 93 -38.35 -2.25 25.19
N ALA B 94 -37.81 -3.47 25.25
CA ALA B 94 -37.06 -4.06 24.16
C ALA B 94 -36.64 -5.48 24.56
N VAL B 95 -36.15 -6.23 23.56
CA VAL B 95 -35.38 -7.43 23.82
C VAL B 95 -33.91 -7.02 23.98
N TYR B 96 -33.32 -7.35 25.13
CA TYR B 96 -31.93 -7.02 25.42
C TYR B 96 -31.05 -8.24 25.15
N TYR B 97 -29.97 -8.01 24.39
N TYR B 97 -29.96 -8.00 24.40
CA TYR B 97 -29.03 -9.06 24.01
CA TYR B 97 -29.04 -9.07 24.02
C TYR B 97 -27.63 -8.70 24.49
C TYR B 97 -27.63 -8.70 24.45
N CYS B 98 -26.83 -9.73 24.78
CA CYS B 98 -25.44 -9.56 25.15
C CYS B 98 -24.55 -10.16 24.06
N ALA B 99 -23.40 -9.53 23.84
CA ALA B 99 -22.45 -10.02 22.84
C ALA B 99 -21.03 -9.99 23.40
N LEU B 100 -20.25 -11.01 23.02
CA LEU B 100 -18.81 -11.00 23.19
C LEU B 100 -18.20 -10.63 21.84
N HIS B 101 -17.34 -9.61 21.84
CA HIS B 101 -16.70 -9.15 20.62
C HIS B 101 -15.20 -9.44 20.67
N ASN B 102 -14.71 -10.16 19.67
CA ASN B 102 -13.30 -10.52 19.56
C ASN B 102 -12.89 -10.51 18.09
N ALA B 103 -11.90 -9.66 17.78
CA ALA B 103 -11.44 -9.49 16.41
C ALA B 103 -10.62 -10.69 15.95
N VAL B 104 -10.11 -11.48 16.90
CA VAL B 104 -9.20 -12.57 16.55
C VAL B 104 -9.97 -13.89 16.48
N SER B 105 -10.67 -14.24 17.57
CA SER B 105 -11.35 -15.52 17.66
C SER B 105 -12.81 -15.42 17.24
N GLY B 106 -13.31 -14.20 17.01
CA GLY B 106 -14.67 -14.00 16.54
C GLY B 106 -15.64 -13.61 17.65
N SER B 107 -16.83 -13.12 17.24
CA SER B 107 -17.86 -12.63 18.14
C SER B 107 -18.98 -13.66 18.30
N SER B 108 -19.69 -13.59 19.43
CA SER B 108 -20.85 -14.43 19.69
C SER B 108 -21.91 -13.61 20.43
N TRP B 109 -23.18 -13.97 20.20
N TRP B 109 -23.18 -13.93 20.20
CA TRP B 109 -24.31 -13.27 20.78
CA TRP B 109 -24.24 -13.23 20.90
C TRP B 109 -25.22 -14.27 21.50
C TRP B 109 -25.25 -14.22 21.45
N GLY B 110 -25.96 -13.78 22.50
CA GLY B 110 -27.04 -14.56 23.09
C GLY B 110 -28.35 -14.38 22.32
N ARG B 111 -29.39 -15.07 22.78
CA ARG B 111 -30.69 -15.00 22.13
C ARG B 111 -31.54 -13.89 22.75
N GLY B 112 -31.08 -13.35 23.88
CA GLY B 112 -31.70 -12.15 24.45
C GLY B 112 -32.72 -12.47 25.53
N THR B 113 -33.16 -11.41 26.22
CA THR B 113 -34.15 -11.46 27.28
C THR B 113 -35.05 -10.23 27.15
N GLN B 114 -36.36 -10.44 27.15
CA GLN B 114 -37.32 -9.37 26.91
C GLN B 114 -37.55 -8.56 28.17
N VAL B 115 -37.65 -7.23 28.00
CA VAL B 115 -37.96 -6.31 29.08
C VAL B 115 -39.13 -5.44 28.62
N THR B 116 -40.20 -5.42 29.42
CA THR B 116 -41.32 -4.53 29.18
C THR B 116 -41.49 -3.60 30.38
N VAL B 117 -41.56 -2.30 30.11
CA VAL B 117 -41.77 -1.28 31.13
C VAL B 117 -43.17 -0.68 30.96
N SER B 118 -43.98 -0.79 32.01
CA SER B 118 -45.38 -0.38 32.01
C SER B 118 -45.50 1.14 32.06
N SER B 119 -46.45 1.65 31.26
CA SER B 119 -47.03 2.99 31.31
C SER B 119 -47.63 3.34 29.93
N GLY C 1 -45.15 -18.43 -18.78
CA GLY C 1 -45.16 -17.31 -19.76
C GLY C 1 -44.51 -16.05 -19.19
N MET C 2 -43.76 -15.35 -20.02
CA MET C 2 -42.93 -14.22 -19.59
C MET C 2 -43.79 -13.00 -19.28
N SER C 3 -44.97 -12.92 -19.91
CA SER C 3 -45.89 -11.79 -19.75
C SER C 3 -46.30 -11.61 -18.29
N LEU C 4 -46.53 -10.35 -17.89
CA LEU C 4 -46.86 -10.04 -16.50
C LEU C 4 -48.26 -10.55 -16.16
N VAL C 5 -48.40 -11.13 -14.96
CA VAL C 5 -49.67 -11.66 -14.50
C VAL C 5 -50.77 -10.60 -14.66
N ASN C 6 -51.96 -11.06 -15.05
CA ASN C 6 -53.12 -10.18 -15.19
C ASN C 6 -53.84 -10.09 -13.84
N ARG C 7 -54.93 -9.31 -13.82
CA ARG C 7 -55.68 -9.03 -12.60
C ARG C 7 -56.18 -10.32 -11.96
N LYS C 8 -56.81 -11.19 -12.76
CA LYS C 8 -57.39 -12.44 -12.26
C LYS C 8 -56.29 -13.30 -11.64
N GLN C 9 -55.11 -13.30 -12.26
CA GLN C 9 -54.00 -14.11 -11.80
C GLN C 9 -53.48 -13.58 -10.46
N LEU C 10 -53.44 -12.25 -10.31
CA LEU C 10 -52.96 -11.66 -9.07
C LEU C 10 -53.97 -11.92 -7.95
N GLU C 11 -55.27 -11.80 -8.27
CA GLU C 11 -56.34 -12.05 -7.32
C GLU C 11 -56.20 -13.46 -6.74
N LYS C 12 -55.86 -14.44 -7.58
CA LYS C 12 -55.70 -15.82 -7.14
C LYS C 12 -54.51 -15.94 -6.20
N MET C 13 -53.34 -15.44 -6.63
CA MET C 13 -52.13 -15.68 -5.87
C MET C 13 -52.11 -14.89 -4.56
N ALA C 14 -52.78 -13.73 -4.55
CA ALA C 14 -52.81 -12.87 -3.37
C ALA C 14 -54.10 -13.08 -2.58
N ASN C 15 -54.79 -14.20 -2.86
CA ASN C 15 -56.04 -14.52 -2.20
C ASN C 15 -55.75 -14.95 -0.76
N VAL C 16 -56.57 -14.43 0.16
CA VAL C 16 -56.61 -14.91 1.53
C VAL C 16 -58.09 -15.14 1.88
N ARG C 17 -58.44 -16.39 2.20
CA ARG C 17 -59.82 -16.73 2.52
C ARG C 17 -60.24 -15.96 3.78
N PHE C 18 -61.48 -15.44 3.76
CA PHE C 18 -62.13 -14.84 4.91
C PHE C 18 -61.57 -13.44 5.19
N ARG C 19 -60.83 -12.88 4.23
CA ARG C 19 -60.35 -11.51 4.33
C ARG C 19 -60.98 -10.69 3.20
N THR C 20 -61.70 -9.63 3.57
CA THR C 20 -62.33 -8.76 2.59
C THR C 20 -61.25 -7.97 1.85
N GLN C 21 -61.57 -7.57 0.61
CA GLN C 21 -60.64 -6.83 -0.23
C GLN C 21 -60.59 -5.38 0.24
N GLU C 22 -59.44 -4.98 0.79
CA GLU C 22 -59.23 -3.64 1.30
C GLU C 22 -59.11 -2.66 0.13
N ASP C 23 -59.35 -1.38 0.41
CA ASP C 23 -59.29 -0.32 -0.58
C ASP C 23 -57.89 -0.27 -1.23
N GLU C 24 -56.86 -0.47 -0.39
CA GLU C 24 -55.47 -0.40 -0.82
C GLU C 24 -55.13 -1.59 -1.73
N TYR C 25 -55.85 -2.70 -1.56
CA TYR C 25 -55.62 -3.91 -2.35
C TYR C 25 -56.30 -3.76 -3.72
N VAL C 26 -57.54 -3.26 -3.70
CA VAL C 26 -58.32 -3.06 -4.93
C VAL C 26 -57.57 -2.09 -5.84
N ALA C 27 -56.92 -1.09 -5.24
CA ALA C 27 -56.16 -0.08 -5.97
C ALA C 27 -55.07 -0.73 -6.80
N ILE C 28 -54.39 -1.74 -6.23
CA ILE C 28 -53.37 -2.50 -6.94
C ILE C 28 -54.00 -3.20 -8.14
N LEU C 29 -55.11 -3.93 -7.89
CA LEU C 29 -55.78 -4.71 -8.92
C LEU C 29 -56.26 -3.80 -10.04
N ASP C 30 -56.79 -2.63 -9.67
CA ASP C 30 -57.27 -1.64 -10.62
C ASP C 30 -56.13 -1.19 -11.54
N ALA C 31 -54.98 -0.86 -10.94
CA ALA C 31 -53.83 -0.35 -11.68
C ALA C 31 -53.25 -1.44 -12.58
N LEU C 32 -53.23 -2.68 -12.09
CA LEU C 32 -52.75 -3.82 -12.87
C LEU C 32 -53.61 -3.99 -14.11
N GLU C 33 -54.94 -3.89 -13.92
CA GLU C 33 -55.89 -4.04 -15.01
C GLU C 33 -55.65 -2.94 -16.03
N GLU C 34 -55.44 -1.71 -15.55
CA GLU C 34 -55.15 -0.56 -16.39
C GLU C 34 -53.90 -0.82 -17.23
N TYR C 35 -52.86 -1.40 -16.60
CA TYR C 35 -51.61 -1.65 -17.28
C TYR C 35 -51.81 -2.54 -18.51
N HIS C 36 -52.67 -3.55 -18.37
CA HIS C 36 -52.86 -4.53 -19.44
C HIS C 36 -53.71 -3.95 -20.58
N ASN C 37 -54.25 -2.74 -20.39
CA ASN C 37 -55.03 -2.06 -21.42
C ASN C 37 -54.22 -0.93 -22.04
N MET C 38 -52.88 -0.99 -21.92
CA MET C 38 -52.04 0.14 -22.27
C MET C 38 -51.12 -0.20 -23.44
N SER C 39 -51.54 -1.15 -24.29
CA SER C 39 -50.69 -1.65 -25.36
C SER C 39 -50.33 -0.55 -26.36
N GLU C 40 -51.15 0.50 -26.43
CA GLU C 40 -50.99 1.57 -27.40
C GLU C 40 -50.21 2.75 -26.83
N ASN C 41 -49.84 2.66 -25.54
CA ASN C 41 -49.15 3.76 -24.88
C ASN C 41 -47.65 3.68 -25.17
N THR C 42 -46.92 4.72 -24.75
CA THR C 42 -45.47 4.76 -24.89
C THR C 42 -44.82 3.89 -23.83
N VAL C 43 -43.54 3.56 -24.06
CA VAL C 43 -42.75 2.75 -23.14
C VAL C 43 -42.66 3.45 -21.79
N VAL C 44 -42.41 4.76 -21.80
CA VAL C 44 -42.26 5.53 -20.57
C VAL C 44 -43.57 5.52 -19.79
N GLU C 45 -44.70 5.62 -20.51
CA GLU C 45 -46.02 5.59 -19.90
C GLU C 45 -46.27 4.23 -19.26
N LYS C 46 -45.85 3.16 -19.95
CA LYS C 46 -45.98 1.81 -19.42
C LYS C 46 -45.14 1.68 -18.15
N TYR C 47 -43.91 2.23 -18.17
CA TYR C 47 -43.03 2.15 -17.02
C TYR C 47 -43.66 2.89 -15.83
N LEU C 48 -44.23 4.08 -16.08
CA LEU C 48 -44.79 4.89 -15.03
C LEU C 48 -45.99 4.18 -14.39
N LYS C 49 -46.73 3.41 -15.20
CA LYS C 49 -47.84 2.62 -14.70
C LYS C 49 -47.31 1.53 -13.77
N LEU C 50 -46.29 0.81 -14.23
CA LEU C 50 -45.63 -0.20 -13.41
C LEU C 50 -45.12 0.41 -12.11
N LYS C 51 -44.60 1.65 -12.18
CA LYS C 51 -44.09 2.34 -11.00
C LYS C 51 -45.23 2.58 -10.02
N ASP C 52 -46.39 3.04 -10.55
CA ASP C 52 -47.58 3.28 -9.75
C ASP C 52 -48.05 1.99 -9.07
N ILE C 53 -47.99 0.87 -9.80
CA ILE C 53 -48.42 -0.42 -9.28
C ILE C 53 -47.53 -0.81 -8.10
N ASN C 54 -46.21 -0.61 -8.26
CA ASN C 54 -45.25 -0.96 -7.22
C ASN C 54 -45.48 -0.09 -5.98
N SER C 55 -45.78 1.19 -6.21
CA SER C 55 -46.02 2.14 -5.13
C SER C 55 -47.25 1.73 -4.32
N LEU C 56 -48.33 1.39 -5.03
CA LEU C 56 -49.59 1.00 -4.39
C LEU C 56 -49.40 -0.28 -3.60
N THR C 57 -48.55 -1.19 -4.11
CA THR C 57 -48.25 -2.45 -3.45
C THR C 57 -47.49 -2.18 -2.14
N ASP C 58 -46.53 -1.24 -2.19
CA ASP C 58 -45.73 -0.89 -1.04
C ASP C 58 -46.61 -0.26 0.04
N ILE C 59 -47.59 0.53 -0.39
CA ILE C 59 -48.52 1.18 0.53
C ILE C 59 -49.35 0.12 1.26
N TYR C 60 -49.75 -0.93 0.54
CA TYR C 60 -50.51 -2.01 1.17
C TYR C 60 -49.69 -2.71 2.24
N ILE C 61 -48.46 -3.12 1.87
CA ILE C 61 -47.60 -3.89 2.75
C ILE C 61 -47.28 -3.09 4.01
N ASP C 62 -47.18 -1.76 3.86
CA ASP C 62 -46.85 -0.87 4.96
C ASP C 62 -48.08 -0.64 5.85
N THR C 63 -49.28 -0.64 5.25
CA THR C 63 -50.52 -0.41 5.96
C THR C 63 -50.90 -1.65 6.79
N TYR C 64 -50.75 -2.83 6.17
CA TYR C 64 -51.13 -4.09 6.82
C TYR C 64 -49.91 -5.00 6.91
N LYS C 65 -49.07 -4.75 7.91
CA LYS C 65 -47.74 -5.35 8.02
C LYS C 65 -47.83 -6.84 8.35
N LYS C 66 -49.04 -7.30 8.64
CA LYS C 66 -49.29 -8.65 9.16
C LYS C 66 -50.10 -9.46 8.15
N SER C 67 -50.49 -8.83 7.03
CA SER C 67 -51.45 -9.40 6.09
C SER C 67 -50.92 -10.69 5.49
N GLY C 68 -51.84 -11.66 5.31
CA GLY C 68 -51.52 -12.94 4.69
C GLY C 68 -51.20 -12.81 3.20
N ARG C 69 -51.52 -11.66 2.61
CA ARG C 69 -51.34 -11.39 1.19
C ARG C 69 -49.91 -10.95 0.89
N ASN C 70 -49.18 -10.53 1.94
CA ASN C 70 -47.91 -9.85 1.80
C ASN C 70 -46.88 -10.72 1.08
N LYS C 71 -46.88 -12.03 1.39
CA LYS C 71 -45.96 -12.98 0.79
C LYS C 71 -46.13 -12.96 -0.73
N ALA C 72 -47.39 -13.01 -1.18
CA ALA C 72 -47.73 -13.06 -2.59
C ALA C 72 -47.44 -11.72 -3.26
N LEU C 73 -47.67 -10.62 -2.53
CA LEU C 73 -47.46 -9.29 -3.07
C LEU C 73 -45.96 -9.01 -3.23
N LYS C 74 -45.15 -9.61 -2.35
CA LYS C 74 -43.71 -9.49 -2.45
C LYS C 74 -43.21 -10.25 -3.68
N LYS C 75 -43.84 -11.39 -3.97
CA LYS C 75 -43.55 -12.16 -5.17
C LYS C 75 -43.97 -11.36 -6.40
N PHE C 76 -45.12 -10.69 -6.30
CA PHE C 76 -45.65 -9.86 -7.37
C PHE C 76 -44.69 -8.72 -7.70
N LYS C 77 -44.07 -8.13 -6.66
CA LYS C 77 -43.10 -7.07 -6.83
C LYS C 77 -41.91 -7.54 -7.67
N GLU C 78 -41.50 -8.80 -7.45
CA GLU C 78 -40.44 -9.42 -8.25
C GLU C 78 -40.87 -9.51 -9.71
N TYR C 79 -42.16 -9.81 -9.94
CA TYR C 79 -42.69 -9.95 -11.29
C TYR C 79 -42.69 -8.60 -12.01
N LEU C 80 -42.87 -7.51 -11.26
CA LEU C 80 -42.88 -6.17 -11.81
C LEU C 80 -41.49 -5.83 -12.36
N VAL C 81 -40.44 -6.21 -11.61
CA VAL C 81 -39.07 -5.96 -11.99
C VAL C 81 -38.79 -6.67 -13.33
N THR C 82 -39.15 -7.95 -13.40
CA THR C 82 -38.98 -8.76 -14.61
C THR C 82 -39.70 -8.09 -15.80
N GLU C 83 -40.87 -7.50 -15.55
CA GLU C 83 -41.65 -6.87 -16.60
C GLU C 83 -40.93 -5.63 -17.14
N VAL C 84 -40.23 -4.90 -16.27
CA VAL C 84 -39.46 -3.74 -16.68
C VAL C 84 -38.39 -4.16 -17.69
N LEU C 85 -37.69 -5.25 -17.38
CA LEU C 85 -36.63 -5.75 -18.24
C LEU C 85 -37.22 -6.23 -19.58
N GLU C 86 -38.41 -6.83 -19.52
CA GLU C 86 -39.12 -7.30 -20.70
C GLU C 86 -39.48 -6.10 -21.57
N LEU C 87 -40.03 -5.06 -20.95
CA LEU C 87 -40.39 -3.81 -21.60
C LEU C 87 -39.15 -3.18 -22.24
N LYS C 88 -38.00 -3.28 -21.56
CA LYS C 88 -36.74 -2.72 -22.00
C LYS C 88 -36.25 -3.42 -23.26
N ASN C 89 -36.40 -4.76 -23.30
CA ASN C 89 -35.79 -5.56 -24.35
C ASN C 89 -36.68 -5.63 -25.59
N ASN C 90 -37.97 -5.32 -25.45
CA ASN C 90 -38.95 -5.62 -26.49
C ASN C 90 -39.37 -4.36 -27.26
N ASN C 91 -39.00 -3.18 -26.77
CA ASN C 91 -39.43 -1.94 -27.40
C ASN C 91 -38.23 -1.03 -27.62
N LEU C 92 -37.68 -1.08 -28.84
CA LEU C 92 -36.45 -0.38 -29.15
C LEU C 92 -36.72 0.75 -30.15
N THR C 93 -36.03 1.88 -29.95
CA THR C 93 -36.09 3.02 -30.85
C THR C 93 -34.67 3.37 -31.31
N PRO C 94 -34.51 4.00 -32.50
CA PRO C 94 -33.18 4.31 -33.03
C PRO C 94 -32.38 5.27 -32.15
N VAL C 95 -31.09 4.97 -32.00
CA VAL C 95 -30.16 5.84 -31.29
C VAL C 95 -29.64 6.89 -32.27
N GLU C 96 -29.82 8.17 -31.93
CA GLU C 96 -29.33 9.29 -32.72
C GLU C 96 -27.85 9.09 -33.01
N LYS C 97 -27.43 9.39 -34.25
CA LYS C 97 -26.07 9.09 -34.68
C LYS C 97 -25.12 10.23 -34.30
N ASN C 98 -24.80 10.30 -33.00
CA ASN C 98 -23.85 11.26 -32.47
C ASN C 98 -22.81 10.53 -31.63
N LEU C 99 -21.53 10.86 -31.84
CA LEU C 99 -20.46 10.47 -30.94
C LEU C 99 -20.08 11.69 -30.10
N HIS C 100 -20.06 11.50 -28.77
CA HIS C 100 -19.71 12.57 -27.86
C HIS C 100 -18.39 12.25 -27.16
N PHE C 101 -17.41 13.15 -27.32
CA PHE C 101 -16.18 13.14 -26.55
C PHE C 101 -16.14 14.43 -25.73
N VAL C 102 -15.30 14.44 -24.68
CA VAL C 102 -15.14 15.60 -23.83
C VAL C 102 -13.65 15.83 -23.60
N TRP C 103 -13.22 17.08 -23.82
CA TRP C 103 -11.89 17.52 -23.41
C TRP C 103 -11.94 18.97 -22.96
N ILE C 104 -11.97 19.16 -21.64
CA ILE C 104 -12.12 20.47 -21.03
C ILE C 104 -10.89 20.80 -20.18
N GLY C 105 -10.59 22.09 -20.03
CA GLY C 105 -9.70 22.58 -19.00
C GLY C 105 -8.25 22.74 -19.47
N GLY C 106 -8.00 22.43 -20.75
CA GLY C 106 -6.67 22.48 -21.32
C GLY C 106 -6.65 22.01 -22.77
N GLN C 107 -5.47 22.07 -23.39
CA GLN C 107 -5.32 21.74 -24.79
C GLN C 107 -5.45 20.24 -25.01
N ILE C 108 -6.24 19.86 -26.03
CA ILE C 108 -6.37 18.47 -26.44
C ILE C 108 -5.04 18.03 -27.07
N ASN C 109 -4.60 16.80 -26.75
CA ASN C 109 -3.33 16.33 -27.26
C ASN C 109 -3.55 15.53 -28.55
N ASP C 110 -2.44 15.28 -29.26
CA ASP C 110 -2.45 14.63 -30.57
C ASP C 110 -2.99 13.21 -30.46
N THR C 111 -2.67 12.53 -29.35
CA THR C 111 -3.06 11.14 -29.17
C THR C 111 -4.59 11.02 -29.13
N ALA C 112 -5.25 11.94 -28.43
CA ALA C 112 -6.71 11.98 -28.36
C ALA C 112 -7.30 12.18 -29.76
N ILE C 113 -6.73 13.12 -30.51
CA ILE C 113 -7.19 13.43 -31.87
C ILE C 113 -7.05 12.19 -32.75
N ASN C 114 -5.94 11.46 -32.61
CA ASN C 114 -5.65 10.30 -33.44
C ASN C 114 -6.65 9.19 -33.16
N TYR C 115 -7.05 9.03 -31.89
CA TYR C 115 -8.02 8.03 -31.48
C TYR C 115 -9.41 8.41 -32.01
N ILE C 116 -9.78 9.69 -31.85
CA ILE C 116 -11.07 10.20 -32.30
C ILE C 116 -11.20 9.96 -33.81
N ASN C 117 -10.11 10.16 -34.54
CA ASN C 117 -10.10 10.05 -36.00
C ASN C 117 -10.39 8.61 -36.44
N GLN C 118 -10.04 7.63 -35.60
CA GLN C 118 -10.33 6.24 -35.92
C GLN C 118 -11.84 6.04 -35.96
N TRP C 119 -12.55 6.62 -34.98
CA TRP C 119 -14.00 6.54 -34.92
C TRP C 119 -14.62 7.22 -36.13
N LYS C 120 -14.08 8.39 -36.49
CA LYS C 120 -14.56 9.18 -37.62
C LYS C 120 -14.43 8.35 -38.91
N ASP C 121 -13.29 7.69 -39.07
CA ASP C 121 -12.93 7.00 -40.29
C ASP C 121 -13.89 5.85 -40.60
N VAL C 122 -14.51 5.25 -39.58
CA VAL C 122 -15.37 4.09 -39.81
C VAL C 122 -16.83 4.40 -39.45
N ASN C 123 -17.12 5.66 -39.13
CA ASN C 123 -18.48 6.07 -38.79
C ASN C 123 -18.83 7.39 -39.47
N SER C 124 -18.70 7.42 -40.80
CA SER C 124 -18.92 8.64 -41.58
C SER C 124 -20.37 9.12 -41.46
N ASP C 125 -21.26 8.24 -41.01
CA ASP C 125 -22.67 8.57 -40.87
C ASP C 125 -22.95 9.19 -39.49
N TYR C 126 -21.92 9.29 -38.65
CA TYR C 126 -22.10 9.85 -37.31
C TYR C 126 -21.55 11.28 -37.26
N ASN C 127 -22.33 12.17 -36.65
CA ASN C 127 -21.84 13.49 -36.26
C ASN C 127 -20.99 13.32 -35.00
N VAL C 128 -19.90 14.10 -34.91
CA VAL C 128 -18.95 13.98 -33.81
C VAL C 128 -18.89 15.31 -33.06
N ASN C 129 -19.06 15.25 -31.73
CA ASN C 129 -18.88 16.39 -30.85
C ASN C 129 -17.69 16.11 -29.93
N VAL C 130 -16.76 17.07 -29.87
CA VAL C 130 -15.72 17.06 -28.86
C VAL C 130 -15.94 18.29 -27.97
N PHE C 131 -16.61 18.06 -26.84
CA PHE C 131 -17.01 19.15 -25.96
C PHE C 131 -15.78 19.76 -25.30
N TYR C 132 -15.75 21.10 -25.26
CA TYR C 132 -14.69 21.84 -24.62
C TYR C 132 -15.30 23.08 -23.97
N ASP C 133 -14.51 23.79 -23.18
CA ASP C 133 -14.95 25.02 -22.54
C ASP C 133 -14.04 26.16 -22.97
N SER C 134 -14.59 27.07 -23.80
CA SER C 134 -13.82 28.13 -24.42
C SER C 134 -13.40 29.18 -23.39
N ASN C 135 -13.95 29.08 -22.18
CA ASN C 135 -13.68 30.05 -21.13
C ASN C 135 -12.58 29.55 -20.19
N ALA C 136 -12.15 28.29 -20.34
CA ALA C 136 -11.41 27.68 -19.25
C ALA C 136 -10.28 26.77 -19.74
N PHE C 137 -9.47 27.25 -20.68
CA PHE C 137 -8.35 26.48 -21.20
C PHE C 137 -7.18 26.44 -20.23
N LEU C 138 -7.18 27.30 -19.19
CA LEU C 138 -6.00 27.45 -18.35
C LEU C 138 -6.15 26.74 -16.99
N ILE C 139 -7.26 26.03 -16.76
CA ILE C 139 -7.48 25.43 -15.45
C ILE C 139 -6.38 24.41 -15.14
N ASN C 140 -6.02 23.57 -16.13
CA ASN C 140 -5.00 22.56 -15.91
C ASN C 140 -3.65 23.22 -15.65
N THR C 141 -3.37 24.31 -16.38
CA THR C 141 -2.14 25.07 -16.17
C THR C 141 -2.09 25.58 -14.72
N LEU C 142 -3.24 26.09 -14.23
CA LEU C 142 -3.33 26.64 -12.89
C LEU C 142 -3.02 25.55 -11.87
N LYS C 143 -3.68 24.39 -12.02
CA LYS C 143 -3.53 23.30 -11.08
C LYS C 143 -2.07 22.83 -11.04
N LYS C 144 -1.50 22.58 -12.21
CA LYS C 144 -0.13 22.09 -12.34
C LYS C 144 0.84 23.07 -11.67
N THR C 145 0.62 24.37 -11.88
CA THR C 145 1.49 25.41 -11.36
C THR C 145 1.43 25.41 -9.83
N VAL C 146 0.20 25.40 -9.29
CA VAL C 146 -0.02 25.43 -7.85
C VAL C 146 0.59 24.19 -7.20
N VAL C 147 0.32 23.02 -7.79
CA VAL C 147 0.71 21.75 -7.19
C VAL C 147 2.23 21.58 -7.25
N GLU C 148 2.84 21.89 -8.41
CA GLU C 148 4.29 21.75 -8.58
C GLU C 148 5.03 22.61 -7.55
N SER C 149 4.60 23.86 -7.41
CA SER C 149 5.19 24.80 -6.49
C SER C 149 5.04 24.29 -5.05
N ALA C 150 3.88 23.69 -4.74
CA ALA C 150 3.59 23.17 -3.42
C ALA C 150 4.47 21.96 -3.10
N ILE C 151 4.71 21.09 -4.10
CA ILE C 151 5.56 19.94 -3.93
C ILE C 151 6.96 20.41 -3.54
N ASN C 152 7.45 21.43 -4.26
CA ASN C 152 8.82 21.89 -4.12
C ASN C 152 9.01 22.60 -2.78
N ASP C 153 8.00 23.37 -2.35
CA ASP C 153 7.99 24.01 -1.05
C ASP C 153 8.07 22.95 0.05
N THR C 154 7.27 21.88 -0.09
CA THR C 154 7.14 20.84 0.92
C THR C 154 8.46 20.09 1.06
N LEU C 155 9.07 19.70 -0.06
CA LEU C 155 10.27 18.89 -0.01
C LEU C 155 11.45 19.67 0.58
N GLU C 156 11.45 20.99 0.39
CA GLU C 156 12.50 21.82 0.99
C GLU C 156 12.50 21.66 2.52
N SER C 157 11.31 21.51 3.11
CA SER C 157 11.21 21.39 4.56
C SER C 157 11.69 20.02 5.05
N PHE C 158 11.90 19.08 4.11
CA PHE C 158 12.34 17.73 4.43
C PHE C 158 13.87 17.62 4.41
N ARG C 159 14.54 18.69 3.96
CA ARG C 159 15.95 18.67 3.58
C ARG C 159 16.82 18.02 4.65
N GLU C 160 16.62 18.41 5.92
CA GLU C 160 17.51 17.98 6.97
C GLU C 160 16.96 16.76 7.70
N ASN C 161 15.94 16.13 7.12
CA ASN C 161 15.21 15.06 7.81
C ASN C 161 15.00 13.87 6.88
N LEU C 162 15.91 13.67 5.92
CA LEU C 162 15.75 12.67 4.88
C LEU C 162 15.99 11.26 5.44
N ASN C 163 16.67 11.15 6.59
CA ASN C 163 16.89 9.86 7.22
C ASN C 163 15.93 9.66 8.40
N ASP C 164 14.97 10.58 8.55
CA ASP C 164 14.06 10.54 9.68
C ASP C 164 12.81 9.76 9.25
N PRO C 165 12.50 8.61 9.90
CA PRO C 165 11.38 7.77 9.49
C PRO C 165 10.00 8.42 9.67
N ARG C 166 9.95 9.55 10.39
CA ARG C 166 8.71 10.27 10.58
C ARG C 166 8.36 11.07 9.32
N PHE C 167 9.36 11.34 8.49
CA PHE C 167 9.17 12.11 7.27
C PHE C 167 8.83 11.17 6.12
N ASP C 168 7.62 10.57 6.21
CA ASP C 168 7.19 9.56 5.27
C ASP C 168 6.25 10.18 4.23
N TYR C 169 5.70 9.33 3.36
CA TYR C 169 4.81 9.80 2.30
C TYR C 169 3.57 10.45 2.88
N ASN C 170 3.09 9.91 4.02
CA ASN C 170 1.91 10.45 4.68
C ASN C 170 2.14 11.90 5.08
N LYS C 171 3.30 12.19 5.69
CA LYS C 171 3.62 13.56 6.07
C LYS C 171 3.69 14.44 4.82
N PHE C 172 4.33 13.92 3.76
CA PHE C 172 4.48 14.65 2.52
C PHE C 172 3.11 15.12 2.00
N PHE C 173 2.18 14.18 1.83
CA PHE C 173 0.91 14.50 1.20
C PHE C 173 0.09 15.46 2.07
N ARG C 174 0.21 15.29 3.39
CA ARG C 174 -0.49 16.11 4.36
C ARG C 174 0.03 17.55 4.30
N LYS C 175 1.36 17.71 4.34
CA LYS C 175 1.99 19.03 4.31
C LYS C 175 1.70 19.72 2.98
N ARG C 176 1.80 18.97 1.88
CA ARG C 176 1.56 19.51 0.55
C ARG C 176 0.14 20.10 0.44
N MET C 177 -0.84 19.40 1.02
CA MET C 177 -2.23 19.80 0.86
C MET C 177 -2.52 21.09 1.62
N GLU C 178 -1.82 21.32 2.74
CA GLU C 178 -1.97 22.55 3.49
C GLU C 178 -1.73 23.75 2.56
N ILE C 179 -0.73 23.62 1.68
CA ILE C 179 -0.37 24.68 0.76
C ILE C 179 -1.40 24.73 -0.37
N ILE C 180 -1.71 23.58 -0.97
CA ILE C 180 -2.65 23.53 -2.08
C ILE C 180 -3.98 24.15 -1.67
N TYR C 181 -4.50 23.75 -0.50
CA TYR C 181 -5.80 24.23 -0.04
C TYR C 181 -5.79 25.74 0.13
N ASP C 182 -4.70 26.29 0.70
CA ASP C 182 -4.58 27.71 0.92
C ASP C 182 -4.61 28.47 -0.40
N LYS C 183 -3.98 27.91 -1.43
CA LYS C 183 -3.95 28.52 -2.76
C LYS C 183 -5.33 28.44 -3.41
N GLN C 184 -6.00 27.30 -3.26
CA GLN C 184 -7.34 27.10 -3.79
C GLN C 184 -8.27 28.16 -3.20
N LYS C 185 -8.15 28.41 -1.89
CA LYS C 185 -8.96 29.42 -1.23
C LYS C 185 -8.60 30.80 -1.76
N ASN C 186 -7.29 31.08 -1.84
CA ASN C 186 -6.80 32.36 -2.31
C ASN C 186 -7.37 32.63 -3.70
N PHE C 187 -7.32 31.62 -4.57
CA PHE C 187 -7.77 31.78 -5.95
C PHE C 187 -9.28 32.03 -6.00
N ILE C 188 -10.08 31.24 -5.27
CA ILE C 188 -11.52 31.34 -5.40
C ILE C 188 -12.01 32.66 -4.82
N ASN C 189 -11.35 33.15 -3.78
CA ASN C 189 -11.71 34.43 -3.19
C ASN C 189 -11.40 35.54 -4.18
N TYR C 190 -10.30 35.38 -4.93
CA TYR C 190 -9.90 36.33 -5.96
C TYR C 190 -10.89 36.27 -7.11
N TYR C 191 -11.27 35.06 -7.53
CA TYR C 191 -12.22 34.85 -8.61
C TYR C 191 -13.53 35.57 -8.31
N LYS C 192 -14.03 35.41 -7.07
CA LYS C 192 -15.32 35.95 -6.67
C LYS C 192 -15.26 37.47 -6.62
N ALA C 193 -14.14 38.02 -6.11
CA ALA C 193 -13.96 39.45 -6.00
C ALA C 193 -13.89 40.08 -7.39
N GLN C 194 -13.20 39.40 -8.32
CA GLN C 194 -13.03 39.87 -9.68
C GLN C 194 -14.37 39.87 -10.42
N ARG C 195 -15.18 38.84 -10.18
CA ARG C 195 -16.48 38.69 -10.82
C ARG C 195 -17.44 39.78 -10.35
N GLU C 196 -17.36 40.11 -9.06
CA GLU C 196 -18.15 41.17 -8.45
C GLU C 196 -17.81 42.52 -9.08
N GLU C 197 -16.52 42.75 -9.31
CA GLU C 197 -16.02 44.02 -9.82
C GLU C 197 -16.34 44.16 -11.30
N ASN C 198 -16.12 43.09 -12.07
CA ASN C 198 -16.32 43.11 -13.51
C ASN C 198 -16.97 41.80 -13.95
N PRO C 199 -18.31 41.72 -14.03
CA PRO C 199 -19.01 40.49 -14.40
C PRO C 199 -18.78 39.98 -15.82
N GLU C 200 -18.05 40.76 -16.63
CA GLU C 200 -17.76 40.38 -18.00
C GLU C 200 -16.54 39.45 -18.07
N LEU C 201 -15.80 39.34 -16.95
CA LEU C 201 -14.58 38.54 -16.92
C LEU C 201 -14.94 37.05 -16.99
N ILE C 202 -14.23 36.32 -17.86
CA ILE C 202 -14.39 34.87 -17.96
C ILE C 202 -13.29 34.21 -17.12
N ILE C 203 -13.41 32.90 -16.92
CA ILE C 203 -12.50 32.12 -16.09
C ILE C 203 -11.06 32.39 -16.51
N ASP C 204 -10.77 32.29 -17.82
CA ASP C 204 -9.39 32.38 -18.30
C ASP C 204 -8.79 33.76 -18.05
N ASP C 205 -9.64 34.81 -18.07
CA ASP C 205 -9.19 36.17 -17.78
C ASP C 205 -8.62 36.23 -16.37
N ILE C 206 -9.34 35.62 -15.42
CA ILE C 206 -9.02 35.67 -14.01
C ILE C 206 -7.82 34.75 -13.72
N VAL C 207 -7.78 33.60 -14.39
CA VAL C 207 -6.71 32.64 -14.18
C VAL C 207 -5.38 33.25 -14.63
N LYS C 208 -5.38 33.87 -15.83
CA LYS C 208 -4.13 34.34 -16.41
C LYS C 208 -3.55 35.50 -15.58
N THR C 209 -4.42 36.38 -15.06
CA THR C 209 -3.91 37.46 -14.23
C THR C 209 -3.45 36.90 -12.89
N TYR C 210 -4.18 35.90 -12.36
CA TYR C 210 -3.78 35.25 -11.13
C TYR C 210 -2.39 34.62 -11.30
N LEU C 211 -2.16 33.95 -12.43
CA LEU C 211 -0.91 33.26 -12.67
C LEU C 211 0.24 34.25 -12.83
N SER C 212 -0.07 35.42 -13.43
CA SER C 212 0.90 36.48 -13.63
C SER C 212 1.31 37.10 -12.29
N ASN C 213 0.31 37.38 -11.44
CA ASN C 213 0.51 38.04 -10.16
C ASN C 213 1.19 37.11 -9.16
N GLU C 214 0.83 35.82 -9.19
CA GLU C 214 1.19 34.91 -8.12
C GLU C 214 2.43 34.08 -8.48
N TYR C 215 2.61 33.76 -9.76
CA TYR C 215 3.67 32.85 -10.17
C TYR C 215 4.50 33.41 -11.32
N SER C 216 4.39 34.74 -11.53
CA SER C 216 5.22 35.47 -12.48
C SER C 216 5.12 34.92 -13.91
N LYS C 217 3.97 34.34 -14.28
CA LYS C 217 3.76 33.85 -15.63
C LYS C 217 3.51 35.02 -16.57
N GLU C 218 3.88 34.85 -17.85
CA GLU C 218 3.72 35.88 -18.86
C GLU C 218 2.35 35.74 -19.52
N ILE C 219 1.54 36.80 -19.43
CA ILE C 219 0.19 36.79 -19.97
C ILE C 219 0.25 36.55 -21.48
N ASP C 220 1.29 37.06 -22.14
CA ASP C 220 1.48 36.91 -23.58
C ASP C 220 1.58 35.43 -23.95
N GLU C 221 2.30 34.65 -23.14
CA GLU C 221 2.50 33.23 -23.41
C GLU C 221 1.21 32.46 -23.15
N LEU C 222 0.44 32.89 -22.14
CA LEU C 222 -0.81 32.23 -21.79
C LEU C 222 -1.85 32.52 -22.87
N ASN C 223 -1.82 33.74 -23.42
CA ASN C 223 -2.72 34.14 -24.48
C ASN C 223 -2.50 33.27 -25.72
N THR C 224 -1.22 33.03 -26.04
CA THR C 224 -0.80 32.20 -27.16
C THR C 224 -1.33 30.78 -26.97
N TYR C 225 -1.20 30.27 -25.73
CA TYR C 225 -1.66 28.92 -25.40
C TYR C 225 -3.17 28.80 -25.59
N ILE C 226 -3.92 29.81 -25.12
CA ILE C 226 -5.37 29.84 -25.25
C ILE C 226 -5.73 29.75 -26.74
N GLU C 227 -5.10 30.63 -27.54
CA GLU C 227 -5.39 30.70 -28.97
C GLU C 227 -5.11 29.35 -29.63
N GLU C 228 -3.96 28.76 -29.30
CA GLU C 228 -3.56 27.49 -29.89
C GLU C 228 -4.53 26.39 -29.48
N SER C 229 -4.97 26.43 -28.21
CA SER C 229 -5.88 25.43 -27.68
C SER C 229 -7.23 25.51 -28.38
N LEU C 230 -7.73 26.75 -28.54
CA LEU C 230 -9.03 27.01 -29.16
C LEU C 230 -9.01 26.56 -30.62
N ASN C 231 -7.94 26.91 -31.35
CA ASN C 231 -7.82 26.60 -32.76
C ASN C 231 -7.80 25.09 -32.95
N LYS C 232 -7.04 24.39 -32.09
CA LYS C 232 -6.86 22.95 -32.23
C LYS C 232 -8.17 22.20 -32.04
N ILE C 233 -9.00 22.66 -31.08
CA ILE C 233 -10.23 21.94 -30.77
C ILE C 233 -11.33 22.26 -31.79
N THR C 234 -11.42 23.53 -32.21
CA THR C 234 -12.45 23.95 -33.16
C THR C 234 -12.22 23.30 -34.52
N GLN C 235 -10.97 22.92 -34.80
CA GLN C 235 -10.63 22.29 -36.06
C GLN C 235 -10.85 20.78 -35.99
N ASN C 236 -11.24 20.29 -34.81
CA ASN C 236 -11.44 18.86 -34.59
C ASN C 236 -12.79 18.62 -33.91
N SER C 237 -13.85 19.18 -34.52
CA SER C 237 -15.24 18.92 -34.16
C SER C 237 -15.58 19.48 -32.78
N GLY C 238 -14.88 20.54 -32.38
CA GLY C 238 -15.11 21.18 -31.10
C GLY C 238 -16.56 21.63 -30.94
N ASN C 239 -17.08 21.45 -29.74
CA ASN C 239 -18.42 21.88 -29.37
C ASN C 239 -18.33 22.59 -28.02
N ASP C 240 -18.62 23.88 -28.01
CA ASP C 240 -18.37 24.72 -26.84
C ASP C 240 -19.51 24.57 -25.83
N VAL C 241 -19.15 24.19 -24.61
CA VAL C 241 -20.05 24.11 -23.46
C VAL C 241 -20.75 25.45 -23.25
N ARG C 242 -20.07 26.55 -23.59
CA ARG C 242 -20.59 27.88 -23.32
C ARG C 242 -21.74 28.22 -24.27
N ASN C 243 -22.00 27.34 -25.25
CA ASN C 243 -23.13 27.49 -26.16
C ASN C 243 -24.19 26.41 -25.89
N PHE C 244 -23.98 25.59 -24.85
CA PHE C 244 -24.87 24.49 -24.52
C PHE C 244 -25.94 24.98 -23.54
N GLU C 245 -27.00 25.60 -24.09
CA GLU C 245 -27.93 26.41 -23.33
C GLU C 245 -28.67 25.58 -22.28
N GLU C 246 -29.10 24.37 -22.67
CA GLU C 246 -29.88 23.50 -21.79
C GLU C 246 -29.02 23.13 -20.58
N PHE C 247 -27.73 22.86 -20.81
CA PHE C 247 -26.79 22.54 -19.75
C PHE C 247 -26.59 23.75 -18.83
N LYS C 248 -26.35 24.92 -19.43
CA LYS C 248 -26.04 26.14 -18.69
C LYS C 248 -27.20 26.54 -17.78
N ASN C 249 -28.43 26.24 -18.20
CA ASN C 249 -29.61 26.74 -17.51
C ASN C 249 -30.14 25.72 -16.50
N GLY C 250 -29.57 24.51 -16.51
CA GLY C 250 -30.01 23.44 -15.64
C GLY C 250 -29.30 23.45 -14.30
N GLU C 251 -29.62 22.44 -13.48
CA GLU C 251 -29.21 22.34 -12.09
C GLU C 251 -27.83 21.69 -11.97
N SER C 252 -27.24 21.30 -13.10
CA SER C 252 -25.94 20.64 -13.08
C SER C 252 -24.80 21.64 -13.36
N PHE C 253 -25.15 22.81 -13.89
CA PHE C 253 -24.13 23.74 -14.36
C PHE C 253 -23.25 24.24 -13.21
N ASN C 254 -23.88 24.51 -12.06
CA ASN C 254 -23.16 25.00 -10.88
C ASN C 254 -22.21 23.92 -10.38
N LEU C 255 -22.60 22.64 -10.54
CA LEU C 255 -21.78 21.52 -10.12
C LEU C 255 -20.59 21.39 -11.05
N TYR C 256 -20.84 21.57 -12.35
CA TYR C 256 -19.80 21.58 -13.37
C TYR C 256 -18.75 22.64 -13.01
N GLU C 257 -19.22 23.84 -12.68
CA GLU C 257 -18.32 24.97 -12.42
C GLU C 257 -17.64 24.82 -11.06
N GLN C 258 -18.32 24.18 -10.10
CA GLN C 258 -17.71 23.86 -8.81
C GLN C 258 -16.46 23.01 -9.05
N GLU C 259 -16.58 21.99 -9.88
CA GLU C 259 -15.48 21.07 -10.15
C GLU C 259 -14.39 21.76 -10.97
N LEU C 260 -14.81 22.58 -11.93
CA LEU C 260 -13.90 23.22 -12.88
C LEU C 260 -13.08 24.31 -12.18
N VAL C 261 -13.77 25.21 -11.46
CA VAL C 261 -13.20 26.47 -11.03
C VAL C 261 -12.71 26.37 -9.59
N GLU C 262 -13.43 25.63 -8.73
CA GLU C 262 -13.12 25.60 -7.31
C GLU C 262 -12.14 24.47 -6.99
N ARG C 263 -12.38 23.28 -7.57
CA ARG C 263 -11.65 22.07 -7.21
C ARG C 263 -10.59 21.73 -8.25
N TRP C 264 -10.71 22.33 -9.45
CA TRP C 264 -9.83 22.06 -10.57
C TRP C 264 -9.83 20.57 -10.92
N ASN C 265 -11.00 19.93 -10.80
CA ASN C 265 -11.12 18.51 -11.10
C ASN C 265 -11.80 18.35 -12.47
N LEU C 266 -10.98 18.17 -13.51
CA LEU C 266 -11.44 18.11 -14.88
C LEU C 266 -12.15 16.78 -15.15
N ALA C 267 -11.70 15.72 -14.49
CA ALA C 267 -12.34 14.41 -14.63
C ALA C 267 -13.78 14.46 -14.11
N ALA C 268 -13.99 15.09 -12.95
CA ALA C 268 -15.31 15.18 -12.35
C ALA C 268 -16.23 16.09 -13.16
N ALA C 269 -15.68 17.19 -13.68
CA ALA C 269 -16.45 18.11 -14.50
C ALA C 269 -16.87 17.42 -15.80
N SER C 270 -15.99 16.57 -16.34
CA SER C 270 -16.27 15.75 -17.50
C SER C 270 -17.39 14.73 -17.21
N ASP C 271 -17.38 14.16 -15.99
CA ASP C 271 -18.40 13.21 -15.57
C ASP C 271 -19.77 13.87 -15.61
N ILE C 272 -19.84 15.12 -15.15
CA ILE C 272 -21.11 15.84 -15.04
C ILE C 272 -21.61 16.20 -16.44
N LEU C 273 -20.70 16.66 -17.31
CA LEU C 273 -21.06 17.13 -18.63
C LEU C 273 -21.53 15.99 -19.52
N ARG C 274 -20.81 14.86 -19.50
CA ARG C 274 -21.01 13.80 -20.48
C ARG C 274 -22.46 13.29 -20.47
N ILE C 275 -23.03 13.09 -19.26
CA ILE C 275 -24.34 12.48 -19.17
C ILE C 275 -25.43 13.50 -19.49
N SER C 276 -25.17 14.78 -19.19
CA SER C 276 -26.06 15.85 -19.61
C SER C 276 -26.10 15.96 -21.12
N ALA C 277 -24.92 15.86 -21.76
CA ALA C 277 -24.82 15.90 -23.21
C ALA C 277 -25.61 14.73 -23.83
N LEU C 278 -25.45 13.54 -23.24
CA LEU C 278 -26.10 12.34 -23.75
C LEU C 278 -27.63 12.49 -23.61
N LYS C 279 -28.08 12.99 -22.46
CA LYS C 279 -29.50 13.16 -22.20
C LYS C 279 -30.12 14.12 -23.21
N GLU C 280 -29.41 15.21 -23.52
CA GLU C 280 -29.97 16.31 -24.30
C GLU C 280 -29.97 15.99 -25.79
N ILE C 281 -29.05 15.12 -26.24
CA ILE C 281 -28.77 14.99 -27.66
C ILE C 281 -29.00 13.55 -28.10
N GLY C 282 -28.62 12.59 -27.24
CA GLY C 282 -28.65 11.18 -27.60
C GLY C 282 -27.40 10.77 -28.37
N GLY C 283 -27.12 9.47 -28.39
CA GLY C 283 -25.97 8.96 -29.12
C GLY C 283 -25.09 8.07 -28.25
N MET C 284 -23.77 8.20 -28.46
CA MET C 284 -22.81 7.38 -27.76
C MET C 284 -21.69 8.28 -27.22
N TYR C 285 -21.49 8.24 -25.90
CA TYR C 285 -20.35 8.93 -25.29
C TYR C 285 -19.17 7.96 -25.26
N LEU C 286 -17.97 8.50 -25.54
CA LEU C 286 -16.73 7.73 -25.49
C LEU C 286 -15.65 8.58 -24.83
N ASP C 287 -14.84 7.94 -23.97
CA ASP C 287 -13.58 8.48 -23.53
C ASP C 287 -12.62 8.47 -24.73
N VAL C 288 -11.68 9.43 -24.75
CA VAL C 288 -10.81 9.65 -25.90
C VAL C 288 -9.77 8.54 -26.02
N ASP C 289 -9.73 7.62 -25.04
CA ASP C 289 -8.76 6.55 -25.04
C ASP C 289 -9.41 5.24 -25.47
N MET C 290 -10.66 5.31 -25.94
CA MET C 290 -11.35 4.15 -26.51
C MET C 290 -11.13 4.14 -28.02
N LEU C 291 -11.13 2.92 -28.59
CA LEU C 291 -11.01 2.74 -30.03
C LEU C 291 -12.20 1.92 -30.54
N PRO C 292 -12.54 2.02 -31.85
CA PRO C 292 -13.64 1.21 -32.42
C PRO C 292 -13.41 -0.28 -32.21
N GLY C 293 -14.52 -1.03 -32.13
CA GLY C 293 -14.46 -2.48 -32.05
C GLY C 293 -13.76 -3.09 -33.26
N ILE C 294 -12.97 -4.15 -33.02
CA ILE C 294 -12.31 -4.90 -34.07
C ILE C 294 -13.36 -5.82 -34.72
N GLN C 295 -13.24 -6.01 -36.05
CA GLN C 295 -14.10 -6.94 -36.78
C GLN C 295 -14.04 -8.31 -36.09
N PRO C 296 -15.19 -8.90 -35.71
CA PRO C 296 -15.21 -10.11 -34.88
C PRO C 296 -14.36 -11.28 -35.40
N ASP C 297 -14.39 -11.49 -36.71
CA ASP C 297 -13.84 -12.70 -37.31
C ASP C 297 -12.45 -12.43 -37.88
N LEU C 298 -11.85 -11.28 -37.52
CA LEU C 298 -10.60 -10.83 -38.12
C LEU C 298 -9.46 -11.78 -37.77
N PHE C 299 -9.36 -12.18 -36.50
CA PHE C 299 -8.22 -12.94 -36.03
C PHE C 299 -8.64 -14.34 -35.58
N GLU C 300 -9.67 -14.90 -36.24
CA GLU C 300 -10.20 -16.20 -35.86
C GLU C 300 -9.23 -17.32 -36.24
N SER C 301 -8.36 -17.06 -37.22
CA SER C 301 -7.41 -18.04 -37.70
C SER C 301 -6.18 -18.10 -36.79
N ILE C 302 -6.05 -17.12 -35.89
CA ILE C 302 -4.98 -17.10 -34.90
C ILE C 302 -5.58 -17.40 -33.53
N GLU C 303 -5.15 -18.52 -32.93
CA GLU C 303 -5.59 -18.91 -31.60
C GLU C 303 -4.60 -18.40 -30.56
N LYS C 304 -5.08 -18.11 -29.35
CA LYS C 304 -4.25 -17.48 -28.33
C LYS C 304 -3.37 -18.50 -27.64
N PRO C 305 -2.03 -18.27 -27.60
CA PRO C 305 -1.12 -19.12 -26.82
C PRO C 305 -1.46 -19.01 -25.34
N SER C 306 -1.32 -20.10 -24.58
CA SER C 306 -1.88 -20.09 -23.24
C SER C 306 -0.89 -19.51 -22.22
N SER C 307 0.23 -18.96 -22.71
CA SER C 307 1.22 -18.33 -21.85
C SER C 307 0.95 -16.83 -21.68
N VAL C 308 -0.28 -16.39 -22.00
CA VAL C 308 -0.69 -15.00 -21.95
C VAL C 308 -2.18 -14.90 -21.63
N THR C 309 -2.58 -13.79 -20.97
CA THR C 309 -3.95 -13.54 -20.54
C THR C 309 -4.83 -13.09 -21.70
N VAL C 310 -6.15 -12.99 -21.45
CA VAL C 310 -7.08 -12.43 -22.42
C VAL C 310 -6.77 -10.95 -22.63
N ASP C 311 -6.38 -10.25 -21.55
CA ASP C 311 -6.04 -8.84 -21.60
C ASP C 311 -4.77 -8.61 -22.43
N PHE C 312 -3.81 -9.54 -22.31
CA PHE C 312 -2.58 -9.47 -23.09
C PHE C 312 -2.90 -9.66 -24.57
N TRP C 313 -3.81 -10.61 -24.85
CA TRP C 313 -4.20 -10.97 -26.20
C TRP C 313 -4.93 -9.81 -26.88
N GLU C 314 -5.86 -9.18 -26.14
CA GLU C 314 -6.66 -8.09 -26.65
C GLU C 314 -5.77 -6.90 -27.02
N MET C 315 -4.77 -6.63 -26.17
CA MET C 315 -3.81 -5.57 -26.41
C MET C 315 -2.97 -5.89 -27.64
N THR C 316 -2.61 -7.17 -27.80
CA THR C 316 -1.76 -7.62 -28.88
C THR C 316 -2.45 -7.40 -30.23
N LYS C 317 -3.76 -7.66 -30.28
CA LYS C 317 -4.55 -7.50 -31.50
C LYS C 317 -4.43 -6.07 -32.03
N LEU C 318 -4.59 -5.09 -31.13
CA LEU C 318 -4.53 -3.68 -31.51
C LEU C 318 -3.11 -3.29 -31.92
N GLU C 319 -2.12 -3.84 -31.22
CA GLU C 319 -0.73 -3.50 -31.47
C GLU C 319 -0.28 -4.03 -32.83
N ALA C 320 -0.81 -5.20 -33.21
CA ALA C 320 -0.53 -5.80 -34.51
C ALA C 320 -1.08 -4.90 -35.62
N ILE C 321 -2.33 -4.43 -35.43
CA ILE C 321 -3.00 -3.56 -36.38
C ILE C 321 -2.16 -2.30 -36.61
N MET C 322 -1.67 -1.72 -35.52
CA MET C 322 -0.99 -0.44 -35.58
C MET C 322 0.44 -0.59 -36.10
N LYS C 323 1.02 -1.79 -35.94
CA LYS C 323 2.36 -2.04 -36.43
C LYS C 323 2.36 -2.08 -37.96
N TYR C 324 1.37 -2.74 -38.55
CA TYR C 324 1.38 -3.07 -39.97
C TYR C 324 0.54 -2.09 -40.79
N LYS C 325 -0.44 -1.43 -40.14
CA LYS C 325 -1.30 -0.50 -40.84
C LYS C 325 -0.93 0.95 -40.50
N GLU C 326 -0.30 1.13 -39.33
CA GLU C 326 0.24 2.41 -38.88
C GLU C 326 -0.84 3.49 -38.83
N TYR C 327 -2.06 3.09 -38.44
CA TYR C 327 -3.19 4.00 -38.34
C TYR C 327 -2.91 5.08 -37.29
N ILE C 328 -2.28 4.67 -36.18
CA ILE C 328 -1.84 5.60 -35.15
C ILE C 328 -0.32 5.52 -35.06
N PRO C 329 0.39 6.64 -35.35
CA PRO C 329 1.85 6.64 -35.47
C PRO C 329 2.69 6.00 -34.36
N GLU C 330 2.56 6.47 -33.12
CA GLU C 330 3.52 6.13 -32.09
C GLU C 330 3.06 4.93 -31.26
N TYR C 331 2.13 4.14 -31.79
CA TYR C 331 1.48 3.11 -30.99
C TYR C 331 2.50 2.07 -30.55
N THR C 332 2.38 1.64 -29.27
CA THR C 332 3.29 0.70 -28.66
C THR C 332 3.23 -0.65 -29.39
N SER C 333 4.28 -1.45 -29.21
CA SER C 333 4.30 -2.82 -29.71
C SER C 333 4.91 -3.76 -28.65
N GLU C 334 4.96 -3.30 -27.40
CA GLU C 334 5.69 -4.00 -26.35
C GLU C 334 5.10 -5.39 -26.11
N HIS C 335 3.77 -5.53 -26.29
CA HIS C 335 3.10 -6.79 -26.07
C HIS C 335 3.22 -7.68 -27.30
N PHE C 336 3.24 -7.06 -28.49
CA PHE C 336 3.35 -7.79 -29.74
C PHE C 336 4.74 -8.41 -29.89
N ASP C 337 5.75 -7.67 -29.43
CA ASP C 337 7.15 -8.03 -29.62
C ASP C 337 7.56 -9.17 -28.69
N MET C 338 6.65 -9.58 -27.80
CA MET C 338 6.91 -10.63 -26.83
C MET C 338 6.45 -11.99 -27.37
N LEU C 339 5.88 -11.99 -28.58
CA LEU C 339 5.30 -13.19 -29.17
C LEU C 339 6.36 -13.95 -29.97
N ASP C 340 6.08 -15.24 -30.23
CA ASP C 340 6.89 -16.06 -31.11
C ASP C 340 6.70 -15.58 -32.55
N GLU C 341 7.73 -15.80 -33.37
CA GLU C 341 7.73 -15.32 -34.74
C GLU C 341 6.65 -16.00 -35.56
N GLU C 342 6.24 -17.21 -35.14
CA GLU C 342 5.24 -17.99 -35.85
C GLU C 342 3.90 -17.27 -35.84
N VAL C 343 3.57 -16.61 -34.72
CA VAL C 343 2.29 -15.94 -34.56
C VAL C 343 2.39 -14.48 -35.02
N GLN C 344 3.58 -13.89 -34.89
CA GLN C 344 3.83 -12.55 -35.40
C GLN C 344 3.62 -12.54 -36.92
N SER C 345 4.08 -13.61 -37.56
CA SER C 345 3.88 -13.84 -38.99
C SER C 345 2.40 -14.07 -39.28
N SER C 346 1.71 -14.71 -38.33
CA SER C 346 0.29 -15.00 -38.47
C SER C 346 -0.52 -13.69 -38.47
N PHE C 347 -0.08 -12.71 -37.67
CA PHE C 347 -0.71 -11.41 -37.62
C PHE C 347 -0.43 -10.64 -38.92
N GLU C 348 0.83 -10.70 -39.37
CA GLU C 348 1.27 -9.95 -40.54
C GLU C 348 0.56 -10.46 -41.80
N SER C 349 0.32 -11.78 -41.85
CA SER C 349 -0.31 -12.42 -43.00
C SER C 349 -1.77 -12.00 -43.10
N VAL C 350 -2.48 -12.04 -41.96
CA VAL C 350 -3.90 -11.71 -41.89
C VAL C 350 -4.09 -10.26 -42.33
N LEU C 351 -3.27 -9.36 -41.80
CA LEU C 351 -3.44 -7.93 -42.00
C LEU C 351 -3.04 -7.53 -43.42
N ALA C 352 -2.11 -8.30 -44.02
CA ALA C 352 -1.67 -8.06 -45.39
C ALA C 352 -2.80 -8.39 -46.37
N SER C 353 -3.68 -9.33 -45.99
CA SER C 353 -4.77 -9.77 -46.83
C SER C 353 -5.95 -8.81 -46.76
N LYS C 354 -5.79 -7.72 -45.98
CA LYS C 354 -6.85 -6.75 -45.79
C LYS C 354 -6.40 -5.40 -46.36
N SER C 355 -7.35 -4.68 -46.97
CA SER C 355 -7.02 -3.50 -47.77
C SER C 355 -7.51 -2.21 -47.10
N ASP C 356 -8.79 -2.18 -46.70
CA ASP C 356 -9.40 -0.99 -46.15
C ASP C 356 -9.53 -1.10 -44.64
N LYS C 357 -9.62 0.05 -43.98
CA LYS C 357 -9.76 0.15 -42.54
C LYS C 357 -11.08 -0.48 -42.10
N SER C 358 -12.06 -0.50 -43.03
CA SER C 358 -13.39 -1.02 -42.75
C SER C 358 -13.36 -2.54 -42.59
N GLU C 359 -12.24 -3.17 -42.98
CA GLU C 359 -12.07 -4.61 -42.85
C GLU C 359 -11.41 -4.94 -41.51
N ILE C 360 -10.93 -3.90 -40.82
CA ILE C 360 -10.20 -4.08 -39.58
C ILE C 360 -11.07 -3.66 -38.40
N PHE C 361 -11.62 -2.43 -38.47
CA PHE C 361 -12.52 -1.92 -37.44
C PHE C 361 -13.96 -2.00 -37.94
N SER C 362 -14.86 -2.42 -37.04
CA SER C 362 -16.29 -2.45 -37.35
C SER C 362 -16.88 -1.05 -37.21
N SER C 363 -18.10 -0.89 -37.77
CA SER C 363 -18.85 0.34 -37.70
C SER C 363 -20.01 0.17 -36.72
N LEU C 364 -20.44 1.28 -36.11
CA LEU C 364 -21.54 1.27 -35.16
C LEU C 364 -22.86 1.01 -35.88
N GLY C 365 -23.03 1.64 -37.05
CA GLY C 365 -24.19 1.42 -37.91
C GLY C 365 -25.47 1.94 -37.27
N ASP C 366 -26.59 1.30 -37.64
CA ASP C 366 -27.89 1.65 -37.08
C ASP C 366 -28.03 0.95 -35.72
N MET C 367 -27.98 1.75 -34.64
CA MET C 367 -28.14 1.21 -33.30
C MET C 367 -29.53 1.56 -32.78
N GLU C 368 -30.04 0.70 -31.90
CA GLU C 368 -31.32 0.94 -31.27
C GLU C 368 -31.23 0.56 -29.80
N ALA C 369 -32.05 1.21 -28.98
CA ALA C 369 -32.07 0.96 -27.55
C ALA C 369 -33.46 1.30 -27.01
N SER C 370 -33.68 0.93 -25.74
CA SER C 370 -34.93 1.22 -25.07
C SER C 370 -34.99 2.70 -24.69
N PRO C 371 -36.16 3.36 -24.81
CA PRO C 371 -36.36 4.70 -24.25
C PRO C 371 -36.16 4.77 -22.74
N LEU C 372 -36.02 3.61 -22.10
CA LEU C 372 -35.89 3.52 -20.65
C LEU C 372 -34.43 3.62 -20.22
N GLU C 373 -33.50 3.21 -21.10
CA GLU C 373 -32.20 2.76 -20.63
C GLU C 373 -31.06 3.68 -21.06
N VAL C 374 -29.93 3.54 -20.34
CA VAL C 374 -28.62 3.94 -20.80
C VAL C 374 -27.73 2.68 -20.74
N LYS C 375 -27.07 2.36 -21.85
CA LYS C 375 -26.14 1.25 -21.86
C LYS C 375 -24.76 1.75 -21.46
N ILE C 376 -24.00 0.89 -20.75
CA ILE C 376 -22.72 1.27 -20.18
C ILE C 376 -21.70 0.16 -20.46
N ALA C 377 -20.43 0.56 -20.60
CA ALA C 377 -19.32 -0.37 -20.78
C ALA C 377 -19.01 -1.08 -19.47
N PHE C 378 -18.41 -2.27 -19.59
CA PHE C 378 -17.92 -3.05 -18.47
C PHE C 378 -16.44 -3.36 -18.67
N ASN C 379 -15.70 -3.40 -17.58
CA ASN C 379 -14.39 -4.03 -17.54
C ASN C 379 -14.40 -5.03 -16.38
N SER C 380 -13.21 -5.52 -15.99
CA SER C 380 -13.10 -6.58 -15.00
C SER C 380 -13.56 -6.12 -13.62
N LYS C 381 -13.63 -4.79 -13.42
CA LYS C 381 -13.99 -4.22 -12.12
C LYS C 381 -15.46 -3.82 -12.09
N GLY C 382 -16.17 -4.00 -13.21
CA GLY C 382 -17.59 -3.66 -13.28
C GLY C 382 -17.88 -2.57 -14.30
N ILE C 383 -18.98 -1.82 -14.09
CA ILE C 383 -19.40 -0.79 -15.01
C ILE C 383 -18.39 0.35 -14.98
N ILE C 384 -18.23 1.02 -16.12
CA ILE C 384 -17.34 2.16 -16.25
C ILE C 384 -17.89 3.09 -17.33
N ASN C 385 -17.98 4.39 -17.00
CA ASN C 385 -18.67 5.35 -17.83
C ASN C 385 -17.74 5.90 -18.91
N GLN C 386 -16.83 5.03 -19.41
CA GLN C 386 -15.94 5.38 -20.51
C GLN C 386 -16.65 5.11 -21.85
N GLY C 387 -17.81 4.46 -21.75
CA GLY C 387 -18.69 4.24 -22.89
C GLY C 387 -20.14 4.24 -22.46
N LEU C 388 -20.96 5.04 -23.14
CA LEU C 388 -22.39 5.13 -22.85
C LEU C 388 -23.18 5.22 -24.15
N ILE C 389 -24.32 4.54 -24.20
CA ILE C 389 -25.25 4.61 -25.32
C ILE C 389 -26.64 4.94 -24.79
N SER C 390 -27.30 5.92 -25.40
CA SER C 390 -28.64 6.31 -25.00
C SER C 390 -29.36 7.03 -26.14
N VAL C 391 -30.67 6.78 -26.25
CA VAL C 391 -31.53 7.64 -27.04
C VAL C 391 -31.70 8.95 -26.28
N LYS C 392 -31.99 10.03 -27.03
CA LYS C 392 -32.25 11.33 -26.46
C LYS C 392 -33.32 11.19 -25.37
N ASP C 393 -33.03 11.79 -24.20
CA ASP C 393 -33.99 11.97 -23.13
C ASP C 393 -34.49 10.63 -22.60
N SER C 394 -33.63 9.60 -22.64
CA SER C 394 -33.97 8.30 -22.07
C SER C 394 -34.26 8.46 -20.58
N TYR C 395 -35.14 7.60 -20.06
CA TYR C 395 -35.58 7.70 -18.68
C TYR C 395 -34.39 7.61 -17.73
N CYS C 396 -33.44 6.73 -18.06
CA CYS C 396 -32.27 6.48 -17.22
C CYS C 396 -31.29 7.64 -17.25
N SER C 397 -31.16 8.29 -18.42
CA SER C 397 -30.28 9.45 -18.52
C SER C 397 -30.74 10.53 -17.54
N ASN C 398 -32.07 10.66 -17.42
CA ASN C 398 -32.68 11.58 -16.47
C ASN C 398 -32.40 11.13 -15.04
N LEU C 399 -32.45 9.81 -14.80
CA LEU C 399 -32.25 9.25 -13.47
C LEU C 399 -30.79 9.44 -13.04
N ILE C 400 -29.86 9.32 -14.00
CA ILE C 400 -28.44 9.46 -13.69
C ILE C 400 -28.13 10.92 -13.34
N VAL C 401 -28.64 11.85 -14.15
CA VAL C 401 -28.43 13.27 -13.93
C VAL C 401 -28.93 13.65 -12.53
N LYS C 402 -30.09 13.11 -12.15
CA LYS C 402 -30.71 13.42 -10.86
C LYS C 402 -29.94 12.79 -9.71
N GLN C 403 -29.37 11.60 -9.93
CA GLN C 403 -28.53 10.94 -8.93
C GLN C 403 -27.34 11.84 -8.60
N ILE C 404 -26.67 12.35 -9.64
CA ILE C 404 -25.48 13.16 -9.48
C ILE C 404 -25.85 14.47 -8.77
N GLU C 405 -26.96 15.09 -9.16
CA GLU C 405 -27.39 16.33 -8.54
C GLU C 405 -27.70 16.11 -7.06
N ASN C 406 -28.34 14.98 -6.74
CA ASN C 406 -28.73 14.70 -5.37
C ASN C 406 -27.50 14.40 -4.51
N ARG C 407 -26.51 13.70 -5.09
CA ARG C 407 -25.28 13.38 -4.39
C ARG C 407 -24.52 14.66 -4.05
N TYR C 408 -24.48 15.61 -4.99
CA TYR C 408 -23.83 16.89 -4.78
C TYR C 408 -24.60 17.73 -3.75
N LYS C 409 -25.92 17.59 -3.72
CA LYS C 409 -26.74 18.33 -2.77
C LYS C 409 -26.38 17.90 -1.35
N ILE C 410 -26.23 16.59 -1.14
CA ILE C 410 -25.82 16.04 0.14
C ILE C 410 -24.41 16.55 0.49
N LEU C 411 -23.49 16.51 -0.48
CA LEU C 411 -22.12 16.96 -0.30
C LEU C 411 -22.11 18.43 0.15
N ASN C 412 -22.76 19.28 -0.64
CA ASN C 412 -22.63 20.72 -0.53
C ASN C 412 -23.33 21.24 0.74
N ASN C 413 -24.36 20.51 1.20
CA ASN C 413 -25.10 20.86 2.40
C ASN C 413 -24.16 20.91 3.61
N SER C 414 -23.16 20.03 3.62
CA SER C 414 -22.19 19.96 4.71
C SER C 414 -20.90 20.67 4.33
N LEU C 415 -20.50 20.60 3.05
CA LEU C 415 -19.20 21.11 2.64
C LEU C 415 -19.15 22.63 2.66
N ASN C 416 -20.19 23.28 2.11
CA ASN C 416 -20.19 24.72 1.96
C ASN C 416 -20.05 25.41 3.31
N PRO C 417 -20.89 25.10 4.33
CA PRO C 417 -20.70 25.66 5.67
C PRO C 417 -19.30 25.43 6.22
N ALA C 418 -18.73 24.22 6.01
CA ALA C 418 -17.39 23.90 6.49
C ALA C 418 -16.36 24.85 5.91
N ILE C 419 -16.39 25.01 4.57
CA ILE C 419 -15.44 25.86 3.86
C ILE C 419 -15.60 27.31 4.30
N SER C 420 -16.85 27.73 4.52
CA SER C 420 -17.20 29.10 4.82
C SER C 420 -16.62 29.54 6.16
N GLU C 421 -16.29 28.57 7.03
CA GLU C 421 -15.69 28.90 8.32
C GLU C 421 -14.29 29.48 8.12
N ASP C 422 -13.70 29.23 6.96
CA ASP C 422 -12.48 29.88 6.49
C ASP C 422 -11.27 29.43 7.32
N ASN C 423 -11.30 28.19 7.82
CA ASN C 423 -10.15 27.62 8.51
C ASN C 423 -9.26 26.90 7.51
N ASP C 424 -8.13 26.35 8.00
CA ASP C 424 -7.15 25.68 7.17
C ASP C 424 -7.67 24.32 6.73
N PHE C 425 -6.83 23.55 6.00
CA PHE C 425 -7.27 22.31 5.39
C PHE C 425 -7.72 21.29 6.43
N ASN C 426 -6.90 21.09 7.47
CA ASN C 426 -7.18 20.05 8.45
C ASN C 426 -8.44 20.38 9.25
N THR C 427 -8.57 21.65 9.67
CA THR C 427 -9.72 22.08 10.44
C THR C 427 -11.00 21.97 9.62
N THR C 428 -10.95 22.41 8.35
CA THR C 428 -12.07 22.33 7.42
C THR C 428 -12.50 20.88 7.26
N THR C 429 -11.52 19.98 7.05
CA THR C 429 -11.75 18.55 6.93
C THR C 429 -12.54 18.03 8.13
N ASN C 430 -12.07 18.38 9.34
CA ASN C 430 -12.66 17.87 10.57
C ASN C 430 -14.10 18.35 10.70
N THR C 431 -14.32 19.65 10.44
CA THR C 431 -15.64 20.25 10.50
C THR C 431 -16.55 19.55 9.51
N PHE C 432 -16.05 19.36 8.29
CA PHE C 432 -16.82 18.77 7.19
C PHE C 432 -17.21 17.34 7.52
N ILE C 433 -16.25 16.54 7.97
CA ILE C 433 -16.51 15.13 8.26
C ILE C 433 -17.52 15.02 9.41
N ASP C 434 -17.33 15.82 10.47
CA ASP C 434 -18.25 15.79 11.60
C ASP C 434 -19.68 16.03 11.13
N SER C 435 -19.86 16.99 10.21
CA SER C 435 -21.16 17.33 9.66
C SER C 435 -21.73 16.18 8.85
N ILE C 436 -20.90 15.56 8.00
CA ILE C 436 -21.30 14.46 7.15
C ILE C 436 -21.74 13.27 8.00
N MET C 437 -21.00 13.01 9.08
CA MET C 437 -21.23 11.84 9.92
C MET C 437 -22.57 11.96 10.66
N ALA C 438 -22.96 13.19 10.98
CA ALA C 438 -24.22 13.45 11.66
C ALA C 438 -25.42 13.12 10.78
N GLU C 439 -25.19 13.03 9.46
CA GLU C 439 -26.26 12.78 8.50
C GLU C 439 -26.18 11.35 7.95
N ALA C 440 -25.22 10.57 8.45
CA ALA C 440 -25.07 9.19 8.02
C ALA C 440 -26.14 8.32 8.67
N ASN C 441 -26.59 7.32 7.91
CA ASN C 441 -27.50 6.29 8.40
C ASN C 441 -27.10 4.94 7.80
N ALA C 442 -27.96 3.93 7.99
CA ALA C 442 -27.70 2.58 7.52
C ALA C 442 -27.75 2.52 5.99
N ASP C 443 -28.49 3.47 5.39
CA ASP C 443 -28.78 3.48 3.97
C ASP C 443 -27.63 4.10 3.18
N ASN C 444 -26.89 5.04 3.78
CA ASN C 444 -25.97 5.88 3.03
C ASN C 444 -24.54 5.82 3.58
N GLY C 445 -24.29 4.86 4.49
CA GLY C 445 -23.09 4.82 5.32
C GLY C 445 -21.77 4.83 4.53
N ARG C 446 -21.62 3.90 3.58
CA ARG C 446 -20.37 3.81 2.85
C ARG C 446 -20.25 4.97 1.88
N PHE C 447 -21.38 5.47 1.36
CA PHE C 447 -21.35 6.64 0.49
C PHE C 447 -20.81 7.85 1.26
N MET C 448 -21.32 8.04 2.49
CA MET C 448 -20.96 9.18 3.31
C MET C 448 -19.48 9.10 3.71
N MET C 449 -19.00 7.87 3.91
CA MET C 449 -17.60 7.63 4.24
C MET C 449 -16.70 8.20 3.14
N GLU C 450 -17.05 7.93 1.88
CA GLU C 450 -16.27 8.39 0.74
C GLU C 450 -16.44 9.89 0.54
N LEU C 451 -17.66 10.40 0.79
CA LEU C 451 -17.93 11.82 0.66
C LEU C 451 -16.99 12.62 1.55
N GLY C 452 -16.68 12.08 2.73
CA GLY C 452 -15.87 12.75 3.74
C GLY C 452 -14.43 12.98 3.27
N LYS C 453 -14.06 12.34 2.15
CA LYS C 453 -12.72 12.47 1.59
C LYS C 453 -12.70 13.45 0.42
N TYR C 454 -13.83 14.15 0.18
CA TYR C 454 -13.99 14.96 -1.03
C TYR C 454 -12.80 15.90 -1.26
N LEU C 455 -12.35 16.63 -0.22
CA LEU C 455 -11.33 17.64 -0.40
C LEU C 455 -9.98 17.00 -0.75
N ARG C 456 -9.84 15.69 -0.52
CA ARG C 456 -8.59 14.99 -0.76
C ARG C 456 -8.50 14.50 -2.21
N VAL C 457 -9.60 14.60 -2.96
CA VAL C 457 -9.67 14.00 -4.28
C VAL C 457 -8.50 14.47 -5.13
N GLY C 458 -7.73 13.49 -5.63
CA GLY C 458 -6.64 13.74 -6.57
C GLY C 458 -5.31 14.06 -5.91
N PHE C 459 -5.28 14.20 -4.58
CA PHE C 459 -4.10 14.69 -3.89
C PHE C 459 -3.57 13.71 -2.85
N PHE C 460 -4.34 12.64 -2.58
CA PHE C 460 -4.00 11.65 -1.57
C PHE C 460 -4.35 10.25 -2.08
N PRO C 461 -3.68 9.19 -1.61
CA PRO C 461 -4.08 7.81 -1.94
C PRO C 461 -5.40 7.43 -1.30
N ASP C 462 -6.07 6.42 -1.89
CA ASP C 462 -7.24 5.76 -1.32
C ASP C 462 -8.43 6.72 -1.24
N VAL C 463 -8.66 7.50 -2.30
CA VAL C 463 -9.83 8.37 -2.36
C VAL C 463 -10.68 7.94 -3.56
N LYS C 464 -11.94 7.58 -3.27
CA LYS C 464 -12.85 7.08 -4.29
C LYS C 464 -14.10 7.94 -4.38
N THR C 465 -14.01 9.20 -3.90
CA THR C 465 -15.17 10.09 -3.83
C THR C 465 -15.80 10.29 -5.21
N THR C 466 -14.97 10.50 -6.23
CA THR C 466 -15.46 10.85 -7.57
C THR C 466 -16.41 9.78 -8.10
N ILE C 467 -16.00 8.51 -8.00
CA ILE C 467 -16.80 7.38 -8.46
C ILE C 467 -18.15 7.38 -7.74
N ASN C 468 -18.15 7.86 -6.49
CA ASN C 468 -19.33 7.82 -5.63
C ASN C 468 -20.25 9.01 -5.90
N LEU C 469 -19.72 10.03 -6.56
CA LEU C 469 -20.38 11.32 -6.69
C LEU C 469 -20.91 11.48 -8.12
N SER C 470 -20.04 11.30 -9.11
CA SER C 470 -20.38 11.60 -10.48
C SER C 470 -20.04 10.44 -11.40
N GLY C 471 -19.47 9.36 -10.83
CA GLY C 471 -18.98 8.23 -11.59
C GLY C 471 -19.88 7.00 -11.47
N PRO C 472 -19.32 5.78 -11.71
CA PRO C 472 -20.10 4.54 -11.76
C PRO C 472 -21.18 4.30 -10.69
N GLU C 473 -20.93 4.72 -9.45
CA GLU C 473 -21.87 4.47 -8.37
C GLU C 473 -23.20 5.17 -8.63
N ALA C 474 -23.12 6.39 -9.21
CA ALA C 474 -24.31 7.15 -9.57
C ALA C 474 -25.11 6.42 -10.64
N TYR C 475 -24.40 5.72 -11.53
CA TYR C 475 -25.02 4.96 -12.61
C TYR C 475 -25.73 3.73 -12.03
N ALA C 476 -25.01 2.96 -11.20
CA ALA C 476 -25.57 1.81 -10.51
C ALA C 476 -26.83 2.23 -9.74
N ALA C 477 -26.76 3.39 -9.09
CA ALA C 477 -27.86 3.90 -8.29
C ALA C 477 -29.06 4.23 -9.17
N ALA C 478 -28.81 4.80 -10.36
CA ALA C 478 -29.87 5.11 -11.30
C ALA C 478 -30.55 3.84 -11.81
N TYR C 479 -29.74 2.81 -12.10
CA TYR C 479 -30.28 1.53 -12.55
C TYR C 479 -31.13 0.91 -11.44
N GLN C 480 -30.69 1.06 -10.18
CA GLN C 480 -31.46 0.59 -9.04
C GLN C 480 -32.76 1.37 -8.94
N ASP C 481 -32.68 2.68 -9.17
CA ASP C 481 -33.83 3.56 -9.18
C ASP C 481 -34.86 3.06 -10.19
N LEU C 482 -34.40 2.67 -11.38
CA LEU C 482 -35.28 2.20 -12.43
C LEU C 482 -35.94 0.89 -12.02
N LEU C 483 -35.14 -0.06 -11.52
CA LEU C 483 -35.61 -1.41 -11.24
C LEU C 483 -36.39 -1.45 -9.93
N MET C 484 -36.23 -0.45 -9.07
CA MET C 484 -36.91 -0.44 -7.78
C MET C 484 -38.03 0.59 -7.78
N PHE C 485 -38.30 1.19 -8.95
CA PHE C 485 -39.42 2.10 -9.15
C PHE C 485 -39.37 3.27 -8.16
N LYS C 486 -38.19 3.84 -7.99
CA LYS C 486 -38.00 4.93 -7.04
C LYS C 486 -36.96 5.91 -7.60
N GLU C 487 -36.63 6.91 -6.79
CA GLU C 487 -35.55 7.85 -7.08
C GLU C 487 -34.76 8.09 -5.79
N GLY C 488 -33.44 8.18 -5.91
CA GLY C 488 -32.60 8.57 -4.81
C GLY C 488 -32.01 7.39 -4.04
N SER C 489 -31.85 6.24 -4.72
CA SER C 489 -31.14 5.09 -4.17
C SER C 489 -29.75 5.51 -3.72
N MET C 490 -29.36 5.05 -2.53
CA MET C 490 -28.07 5.37 -1.91
C MET C 490 -27.34 4.08 -1.56
N ASN C 491 -28.13 3.03 -1.27
CA ASN C 491 -27.64 1.74 -0.82
C ASN C 491 -27.76 0.75 -1.98
N ILE C 492 -26.65 0.54 -2.69
CA ILE C 492 -26.65 -0.27 -3.90
C ILE C 492 -26.62 -1.74 -3.52
N HIS C 493 -27.69 -2.46 -3.86
CA HIS C 493 -27.76 -3.90 -3.61
C HIS C 493 -27.71 -4.68 -4.92
N LEU C 494 -27.71 -3.97 -6.07
CA LEU C 494 -27.58 -4.61 -7.37
C LEU C 494 -26.19 -5.23 -7.48
N ILE C 495 -26.12 -6.39 -8.14
CA ILE C 495 -24.86 -7.08 -8.40
C ILE C 495 -24.64 -7.11 -9.91
N GLU C 496 -23.51 -7.71 -10.33
CA GLU C 496 -23.07 -7.68 -11.73
C GLU C 496 -24.18 -8.17 -12.66
N ALA C 497 -24.80 -9.31 -12.31
CA ALA C 497 -25.81 -9.93 -13.15
C ALA C 497 -26.96 -8.95 -13.40
N ASP C 498 -27.30 -8.14 -12.40
CA ASP C 498 -28.33 -7.15 -12.53
C ASP C 498 -27.90 -6.07 -13.54
N LEU C 499 -26.65 -5.63 -13.43
CA LEU C 499 -26.14 -4.51 -14.20
C LEU C 499 -25.86 -4.92 -15.65
N ARG C 500 -25.58 -6.21 -15.86
CA ARG C 500 -25.27 -6.75 -17.18
C ARG C 500 -26.46 -6.58 -18.12
N ASN C 501 -27.65 -6.29 -17.56
CA ASN C 501 -28.84 -6.00 -18.35
C ASN C 501 -28.66 -4.72 -19.16
N PHE C 502 -27.64 -3.91 -18.81
CA PHE C 502 -27.47 -2.61 -19.43
C PHE C 502 -26.13 -2.49 -20.13
N GLU C 503 -25.48 -3.63 -20.40
CA GLU C 503 -24.12 -3.63 -20.93
C GLU C 503 -24.11 -3.22 -22.40
N ILE C 504 -23.02 -2.54 -22.79
CA ILE C 504 -22.69 -2.31 -24.19
C ILE C 504 -22.00 -3.57 -24.71
N SER C 505 -22.45 -4.05 -25.88
CA SER C 505 -21.84 -5.19 -26.54
C SER C 505 -20.34 -4.96 -26.71
N LYS C 506 -19.56 -6.04 -26.52
CA LYS C 506 -18.11 -6.00 -26.61
C LYS C 506 -17.66 -5.68 -28.04
N THR C 507 -18.56 -5.88 -29.01
CA THR C 507 -18.23 -5.69 -30.41
C THR C 507 -18.14 -4.20 -30.76
N ASN C 508 -18.60 -3.33 -29.86
CA ASN C 508 -18.81 -1.93 -30.17
C ASN C 508 -17.66 -1.04 -29.68
N ILE C 509 -16.77 -1.58 -28.81
CA ILE C 509 -15.65 -0.80 -28.30
C ILE C 509 -14.44 -1.71 -28.14
N SER C 510 -13.26 -1.19 -28.54
CA SER C 510 -11.99 -1.74 -28.10
C SER C 510 -11.50 -0.96 -26.90
N GLN C 511 -11.53 -1.60 -25.72
CA GLN C 511 -11.21 -0.94 -24.46
C GLN C 511 -9.73 -1.13 -24.10
N SER C 512 -9.11 -2.19 -24.62
CA SER C 512 -7.76 -2.55 -24.20
C SER C 512 -6.71 -1.81 -25.02
N THR C 513 -6.80 -0.47 -25.03
CA THR C 513 -5.91 0.36 -25.82
C THR C 513 -4.69 0.76 -24.98
N GLU C 514 -3.66 1.25 -25.67
CA GLU C 514 -2.44 1.69 -25.02
C GLU C 514 -2.75 2.79 -23.99
N GLN C 515 -3.60 3.74 -24.37
CA GLN C 515 -3.89 4.90 -23.53
C GLN C 515 -4.74 4.49 -22.32
N GLU C 516 -5.65 3.53 -22.53
CA GLU C 516 -6.53 3.07 -21.46
C GLU C 516 -5.74 2.23 -20.44
N MET C 517 -4.97 1.26 -20.94
CA MET C 517 -4.25 0.32 -20.10
C MET C 517 -3.20 1.05 -19.26
N ALA C 518 -2.82 2.26 -19.68
CA ALA C 518 -1.90 3.10 -18.95
C ALA C 518 -2.64 3.94 -17.90
N SER C 519 -3.96 4.06 -18.05
CA SER C 519 -4.77 4.89 -17.19
C SER C 519 -5.52 4.07 -16.15
N LEU C 520 -5.20 2.77 -16.09
CA LEU C 520 -5.77 1.87 -15.09
C LEU C 520 -4.92 1.89 -13.82
N TRP C 521 -3.89 2.75 -13.82
CA TRP C 521 -3.14 3.08 -12.61
C TRP C 521 -4.12 3.47 -11.50
N SER C 522 -3.99 2.83 -10.34
CA SER C 522 -4.84 3.13 -9.20
C SER C 522 -4.01 3.81 -8.11
N PHE C 523 -4.49 4.96 -7.63
CA PHE C 523 -3.69 5.75 -6.70
C PHE C 523 -3.86 5.23 -5.27
N ASP C 524 -3.18 4.12 -4.97
CA ASP C 524 -3.23 3.51 -3.65
C ASP C 524 -1.97 3.90 -2.87
N ASP C 525 -1.85 3.36 -1.65
CA ASP C 525 -0.78 3.73 -0.74
C ASP C 525 0.60 3.42 -1.33
N ALA C 526 0.70 2.29 -2.02
CA ALA C 526 1.96 1.86 -2.64
C ALA C 526 2.39 2.84 -3.72
N ARG C 527 1.42 3.28 -4.54
CA ARG C 527 1.67 4.21 -5.62
C ARG C 527 2.06 5.58 -5.05
N ALA C 528 1.40 5.98 -3.97
CA ALA C 528 1.67 7.26 -3.33
C ALA C 528 3.08 7.28 -2.76
N LYS C 529 3.50 6.17 -2.15
CA LYS C 529 4.83 6.03 -1.58
C LYS C 529 5.87 6.15 -2.68
N ALA C 530 5.63 5.45 -3.80
CA ALA C 530 6.55 5.46 -4.93
C ALA C 530 6.65 6.88 -5.52
N GLN C 531 5.51 7.58 -5.60
CA GLN C 531 5.48 8.93 -6.13
C GLN C 531 6.31 9.87 -5.25
N PHE C 532 6.10 9.79 -3.93
CA PHE C 532 6.87 10.57 -2.97
C PHE C 532 8.36 10.33 -3.17
N GLU C 533 8.73 9.05 -3.34
CA GLU C 533 10.12 8.64 -3.47
C GLU C 533 10.71 9.19 -4.77
N GLU C 534 9.91 9.19 -5.85
CA GLU C 534 10.37 9.71 -7.13
C GLU C 534 10.57 11.23 -7.03
N TYR C 535 9.62 11.91 -6.39
CA TYR C 535 9.70 13.35 -6.18
C TYR C 535 10.97 13.72 -5.42
N LYS C 536 11.27 12.98 -4.35
CA LYS C 536 12.45 13.22 -3.52
C LYS C 536 13.73 13.07 -4.35
N ARG C 537 13.81 11.99 -5.14
CA ARG C 537 14.98 11.70 -5.96
C ARG C 537 15.23 12.85 -6.93
N ASN C 538 14.19 13.30 -7.63
CA ASN C 538 14.30 14.38 -8.59
C ASN C 538 14.74 15.67 -7.90
N TYR C 539 14.12 15.94 -6.74
CA TYR C 539 14.27 17.22 -6.05
C TYR C 539 15.68 17.36 -5.46
N PHE C 540 16.22 16.27 -4.92
CA PHE C 540 17.47 16.36 -4.18
C PHE C 540 18.65 15.97 -5.05
N GLU C 541 18.41 15.73 -6.34
CA GLU C 541 19.50 15.48 -7.27
C GLU C 541 20.40 16.70 -7.27
N GLY C 542 21.68 16.31 -7.23
CA GLY C 542 22.72 17.12 -6.66
C GLY C 542 22.82 16.85 -5.17
N SER C 543 22.47 17.86 -4.36
CA SER C 543 22.39 17.76 -2.91
C SER C 543 23.71 17.23 -2.32
N SER D 1 17.96 14.92 -14.08
CA SER D 1 18.25 16.37 -14.14
C SER D 1 17.63 16.98 -15.40
N ASN D 2 17.35 18.29 -15.34
CA ASN D 2 16.75 19.03 -16.43
C ASN D 2 17.84 19.65 -17.30
N SER D 3 17.96 19.14 -18.53
CA SER D 3 19.02 19.53 -19.45
C SER D 3 18.72 20.90 -20.08
N GLN D 4 17.46 21.34 -20.03
CA GLN D 4 17.11 22.60 -20.66
C GLN D 4 17.13 23.75 -19.66
N VAL D 5 17.72 23.50 -18.48
CA VAL D 5 17.95 24.55 -17.49
C VAL D 5 19.45 24.64 -17.25
N GLN D 6 20.00 25.85 -17.44
CA GLN D 6 21.41 26.14 -17.21
C GLN D 6 21.55 27.24 -16.17
N LEU D 7 22.61 27.15 -15.35
CA LEU D 7 22.87 28.09 -14.28
C LEU D 7 24.30 28.61 -14.42
N VAL D 8 24.49 29.92 -14.30
CA VAL D 8 25.82 30.52 -14.36
C VAL D 8 26.02 31.42 -13.14
N GLU D 9 26.86 30.96 -12.21
CA GLU D 9 27.21 31.73 -11.01
C GLU D 9 28.38 32.66 -11.33
N SER D 10 28.45 33.79 -10.60
CA SER D 10 29.55 34.74 -10.71
C SER D 10 29.73 35.51 -9.41
N GLY D 11 30.85 36.24 -9.31
CA GLY D 11 31.08 37.17 -8.21
C GLY D 11 32.13 36.71 -7.20
N GLY D 12 32.64 35.49 -7.40
CA GLY D 12 33.63 34.94 -6.50
C GLY D 12 34.96 35.70 -6.55
N GLY D 13 35.88 35.34 -5.64
CA GLY D 13 37.22 35.92 -5.63
C GLY D 13 37.86 35.87 -4.24
N LEU D 14 38.90 36.68 -4.04
CA LEU D 14 39.60 36.77 -2.77
C LEU D 14 39.05 37.95 -1.99
N VAL D 15 38.75 37.72 -0.71
CA VAL D 15 38.20 38.75 0.17
C VAL D 15 38.84 38.61 1.55
N GLU D 16 38.96 39.74 2.26
CA GLU D 16 39.56 39.79 3.58
C GLU D 16 38.55 39.33 4.62
N ALA D 17 39.06 38.77 5.74
CA ALA D 17 38.23 38.39 6.86
C ALA D 17 37.44 39.60 7.36
N GLY D 18 36.13 39.38 7.59
CA GLY D 18 35.23 40.42 8.06
C GLY D 18 34.61 41.21 6.91
N GLY D 19 35.03 40.91 5.67
CA GLY D 19 34.55 41.63 4.50
C GLY D 19 33.20 41.09 4.00
N SER D 20 32.71 41.71 2.92
CA SER D 20 31.46 41.36 2.28
C SER D 20 31.73 40.90 0.85
N LEU D 21 30.86 40.02 0.34
CA LEU D 21 30.90 39.57 -1.04
C LEU D 21 29.49 39.15 -1.46
N ARG D 22 29.12 39.50 -2.71
CA ARG D 22 27.83 39.14 -3.24
C ARG D 22 28.01 38.23 -4.46
N LEU D 23 27.40 37.04 -4.39
CA LEU D 23 27.38 36.13 -5.54
C LEU D 23 26.07 36.30 -6.28
N SER D 24 26.11 36.10 -7.61
CA SER D 24 24.94 36.12 -8.46
C SER D 24 24.84 34.81 -9.22
N CYS D 25 23.61 34.46 -9.66
CA CYS D 25 23.39 33.34 -10.54
C CYS D 25 22.24 33.65 -11.49
N VAL D 26 22.47 33.45 -12.79
CA VAL D 26 21.43 33.62 -13.79
C VAL D 26 21.00 32.24 -14.27
N VAL D 27 19.68 32.06 -14.40
CA VAL D 27 19.08 30.79 -14.74
C VAL D 27 18.32 30.92 -16.05
N THR D 28 18.44 29.87 -16.86
CA THR D 28 17.78 29.68 -18.14
C THR D 28 16.53 28.82 -17.94
N GLY D 29 15.60 28.84 -18.90
CA GLY D 29 14.49 27.90 -18.88
C GLY D 29 13.23 28.49 -18.23
N SER D 30 12.21 27.64 -18.02
CA SER D 30 10.88 28.13 -17.75
C SER D 30 10.32 27.62 -16.42
N SER D 31 11.17 27.02 -15.57
CA SER D 31 10.69 26.37 -14.36
C SER D 31 11.02 27.18 -13.10
N PHE D 32 11.72 28.31 -13.25
CA PHE D 32 12.27 29.07 -12.14
C PHE D 32 11.22 29.39 -11.08
N SER D 33 10.04 29.86 -11.53
CA SER D 33 9.07 30.44 -10.62
C SER D 33 8.27 29.38 -9.85
N THR D 34 8.43 28.10 -10.19
CA THR D 34 7.78 27.03 -9.47
C THR D 34 8.79 26.09 -8.82
N SER D 35 10.07 26.51 -8.80
CA SER D 35 11.17 25.71 -8.29
C SER D 35 11.73 26.33 -7.01
N THR D 36 12.44 25.52 -6.21
CA THR D 36 13.25 26.09 -5.14
C THR D 36 14.68 26.31 -5.64
N MET D 37 15.22 27.48 -5.31
CA MET D 37 16.61 27.81 -5.59
C MET D 37 17.42 27.57 -4.32
N ALA D 38 18.65 27.06 -4.47
CA ALA D 38 19.52 26.78 -3.34
C ALA D 38 20.97 27.12 -3.67
N TRP D 39 21.71 27.54 -2.64
CA TRP D 39 23.16 27.69 -2.70
C TRP D 39 23.82 26.60 -1.85
N TYR D 40 24.95 26.10 -2.36
CA TYR D 40 25.78 25.11 -1.69
C TYR D 40 27.23 25.61 -1.73
N ARG D 41 28.12 24.93 -1.00
CA ARG D 41 29.54 25.21 -1.08
C ARG D 41 30.33 23.93 -0.82
N GLN D 42 31.47 23.81 -1.50
CA GLN D 42 32.39 22.71 -1.30
C GLN D 42 33.72 23.28 -0.80
N PRO D 43 33.98 23.23 0.52
CA PRO D 43 35.24 23.72 1.07
C PRO D 43 36.37 22.75 0.71
N PRO D 44 37.63 23.22 0.63
CA PRO D 44 38.74 22.34 0.23
C PRO D 44 38.90 21.17 1.20
N GLY D 45 38.96 19.96 0.64
CA GLY D 45 39.20 18.74 1.41
C GLY D 45 37.92 18.13 1.98
N LYS D 46 36.82 18.91 2.00
CA LYS D 46 35.56 18.47 2.57
C LYS D 46 34.53 18.28 1.46
N GLN D 47 33.46 17.55 1.78
CA GLN D 47 32.36 17.30 0.85
C GLN D 47 31.49 18.55 0.74
N ARG D 48 30.70 18.62 -0.32
N ARG D 48 30.72 18.63 -0.34
CA ARG D 48 29.80 19.73 -0.60
CA ARG D 48 29.79 19.72 -0.60
C ARG D 48 28.72 19.80 0.48
C ARG D 48 28.77 19.79 0.53
N GLU D 49 28.40 21.02 0.92
CA GLU D 49 27.42 21.23 1.97
C GLU D 49 26.42 22.31 1.56
N TRP D 50 25.19 22.21 2.10
CA TRP D 50 24.10 23.11 1.79
C TRP D 50 24.26 24.43 2.55
N VAL D 51 23.90 25.55 1.91
CA VAL D 51 24.13 26.86 2.50
C VAL D 51 22.80 27.58 2.77
N ALA D 52 21.95 27.68 1.75
CA ALA D 52 20.72 28.46 1.82
C ALA D 52 19.74 28.00 0.75
N SER D 53 18.45 28.26 0.97
CA SER D 53 17.42 27.97 -0.02
C SER D 53 16.31 29.02 0.05
N PHE D 54 15.65 29.24 -1.08
CA PHE D 54 14.55 30.19 -1.21
C PHE D 54 13.49 29.56 -2.11
N THR D 55 12.37 29.17 -1.50
CA THR D 55 11.36 28.39 -2.19
C THR D 55 10.54 29.30 -3.11
N SER D 56 9.83 28.67 -4.06
CA SER D 56 8.95 29.43 -4.93
C SER D 56 7.77 29.99 -4.14
N GLY D 57 7.46 29.36 -3.01
CA GLY D 57 6.43 29.85 -2.08
C GLY D 57 6.90 31.01 -1.21
N GLY D 58 8.22 31.28 -1.19
CA GLY D 58 8.73 32.51 -0.57
C GLY D 58 9.45 32.30 0.76
N ALA D 59 9.77 31.05 1.11
CA ALA D 59 10.44 30.74 2.36
C ALA D 59 11.96 30.75 2.18
N ILE D 60 12.68 31.35 3.13
CA ILE D 60 14.14 31.36 3.12
C ILE D 60 14.67 30.53 4.29
N LYS D 61 15.68 29.70 4.02
CA LYS D 61 16.34 28.92 5.05
C LYS D 61 17.86 29.02 4.90
N TYR D 62 18.58 28.88 6.02
CA TYR D 62 20.04 28.96 6.04
C TYR D 62 20.59 27.83 6.91
N THR D 63 21.79 27.36 6.55
CA THR D 63 22.56 26.47 7.42
C THR D 63 23.00 27.28 8.64
N ASP D 64 23.15 26.60 9.78
CA ASP D 64 23.40 27.24 11.08
C ASP D 64 24.62 28.17 11.03
N SER D 65 25.72 27.69 10.44
CA SER D 65 27.00 28.38 10.49
C SER D 65 26.97 29.71 9.74
N VAL D 66 25.83 30.01 9.10
CA VAL D 66 25.73 31.10 8.14
C VAL D 66 24.57 32.02 8.52
N LYS D 67 23.67 31.53 9.40
CA LYS D 67 22.50 32.27 9.85
C LYS D 67 22.92 33.60 10.44
N GLY D 68 22.30 34.68 9.97
CA GLY D 68 22.53 36.02 10.49
C GLY D 68 23.66 36.75 9.78
N ARG D 69 24.36 36.05 8.88
CA ARG D 69 25.49 36.63 8.16
C ARG D 69 25.19 36.71 6.65
N PHE D 70 24.56 35.65 6.13
CA PHE D 70 24.24 35.58 4.70
C PHE D 70 22.79 35.99 4.48
N THR D 71 22.53 36.56 3.30
CA THR D 71 21.18 36.89 2.85
C THR D 71 20.99 36.41 1.42
N MET D 72 20.05 35.47 1.24
CA MET D 72 19.70 34.98 -0.09
C MET D 72 18.46 35.71 -0.60
N SER D 73 18.46 36.02 -1.90
CA SER D 73 17.29 36.60 -2.55
C SER D 73 17.07 35.95 -3.91
N ARG D 74 15.86 36.15 -4.46
CA ARG D 74 15.51 35.61 -5.77
C ARG D 74 14.57 36.57 -6.49
N ASP D 75 14.66 36.58 -7.82
CA ASP D 75 13.89 37.48 -8.68
C ASP D 75 13.33 36.66 -9.83
N ASN D 76 12.01 36.41 -9.79
CA ASN D 76 11.34 35.53 -10.74
C ASN D 76 11.40 36.12 -12.15
N ALA D 77 11.29 37.45 -12.25
CA ALA D 77 11.26 38.13 -13.54
C ALA D 77 12.61 38.01 -14.25
N LYS D 78 13.69 38.22 -13.50
CA LYS D 78 15.05 38.18 -14.02
C LYS D 78 15.59 36.76 -14.04
N LYS D 79 14.92 35.84 -13.32
CA LYS D 79 15.36 34.46 -13.15
C LYS D 79 16.77 34.45 -12.57
N MET D 80 16.95 35.19 -11.48
CA MET D 80 18.25 35.30 -10.84
C MET D 80 18.10 35.13 -9.34
N THR D 81 19.17 34.62 -8.73
CA THR D 81 19.29 34.49 -7.29
C THR D 81 20.64 35.09 -6.87
N TYR D 82 20.67 35.61 -5.64
CA TYR D 82 21.84 36.27 -5.09
C TYR D 82 22.12 35.72 -3.69
N LEU D 83 23.41 35.59 -3.36
CA LEU D 83 23.82 35.32 -2.00
C LEU D 83 24.73 36.45 -1.52
N GLN D 84 24.19 37.29 -0.64
CA GLN D 84 24.95 38.34 0.02
C GLN D 84 25.63 37.74 1.25
N MET D 85 26.96 37.82 1.27
CA MET D 85 27.75 37.29 2.37
C MET D 85 28.39 38.45 3.12
N GLU D 86 28.21 38.46 4.45
CA GLU D 86 28.75 39.50 5.31
C GLU D 86 29.54 38.86 6.45
N ASN D 87 30.43 39.65 7.04
CA ASN D 87 31.29 39.21 8.13
C ASN D 87 31.91 37.86 7.78
N LEU D 88 32.60 37.82 6.63
CA LEU D 88 33.16 36.59 6.10
C LEU D 88 34.29 36.10 6.98
N LYS D 89 34.36 34.77 7.14
CA LYS D 89 35.34 34.10 7.98
C LYS D 89 36.14 33.14 7.11
N PRO D 90 37.40 32.80 7.50
CA PRO D 90 38.22 31.87 6.72
C PRO D 90 37.56 30.53 6.41
N GLU D 91 36.64 30.10 7.28
CA GLU D 91 35.95 28.83 7.14
C GLU D 91 34.90 28.91 6.02
N ASP D 92 34.68 30.12 5.48
CA ASP D 92 33.73 30.33 4.41
C ASP D 92 34.39 30.09 3.05
N THR D 93 35.71 29.85 3.04
CA THR D 93 36.44 29.57 1.81
C THR D 93 35.91 28.28 1.19
N ALA D 94 35.50 28.35 -0.08
CA ALA D 94 34.90 27.22 -0.77
C ALA D 94 34.56 27.61 -2.19
N VAL D 95 34.23 26.60 -3.02
CA VAL D 95 33.55 26.84 -4.28
C VAL D 95 32.04 26.82 -3.98
N TYR D 96 31.37 27.93 -4.32
CA TYR D 96 29.94 28.08 -4.11
C TYR D 96 29.20 27.76 -5.41
N TYR D 97 28.17 26.90 -5.29
N TYR D 97 28.18 26.90 -5.32
CA TYR D 97 27.37 26.48 -6.43
CA TYR D 97 27.39 26.56 -6.49
C TYR D 97 25.89 26.82 -6.17
C TYR D 97 25.90 26.70 -6.20
N CYS D 98 25.16 27.09 -7.25
CA CYS D 98 23.72 27.32 -7.18
C CYS D 98 23.00 26.15 -7.84
N ALA D 99 21.81 25.82 -7.33
CA ALA D 99 20.99 24.75 -7.90
C ALA D 99 19.54 25.18 -7.98
N LEU D 100 18.87 24.76 -9.06
CA LEU D 100 17.42 24.80 -9.14
C LEU D 100 16.91 23.40 -8.83
N HIS D 101 15.99 23.30 -7.86
CA HIS D 101 15.42 22.03 -7.46
C HIS D 101 13.94 21.97 -7.85
N ASN D 102 13.59 20.92 -8.61
CA ASN D 102 12.23 20.71 -9.06
C ASN D 102 11.95 19.22 -9.09
N ALA D 103 10.96 18.80 -8.29
CA ALA D 103 10.59 17.40 -8.16
C ALA D 103 9.90 16.89 -9.42
N VAL D 104 9.36 17.80 -10.24
CA VAL D 104 8.57 17.39 -11.39
C VAL D 104 9.43 17.41 -12.65
N SER D 105 10.06 18.57 -12.94
CA SER D 105 10.79 18.74 -14.19
C SER D 105 12.28 18.47 -14.00
N GLY D 106 12.71 18.24 -12.76
CA GLY D 106 14.09 17.88 -12.46
C GLY D 106 14.94 19.06 -11.99
N SER D 107 16.11 18.75 -11.44
CA SER D 107 17.03 19.72 -10.86
C SER D 107 18.20 20.00 -11.82
N SER D 108 18.81 21.18 -11.67
CA SER D 108 20.02 21.52 -12.41
C SER D 108 20.96 22.32 -11.49
N TRP D 109 22.27 22.17 -11.70
N TRP D 109 22.27 22.15 -11.73
CA TRP D 109 23.24 22.89 -10.89
CA TRP D 109 23.35 22.73 -10.95
C TRP D 109 24.25 23.59 -11.79
C TRP D 109 24.20 23.64 -11.84
N GLY D 110 24.84 24.66 -11.27
CA GLY D 110 25.85 25.42 -11.98
C GLY D 110 27.24 24.83 -11.74
N ARG D 111 28.26 25.42 -12.36
CA ARG D 111 29.62 24.93 -12.21
C ARG D 111 30.33 25.61 -11.04
N GLY D 112 29.73 26.69 -10.51
CA GLY D 112 30.20 27.28 -9.27
C GLY D 112 31.15 28.45 -9.47
N THR D 113 31.45 29.14 -8.36
CA THR D 113 32.35 30.28 -8.31
C THR D 113 33.13 30.22 -6.99
N GLN D 114 34.46 30.35 -7.07
CA GLN D 114 35.35 30.18 -5.93
C GLN D 114 35.35 31.43 -5.06
N VAL D 115 35.35 31.22 -3.74
CA VAL D 115 35.46 32.29 -2.77
C VAL D 115 36.58 31.92 -1.80
N THR D 116 37.57 32.81 -1.67
CA THR D 116 38.64 32.64 -0.70
C THR D 116 38.63 33.80 0.28
N VAL D 117 38.60 33.47 1.57
CA VAL D 117 38.65 34.45 2.64
C VAL D 117 40.01 34.34 3.33
N SER D 118 40.75 35.47 3.36
CA SER D 118 42.06 35.58 3.97
C SER D 118 41.96 35.54 5.50
N SER D 119 42.97 34.98 6.15
CA SER D 119 43.05 34.98 7.61
C SER D 119 43.39 36.37 8.14
N GLU D 120 43.11 36.57 9.43
CA GLU D 120 43.46 37.77 10.18
C GLU D 120 42.85 39.01 9.50
#